data_4E7D
#
_entry.id   4E7D
#
_cell.length_a   80.260
_cell.length_b   100.360
_cell.length_c   210.640
_cell.angle_alpha   90.00
_cell.angle_beta   90.00
_cell.angle_gamma   90.00
#
_symmetry.space_group_name_H-M   'P 21 21 21'
#
loop_
_entity.id
_entity.type
_entity.pdbx_description
1 polymer 'UDP-N-acetylglucosamine 1-carboxyvinyltransferase'
2 non-polymer 1,2-ETHANEDIOL
3 non-polymer "URIDINE-5'-DIPHOSPHATE"
4 non-polymer 'ACETATE ION'
5 water water
#
_entity_poly.entity_id   1
_entity_poly.type   'polypeptide(L)'
_entity_poly.pdbx_seq_one_letter_code
;MDKFRVQGPTRLQGEVTISGAKNAALPILFAALLAEEPVEIQNVPKLKDIDTTMKLLTQLGTKVER(IAS)GSVWIDASN
VNNFSAPYDLVKTMRASIWALGPLVARFGQGQVSLPGGCAIGARPVDLHIFGLEKLGAEIKLEEGYVKASVNGRLKGAHI
VMDKVSVGATVTIMSAATLAEGTTIIENAAREPEIVDTANFLVALGAKISGQGTDRITIEGVERLGGGVYRVLPDRIETG
TFLVAAAISGGKIVCRNAQPDTLDAVLAKLREAGADIETGEDWISLDMHGKRPKAVTVRTAPHPAFPTDMQAQFTLLNLV
AEGTGVITETIFENRFMHVPELIRMGAHAEIESNTVICHGVEKLSGAQVMATDLRASASLVLAGCIAEGTTVVDRIYHID
RGYERIEDKLRALGANIERVKGE
;
_entity_poly.pdbx_strand_id   A,B,C,D
#
loop_
_chem_comp.id
_chem_comp.type
_chem_comp.name
_chem_comp.formula
ACT non-polymer 'ACETATE ION' 'C2 H3 O2 -1'
EDO non-polymer 1,2-ETHANEDIOL 'C2 H6 O2'
IAS L-beta-peptide, C-gamma linking 'BETA-L-ASPARTIC ACID' 'C4 H7 N O4'
UDP RNA linking URIDINE-5'-DIPHOSPHATE 'C9 H14 N2 O12 P2'
#
# COMPACT_ATOMS: atom_id res chain seq x y z
N MET A 1 26.55 -24.37 -18.72
CA MET A 1 26.00 -23.12 -18.14
C MET A 1 26.70 -21.94 -18.78
N ASP A 2 26.06 -21.33 -19.78
CA ASP A 2 26.65 -20.20 -20.47
C ASP A 2 27.05 -19.02 -19.60
N LYS A 3 28.27 -18.52 -19.83
CA LYS A 3 28.79 -17.38 -19.10
C LYS A 3 29.30 -16.33 -20.05
N PHE A 4 29.20 -15.07 -19.67
CA PHE A 4 29.73 -13.99 -20.51
C PHE A 4 31.08 -13.53 -19.99
N ARG A 5 32.13 -13.69 -20.79
CA ARG A 5 33.45 -13.20 -20.38
C ARG A 5 33.70 -11.84 -21.03
N VAL A 6 33.68 -10.80 -20.22
CA VAL A 6 33.91 -9.46 -20.74
C VAL A 6 35.26 -8.86 -20.32
N GLN A 7 35.91 -8.23 -21.28
CA GLN A 7 37.20 -7.60 -21.04
C GLN A 7 37.04 -6.09 -21.20
N GLY A 8 37.25 -5.34 -20.12
CA GLY A 8 37.12 -3.90 -20.18
C GLY A 8 38.33 -3.11 -19.73
N PRO A 9 38.27 -1.78 -19.83
CA PRO A 9 37.11 -1.07 -20.33
C PRO A 9 37.17 -0.89 -21.84
N THR A 10 36.03 -0.62 -22.45
CA THR A 10 35.93 -0.41 -23.89
C THR A 10 34.77 0.54 -24.15
N ARG A 11 35.02 1.61 -24.88
CA ARG A 11 33.93 2.53 -25.21
C ARG A 11 33.00 1.86 -26.22
N LEU A 12 31.74 1.66 -25.83
CA LEU A 12 30.73 1.06 -26.70
C LEU A 12 30.29 2.11 -27.71
N GLN A 13 30.41 1.83 -29.00
CA GLN A 13 30.03 2.81 -30.01
C GLN A 13 29.71 2.29 -31.40
N GLY A 14 29.05 3.11 -32.20
CA GLY A 14 28.72 2.69 -33.54
C GLY A 14 27.23 2.54 -33.77
N GLU A 15 26.84 1.42 -34.38
CA GLU A 15 25.46 1.13 -34.72
C GLU A 15 24.86 -0.18 -34.19
N VAL A 16 23.56 -0.16 -33.97
CA VAL A 16 22.90 -1.35 -33.47
C VAL A 16 21.49 -1.37 -34.02
N THR A 17 21.07 -2.54 -34.49
CA THR A 17 19.71 -2.69 -35.03
C THR A 17 18.89 -3.35 -33.94
N ILE A 18 17.77 -2.75 -33.60
CA ILE A 18 16.92 -3.28 -32.53
C ILE A 18 16.00 -4.42 -33.02
N SER A 19 15.98 -5.51 -32.27
CA SER A 19 15.12 -6.65 -32.59
C SER A 19 13.66 -6.31 -32.33
N GLY A 20 12.78 -7.15 -32.83
CA GLY A 20 11.36 -6.94 -32.60
C GLY A 20 11.12 -7.17 -31.12
N ALA A 21 10.04 -6.62 -30.60
CA ALA A 21 9.74 -6.76 -29.19
C ALA A 21 9.14 -8.11 -28.83
N LYS A 22 9.86 -8.89 -28.05
CA LYS A 22 9.36 -10.19 -27.61
C LYS A 22 7.91 -10.10 -27.12
N ASN A 23 7.62 -9.03 -26.39
CA ASN A 23 6.30 -8.81 -25.83
C ASN A 23 5.14 -8.32 -26.69
N ALA A 24 5.42 -8.07 -27.96
CA ALA A 24 4.39 -7.68 -28.91
C ALA A 24 4.29 -8.90 -29.81
N ALA A 25 5.45 -9.51 -30.06
CA ALA A 25 5.53 -10.71 -30.89
C ALA A 25 4.69 -11.83 -30.30
N LEU A 26 4.85 -12.10 -29.02
CA LEU A 26 4.05 -13.15 -28.38
C LEU A 26 2.54 -12.98 -28.59
N PRO A 27 1.95 -11.86 -28.11
CA PRO A 27 0.51 -11.64 -28.26
C PRO A 27 0.04 -11.68 -29.72
N ILE A 28 0.88 -11.18 -30.63
CA ILE A 28 0.54 -11.17 -32.04
C ILE A 28 0.47 -12.58 -32.64
N LEU A 29 1.40 -13.47 -32.26
CA LEU A 29 1.39 -14.86 -32.73
C LEU A 29 0.11 -15.56 -32.26
N PHE A 30 -0.19 -15.49 -30.97
CA PHE A 30 -1.44 -16.06 -30.48
C PHE A 30 -2.67 -15.45 -31.17
N ALA A 31 -2.65 -14.14 -31.35
CA ALA A 31 -3.75 -13.45 -32.02
C ALA A 31 -3.86 -13.97 -33.46
N ALA A 32 -2.73 -14.27 -34.07
CA ALA A 32 -2.73 -14.78 -35.45
C ALA A 32 -3.71 -15.96 -35.58
N LEU A 33 -3.91 -16.68 -34.47
CA LEU A 33 -4.84 -17.80 -34.45
C LEU A 33 -6.19 -17.36 -34.99
N LEU A 34 -6.46 -16.07 -34.86
CA LEU A 34 -7.70 -15.47 -35.33
C LEU A 34 -7.76 -15.33 -36.86
N ALA A 35 -6.59 -15.28 -37.50
CA ALA A 35 -6.51 -15.09 -38.93
C ALA A 35 -7.01 -16.28 -39.75
N GLU A 36 -7.93 -16.00 -40.66
CA GLU A 36 -8.51 -17.02 -41.55
C GLU A 36 -7.67 -17.20 -42.79
N GLU A 37 -6.77 -16.26 -42.99
CA GLU A 37 -5.88 -16.26 -44.12
C GLU A 37 -4.42 -16.24 -43.68
N PRO A 38 -3.50 -16.62 -44.57
CA PRO A 38 -2.08 -16.63 -44.21
C PRO A 38 -1.60 -15.24 -43.76
N VAL A 39 -0.74 -15.21 -42.74
CA VAL A 39 -0.19 -13.93 -42.25
C VAL A 39 1.31 -13.95 -42.11
N GLU A 40 1.93 -12.86 -42.53
CA GLU A 40 3.36 -12.70 -42.40
C GLU A 40 3.59 -11.81 -41.19
N ILE A 41 4.16 -12.36 -40.13
CA ILE A 41 4.46 -11.57 -38.94
C ILE A 41 5.92 -11.21 -39.04
N GLN A 42 6.22 -9.98 -39.45
CA GLN A 42 7.61 -9.56 -39.57
C GLN A 42 8.34 -8.98 -38.37
N ASN A 43 9.66 -8.97 -38.41
CA ASN A 43 10.43 -8.39 -37.31
C ASN A 43 10.29 -9.18 -36.02
N VAL A 44 10.16 -10.50 -36.14
CA VAL A 44 10.03 -11.35 -34.97
C VAL A 44 11.40 -11.83 -34.52
N PRO A 45 11.81 -11.46 -33.31
CA PRO A 45 13.13 -11.90 -32.85
C PRO A 45 13.21 -13.42 -32.71
N LYS A 46 14.43 -13.93 -32.61
CA LYS A 46 14.68 -15.37 -32.43
C LYS A 46 14.94 -15.71 -30.97
N LEU A 47 13.86 -15.84 -30.19
CA LEU A 47 13.98 -16.16 -28.76
C LEU A 47 13.31 -17.49 -28.41
N LYS A 48 13.65 -18.07 -27.26
CA LYS A 48 13.04 -19.33 -26.89
C LYS A 48 11.50 -19.40 -26.89
N ASP A 49 10.88 -18.32 -26.43
CA ASP A 49 9.41 -18.23 -26.40
C ASP A 49 8.77 -18.21 -27.79
N ILE A 50 9.51 -17.68 -28.76
CA ILE A 50 9.06 -17.65 -30.14
C ILE A 50 9.00 -19.12 -30.55
N ASP A 51 10.08 -19.85 -30.26
CA ASP A 51 10.17 -21.28 -30.58
C ASP A 51 9.05 -22.06 -29.88
N THR A 52 8.81 -21.74 -28.62
CA THR A 52 7.75 -22.39 -27.84
C THR A 52 6.37 -22.11 -28.43
N THR A 53 6.12 -20.87 -28.80
CA THR A 53 4.82 -20.49 -29.36
C THR A 53 4.64 -21.20 -30.68
N MET A 54 5.70 -21.21 -31.49
CA MET A 54 5.63 -21.88 -32.77
C MET A 54 5.22 -23.33 -32.57
N LYS A 55 5.84 -24.00 -31.62
CA LYS A 55 5.48 -25.38 -31.33
C LYS A 55 4.01 -25.44 -30.97
N LEU A 56 3.66 -24.74 -29.90
CA LEU A 56 2.29 -24.69 -29.45
C LEU A 56 1.32 -24.50 -30.63
N LEU A 57 1.67 -23.58 -31.53
CA LEU A 57 0.85 -23.33 -32.73
C LEU A 57 0.74 -24.54 -33.67
N THR A 58 1.88 -25.13 -34.01
CA THR A 58 1.92 -26.30 -34.88
C THR A 58 1.00 -27.36 -34.25
N GLN A 59 1.15 -27.52 -32.94
CA GLN A 59 0.35 -28.44 -32.16
C GLN A 59 -1.17 -28.18 -32.29
N LEU A 60 -1.54 -26.93 -32.59
CA LEU A 60 -2.95 -26.54 -32.74
C LEU A 60 -3.53 -26.85 -34.11
N GLY A 61 -2.65 -27.03 -35.08
CA GLY A 61 -3.08 -27.33 -36.43
C GLY A 61 -2.69 -26.22 -37.39
N THR A 62 -1.95 -25.24 -36.90
CA THR A 62 -1.55 -24.14 -37.76
C THR A 62 -0.22 -24.43 -38.44
N LYS A 63 -0.15 -24.11 -39.73
CA LYS A 63 1.07 -24.29 -40.49
C LYS A 63 1.98 -23.14 -40.08
N VAL A 64 3.10 -23.48 -39.47
CA VAL A 64 4.00 -22.46 -38.97
C VAL A 64 5.42 -22.44 -39.50
N GLU A 65 5.79 -21.29 -40.05
CA GLU A 65 7.14 -21.07 -40.53
C GLU A 65 7.92 -19.83 -40.15
N ARG A 66 9.24 -19.94 -40.10
CA ARG A 66 10.04 -18.78 -39.73
C ARG A 66 11.37 -18.64 -40.43
N IAS A 67 11.96 -17.46 -40.31
CA IAS A 67 13.27 -17.20 -40.89
C IAS A 67 14.39 -17.67 -39.95
O IAS A 67 15.58 -17.37 -40.22
CB IAS A 67 13.43 -15.78 -41.45
CG IAS A 67 13.34 -14.70 -40.38
OD1 IAS A 67 12.99 -14.97 -39.22
OXT IAS A 67 14.07 -18.35 -38.97
N GLY A 68 13.67 -13.47 -40.75
CA GLY A 68 13.18 -12.32 -40.01
C GLY A 68 11.70 -12.49 -39.73
N SER A 69 11.05 -13.27 -40.57
CA SER A 69 9.62 -13.50 -40.42
C SER A 69 9.15 -14.81 -39.79
N VAL A 70 7.87 -14.82 -39.47
CA VAL A 70 7.22 -15.99 -38.95
C VAL A 70 5.96 -16.04 -39.80
N TRP A 71 5.91 -17.01 -40.73
CA TRP A 71 4.72 -17.20 -41.57
C TRP A 71 3.70 -18.09 -40.90
N ILE A 72 2.47 -17.62 -40.81
CA ILE A 72 1.41 -18.35 -40.20
C ILE A 72 0.19 -18.54 -41.06
N ASP A 73 -0.19 -19.79 -41.28
CA ASP A 73 -1.47 -20.11 -41.86
C ASP A 73 -2.24 -20.91 -40.82
N ALA A 74 -3.32 -20.37 -40.28
CA ALA A 74 -4.09 -20.99 -39.19
C ALA A 74 -5.36 -21.77 -39.55
N SER A 75 -5.72 -21.78 -40.81
CA SER A 75 -7.02 -22.24 -41.25
C SER A 75 -7.18 -23.72 -41.11
N ASN A 76 -6.23 -24.37 -40.51
CA ASN A 76 -6.40 -25.78 -40.28
C ASN A 76 -6.48 -26.16 -38.81
N VAL A 77 -6.83 -25.25 -37.92
CA VAL A 77 -6.70 -25.58 -36.53
C VAL A 77 -7.77 -26.53 -36.12
N ASN A 78 -7.37 -27.73 -35.71
CA ASN A 78 -8.28 -28.76 -35.27
C ASN A 78 -7.96 -29.35 -33.92
N ASN A 79 -6.84 -29.00 -33.35
CA ASN A 79 -6.64 -29.41 -31.97
C ASN A 79 -6.81 -28.15 -31.14
N PHE A 80 -7.75 -28.15 -30.21
CA PHE A 80 -8.01 -26.97 -29.37
C PHE A 80 -7.45 -27.06 -27.95
N SER A 81 -6.25 -27.61 -27.82
CA SER A 81 -5.61 -27.78 -26.53
C SER A 81 -4.10 -27.59 -26.47
N ALA A 82 -3.68 -26.68 -25.59
CA ALA A 82 -2.28 -26.43 -25.39
C ALA A 82 -2.01 -27.38 -24.24
N PRO A 83 -1.33 -28.49 -24.54
CA PRO A 83 -0.98 -29.54 -23.58
C PRO A 83 0.06 -29.14 -22.56
N TYR A 84 0.06 -29.82 -21.42
CA TYR A 84 1.02 -29.54 -20.36
C TYR A 84 2.45 -29.47 -20.87
N ASP A 85 2.78 -30.39 -21.77
CA ASP A 85 4.11 -30.46 -22.36
C ASP A 85 4.56 -29.15 -23.02
N LEU A 86 3.66 -28.53 -23.76
CA LEU A 86 3.99 -27.28 -24.44
C LEU A 86 3.98 -26.00 -23.60
N VAL A 87 2.93 -25.83 -22.80
CA VAL A 87 2.80 -24.64 -21.98
C VAL A 87 3.67 -24.62 -20.73
N LYS A 88 4.25 -25.76 -20.38
CA LYS A 88 5.08 -25.86 -19.18
C LYS A 88 6.15 -24.79 -18.98
N THR A 89 6.79 -24.40 -20.07
CA THR A 89 7.87 -23.43 -20.07
C THR A 89 7.40 -21.99 -20.29
N MET A 90 6.15 -21.85 -20.71
CA MET A 90 5.63 -20.54 -21.07
C MET A 90 4.28 -20.01 -20.60
N ARG A 91 4.34 -19.09 -19.66
CA ARG A 91 3.14 -18.46 -19.11
C ARG A 91 2.20 -17.88 -20.17
N ALA A 92 2.78 -17.23 -21.17
CA ALA A 92 2.03 -16.61 -22.25
C ALA A 92 1.14 -17.60 -22.96
N SER A 93 1.44 -18.88 -22.81
CA SER A 93 0.61 -19.92 -23.43
C SER A 93 -0.89 -19.63 -23.29
N ILE A 94 -1.26 -19.12 -22.12
CA ILE A 94 -2.65 -18.78 -21.81
C ILE A 94 -3.28 -18.01 -22.96
N TRP A 95 -2.47 -17.28 -23.71
CA TRP A 95 -2.96 -16.50 -24.86
C TRP A 95 -3.56 -17.35 -25.97
N ALA A 96 -3.50 -18.67 -25.82
CA ALA A 96 -4.07 -19.56 -26.81
C ALA A 96 -5.56 -19.60 -26.59
N LEU A 97 -5.93 -19.46 -25.33
CA LEU A 97 -7.32 -19.48 -24.89
C LEU A 97 -8.39 -18.69 -25.64
N GLY A 98 -8.31 -17.37 -25.55
CA GLY A 98 -9.27 -16.50 -26.20
C GLY A 98 -9.38 -16.73 -27.68
N PRO A 99 -8.26 -16.67 -28.43
CA PRO A 99 -8.36 -16.90 -29.87
C PRO A 99 -9.15 -18.18 -30.18
N LEU A 100 -8.80 -19.27 -29.51
CA LEU A 100 -9.49 -20.54 -29.74
C LEU A 100 -11.02 -20.58 -29.67
N VAL A 101 -11.58 -20.10 -28.56
CA VAL A 101 -13.03 -20.11 -28.37
C VAL A 101 -13.73 -19.00 -29.15
N ALA A 102 -13.10 -17.84 -29.29
CA ALA A 102 -13.71 -16.76 -30.03
C ALA A 102 -13.89 -17.16 -31.50
N ARG A 103 -12.88 -17.78 -32.08
CA ARG A 103 -12.95 -18.20 -33.47
C ARG A 103 -13.58 -19.56 -33.71
N PHE A 104 -13.21 -20.51 -32.86
CA PHE A 104 -13.67 -21.89 -32.96
C PHE A 104 -14.86 -22.35 -32.12
N GLY A 105 -15.03 -21.72 -30.95
CA GLY A 105 -16.15 -22.08 -30.09
C GLY A 105 -15.63 -22.82 -28.88
N GLN A 106 -14.34 -23.13 -28.89
CA GLN A 106 -13.75 -23.86 -27.78
C GLN A 106 -12.26 -23.76 -27.73
N GLY A 107 -11.73 -23.85 -26.52
CA GLY A 107 -10.31 -23.79 -26.30
C GLY A 107 -10.00 -24.33 -24.93
N GLN A 108 -8.93 -25.09 -24.86
CA GLN A 108 -8.55 -25.67 -23.59
C GLN A 108 -7.05 -25.43 -23.42
N VAL A 109 -6.66 -24.75 -22.36
CA VAL A 109 -5.24 -24.51 -22.14
C VAL A 109 -4.85 -25.13 -20.82
N SER A 110 -3.69 -25.75 -20.80
CA SER A 110 -3.20 -26.35 -19.57
C SER A 110 -2.58 -25.38 -18.58
N LEU A 111 -2.99 -25.50 -17.33
CA LEU A 111 -2.49 -24.65 -16.26
C LEU A 111 -1.49 -25.43 -15.44
N PRO A 112 -0.22 -25.42 -15.87
CA PRO A 112 0.82 -26.15 -15.14
C PRO A 112 0.65 -25.92 -13.65
N GLY A 113 0.45 -27.01 -12.93
CA GLY A 113 0.24 -26.91 -11.51
C GLY A 113 -1.07 -26.19 -11.32
N GLY A 114 -1.16 -24.96 -11.81
CA GLY A 114 -2.41 -24.22 -11.62
C GLY A 114 -2.63 -23.92 -10.16
N CYS A 115 -3.48 -24.72 -9.52
CA CYS A 115 -3.63 -24.76 -8.09
C CYS A 115 -2.48 -25.69 -7.66
N ALA A 116 -1.31 -25.07 -7.57
CA ALA A 116 -0.05 -25.74 -7.36
C ALA A 116 0.73 -25.15 -6.22
N ILE A 117 0.06 -24.47 -5.29
CA ILE A 117 0.77 -23.75 -4.20
C ILE A 117 1.86 -22.76 -4.64
N GLY A 118 1.40 -21.64 -5.15
CA GLY A 118 2.21 -20.70 -5.84
C GLY A 118 1.84 -20.94 -7.28
N ALA A 119 1.02 -20.07 -7.82
CA ALA A 119 0.76 -20.06 -9.24
C ALA A 119 0.31 -18.68 -9.60
N ARG A 120 1.12 -17.94 -10.34
CA ARG A 120 0.60 -16.66 -10.82
C ARG A 120 -0.85 -16.71 -11.32
N PRO A 121 -1.78 -16.01 -10.63
CA PRO A 121 -3.17 -16.05 -11.07
C PRO A 121 -3.33 -15.85 -12.58
N VAL A 122 -4.30 -16.56 -13.14
CA VAL A 122 -4.64 -16.52 -14.55
C VAL A 122 -6.13 -16.17 -14.59
N ASP A 123 -6.65 -15.85 -13.42
CA ASP A 123 -8.05 -15.49 -13.24
C ASP A 123 -8.66 -14.44 -14.16
N LEU A 124 -7.90 -13.40 -14.46
CA LEU A 124 -8.40 -12.34 -15.31
C LEU A 124 -8.79 -12.85 -16.67
N HIS A 125 -7.92 -13.67 -17.25
CA HIS A 125 -8.19 -14.23 -18.58
C HIS A 125 -9.48 -15.03 -18.56
N ILE A 126 -9.55 -15.97 -17.61
CA ILE A 126 -10.70 -16.84 -17.41
C ILE A 126 -11.95 -16.01 -17.16
N PHE A 127 -11.87 -15.08 -16.22
CA PHE A 127 -13.00 -14.22 -15.93
C PHE A 127 -13.37 -13.25 -17.06
N GLY A 128 -12.36 -12.84 -17.81
CA GLY A 128 -12.61 -11.95 -18.93
C GLY A 128 -13.44 -12.69 -19.95
N LEU A 129 -12.97 -13.89 -20.33
CA LEU A 129 -13.68 -14.71 -21.28
C LEU A 129 -15.10 -14.91 -20.82
N GLU A 130 -15.25 -15.18 -19.53
CA GLU A 130 -16.60 -15.36 -19.00
C GLU A 130 -17.51 -14.19 -19.31
N LYS A 131 -17.07 -12.98 -18.99
CA LYS A 131 -17.88 -11.82 -19.28
C LYS A 131 -18.29 -11.80 -20.76
N LEU A 132 -17.37 -12.22 -21.63
CA LEU A 132 -17.62 -12.27 -23.07
C LEU A 132 -18.64 -13.32 -23.51
N GLY A 133 -19.14 -14.12 -22.56
CA GLY A 133 -20.13 -15.12 -22.89
C GLY A 133 -19.62 -16.54 -22.97
N ALA A 134 -18.37 -16.73 -22.59
CA ALA A 134 -17.77 -18.05 -22.64
C ALA A 134 -18.17 -18.89 -21.47
N GLU A 135 -18.37 -20.18 -21.74
CA GLU A 135 -18.70 -21.14 -20.69
C GLU A 135 -17.33 -21.58 -20.16
N ILE A 136 -17.15 -21.52 -18.85
CA ILE A 136 -15.87 -21.90 -18.29
C ILE A 136 -15.96 -23.25 -17.61
N LYS A 137 -14.88 -24.01 -17.74
CA LYS A 137 -14.77 -25.32 -17.11
C LYS A 137 -13.43 -25.38 -16.38
N LEU A 138 -13.49 -25.49 -15.06
CA LEU A 138 -12.28 -25.53 -14.25
C LEU A 138 -12.00 -26.79 -13.45
N GLU A 139 -10.85 -27.39 -13.72
CA GLU A 139 -10.38 -28.56 -12.95
C GLU A 139 -8.90 -28.39 -12.73
N GLU A 140 -8.43 -28.64 -11.51
CA GLU A 140 -7.01 -28.52 -11.21
C GLU A 140 -6.03 -28.85 -12.34
N GLY A 141 -5.33 -27.84 -12.83
CA GLY A 141 -4.37 -28.07 -13.90
C GLY A 141 -4.79 -27.68 -15.31
N TYR A 142 -6.03 -27.20 -15.48
CA TYR A 142 -6.52 -26.81 -16.79
C TYR A 142 -7.70 -25.86 -16.75
N VAL A 143 -7.95 -25.22 -17.89
CA VAL A 143 -9.07 -24.31 -18.02
C VAL A 143 -9.65 -24.49 -19.42
N LYS A 144 -10.94 -24.80 -19.47
CA LYS A 144 -11.65 -24.98 -20.74
C LYS A 144 -12.67 -23.89 -20.96
N ALA A 145 -12.65 -23.32 -22.15
CA ALA A 145 -13.58 -22.26 -22.48
C ALA A 145 -14.30 -22.65 -23.73
N SER A 146 -15.61 -22.45 -23.71
CA SER A 146 -16.39 -22.76 -24.88
C SER A 146 -17.59 -21.87 -25.07
N VAL A 147 -18.17 -21.94 -26.26
CA VAL A 147 -19.34 -21.16 -26.51
C VAL A 147 -20.07 -21.64 -27.75
N ASN A 148 -21.39 -21.70 -27.64
CA ASN A 148 -22.25 -22.12 -28.74
C ASN A 148 -22.49 -20.87 -29.58
N GLY A 149 -21.74 -20.73 -30.67
CA GLY A 149 -21.86 -19.57 -31.55
C GLY A 149 -20.75 -18.55 -31.34
N ARG A 150 -21.08 -17.27 -31.48
CA ARG A 150 -20.12 -16.19 -31.29
C ARG A 150 -20.02 -15.71 -29.84
N LEU A 151 -18.91 -15.06 -29.49
CA LEU A 151 -18.72 -14.49 -28.17
C LEU A 151 -19.61 -13.25 -28.14
N LYS A 152 -19.97 -12.78 -26.96
CA LYS A 152 -20.83 -11.62 -26.81
C LYS A 152 -20.23 -10.37 -26.19
N GLY A 153 -19.98 -9.35 -27.02
CA GLY A 153 -19.45 -8.10 -26.52
C GLY A 153 -20.01 -7.78 -25.15
N ALA A 154 -19.14 -7.32 -24.25
CA ALA A 154 -19.58 -7.00 -22.91
C ALA A 154 -18.78 -5.83 -22.34
N HIS A 155 -19.28 -5.30 -21.22
CA HIS A 155 -18.63 -4.18 -20.54
C HIS A 155 -17.76 -4.74 -19.42
N ILE A 156 -16.45 -4.72 -19.62
CA ILE A 156 -15.58 -5.29 -18.62
C ILE A 156 -14.71 -4.28 -17.89
N VAL A 157 -14.94 -4.19 -16.58
CA VAL A 157 -14.17 -3.27 -15.74
C VAL A 157 -13.06 -4.06 -15.08
N MET A 158 -11.81 -3.74 -15.42
CA MET A 158 -10.73 -4.45 -14.78
C MET A 158 -10.33 -3.89 -13.42
N ASP A 159 -10.34 -4.74 -12.38
CA ASP A 159 -9.98 -4.34 -11.02
C ASP A 159 -8.47 -4.28 -10.80
N LYS A 160 -7.76 -5.02 -11.65
CA LYS A 160 -6.32 -5.10 -11.62
C LYS A 160 -5.88 -4.91 -13.05
N VAL A 161 -4.91 -4.04 -13.29
CA VAL A 161 -4.43 -3.82 -14.65
C VAL A 161 -3.58 -5.01 -15.07
N SER A 162 -3.85 -5.53 -16.26
CA SER A 162 -3.16 -6.70 -16.76
C SER A 162 -2.83 -6.75 -18.25
N VAL A 163 -1.55 -6.65 -18.60
CA VAL A 163 -1.16 -6.70 -19.99
C VAL A 163 -1.77 -7.98 -20.52
N GLY A 164 -1.48 -9.07 -19.79
CA GLY A 164 -1.98 -10.39 -20.16
C GLY A 164 -3.45 -10.49 -20.46
N ALA A 165 -4.28 -10.08 -19.49
CA ALA A 165 -5.73 -10.17 -19.68
C ALA A 165 -6.19 -9.25 -20.79
N THR A 166 -5.57 -8.09 -20.91
CA THR A 166 -5.96 -7.14 -21.93
C THR A 166 -5.85 -7.80 -23.31
N VAL A 167 -4.79 -8.57 -23.53
CA VAL A 167 -4.63 -9.24 -24.82
C VAL A 167 -5.68 -10.32 -25.02
N THR A 168 -5.96 -11.07 -23.97
CA THR A 168 -6.96 -12.10 -24.04
C THR A 168 -8.30 -11.49 -24.40
N ILE A 169 -8.83 -10.66 -23.49
CA ILE A 169 -10.13 -10.01 -23.68
C ILE A 169 -10.25 -9.22 -24.97
N MET A 170 -9.24 -8.41 -25.28
CA MET A 170 -9.25 -7.63 -26.51
C MET A 170 -9.23 -8.51 -27.76
N SER A 171 -8.51 -9.63 -27.65
CA SER A 171 -8.42 -10.58 -28.77
C SER A 171 -9.73 -11.28 -29.05
N ALA A 172 -10.35 -11.80 -28.00
CA ALA A 172 -11.61 -12.52 -28.15
C ALA A 172 -12.67 -11.56 -28.64
N ALA A 173 -12.67 -10.35 -28.08
CA ALA A 173 -13.67 -9.38 -28.44
C ALA A 173 -13.75 -9.06 -29.94
N THR A 174 -12.66 -9.26 -30.69
CA THR A 174 -12.71 -8.92 -32.10
C THR A 174 -13.71 -9.75 -32.90
N LEU A 175 -14.00 -10.95 -32.41
CA LEU A 175 -14.94 -11.86 -33.05
C LEU A 175 -16.35 -11.87 -32.42
N ALA A 176 -16.44 -11.41 -31.18
CA ALA A 176 -17.71 -11.39 -30.47
C ALA A 176 -18.76 -10.61 -31.21
N GLU A 177 -20.00 -10.78 -30.79
CA GLU A 177 -21.11 -10.06 -31.40
C GLU A 177 -21.34 -8.80 -30.58
N GLY A 178 -21.24 -7.65 -31.22
CA GLY A 178 -21.46 -6.40 -30.50
C GLY A 178 -20.19 -5.68 -30.08
N THR A 179 -20.33 -4.76 -29.13
CA THR A 179 -19.19 -4.01 -28.68
C THR A 179 -18.70 -4.40 -27.30
N THR A 180 -17.39 -4.44 -27.14
CA THR A 180 -16.79 -4.76 -25.86
C THR A 180 -15.93 -3.58 -25.39
N ILE A 181 -16.06 -3.25 -24.12
CA ILE A 181 -15.30 -2.16 -23.54
C ILE A 181 -14.44 -2.70 -22.42
N ILE A 182 -13.17 -2.33 -22.43
CA ILE A 182 -12.25 -2.77 -21.40
C ILE A 182 -11.80 -1.58 -20.57
N GLU A 183 -12.33 -1.44 -19.37
CA GLU A 183 -11.91 -0.36 -18.49
C GLU A 183 -10.65 -0.72 -17.72
N ASN A 184 -9.73 0.21 -17.61
CA ASN A 184 -8.48 -0.04 -16.90
C ASN A 184 -7.66 -1.05 -17.67
N ALA A 185 -7.59 -0.88 -18.98
CA ALA A 185 -6.82 -1.77 -19.79
C ALA A 185 -5.33 -1.36 -19.72
N ALA A 186 -4.45 -2.33 -19.92
CA ALA A 186 -3.03 -2.07 -19.89
C ALA A 186 -2.79 -1.04 -20.98
N ARG A 187 -1.79 -0.20 -20.78
CA ARG A 187 -1.48 0.87 -21.72
C ARG A 187 -0.21 0.70 -22.50
N GLU A 188 0.54 -0.32 -22.14
CA GLU A 188 1.81 -0.63 -22.79
C GLU A 188 1.86 -0.59 -24.30
N PRO A 189 3.00 -0.16 -24.86
CA PRO A 189 3.13 -0.10 -26.32
C PRO A 189 2.82 -1.44 -26.98
N GLU A 190 3.17 -2.54 -26.31
CA GLU A 190 2.91 -3.86 -26.84
C GLU A 190 1.43 -4.14 -27.01
N ILE A 191 0.62 -3.52 -26.18
CA ILE A 191 -0.83 -3.70 -26.30
C ILE A 191 -1.28 -2.94 -27.55
N VAL A 192 -0.81 -1.69 -27.68
CA VAL A 192 -1.14 -0.83 -28.81
C VAL A 192 -0.76 -1.58 -30.07
N ASP A 193 0.43 -2.16 -30.04
CA ASP A 193 0.92 -2.95 -31.15
C ASP A 193 0.07 -4.21 -31.47
N THR A 194 -0.40 -4.91 -30.44
CA THR A 194 -1.23 -6.09 -30.65
C THR A 194 -2.56 -5.63 -31.25
N ALA A 195 -3.10 -4.53 -30.72
CA ALA A 195 -4.35 -3.96 -31.21
C ALA A 195 -4.21 -3.57 -32.68
N ASN A 196 -3.12 -2.88 -33.00
CA ASN A 196 -2.83 -2.48 -34.37
C ASN A 196 -2.80 -3.68 -35.32
N PHE A 197 -2.23 -4.77 -34.83
CA PHE A 197 -2.13 -6.01 -35.62
C PHE A 197 -3.52 -6.49 -35.98
N LEU A 198 -4.39 -6.49 -34.97
CA LEU A 198 -5.78 -6.90 -35.13
C LEU A 198 -6.51 -5.99 -36.11
N VAL A 199 -6.35 -4.68 -35.94
CA VAL A 199 -6.99 -3.74 -36.85
C VAL A 199 -6.46 -4.05 -38.25
N ALA A 200 -5.22 -4.52 -38.34
CA ALA A 200 -4.66 -4.85 -39.63
C ALA A 200 -5.40 -6.04 -40.23
N LEU A 201 -5.88 -6.94 -39.38
CA LEU A 201 -6.61 -8.10 -39.88
C LEU A 201 -8.10 -7.83 -40.09
N GLY A 202 -8.50 -6.56 -39.92
CA GLY A 202 -9.89 -6.20 -40.09
C GLY A 202 -10.66 -5.97 -38.80
N ALA A 203 -10.00 -6.07 -37.65
CA ALA A 203 -10.73 -5.86 -36.41
C ALA A 203 -11.01 -4.37 -36.19
N LYS A 204 -12.00 -4.10 -35.36
CA LYS A 204 -12.34 -2.73 -35.04
C LYS A 204 -11.94 -2.43 -33.60
N ILE A 205 -10.81 -1.77 -33.45
CA ILE A 205 -10.32 -1.45 -32.13
C ILE A 205 -9.92 0.01 -32.04
N SER A 206 -10.16 0.59 -30.88
CA SER A 206 -9.84 1.97 -30.59
C SER A 206 -9.56 2.22 -29.11
N GLY A 207 -8.68 3.18 -28.85
CA GLY A 207 -8.34 3.51 -27.47
C GLY A 207 -7.14 2.72 -27.01
N GLN A 208 -6.52 1.97 -27.92
CA GLN A 208 -5.37 1.18 -27.54
C GLN A 208 -4.29 2.10 -27.04
N GLY A 209 -3.82 1.88 -25.82
CA GLY A 209 -2.79 2.74 -25.27
C GLY A 209 -3.35 3.68 -24.22
N THR A 210 -4.68 3.65 -24.04
CA THR A 210 -5.36 4.47 -23.04
C THR A 210 -5.93 3.51 -21.98
N ASP A 211 -6.70 4.06 -21.05
CA ASP A 211 -7.33 3.24 -20.02
C ASP A 211 -8.57 2.49 -20.51
N ARG A 212 -9.13 2.99 -21.61
CA ARG A 212 -10.31 2.42 -22.19
C ARG A 212 -10.16 1.96 -23.64
N ILE A 213 -10.28 0.66 -23.87
CA ILE A 213 -10.16 0.07 -25.20
C ILE A 213 -11.51 -0.42 -25.64
N THR A 214 -12.00 0.08 -26.78
CA THR A 214 -13.30 -0.34 -27.31
C THR A 214 -13.18 -1.26 -28.54
N ILE A 215 -13.87 -2.38 -28.49
CA ILE A 215 -13.79 -3.34 -29.57
C ILE A 215 -15.14 -3.66 -30.17
N GLU A 216 -15.24 -3.43 -31.48
CA GLU A 216 -16.47 -3.73 -32.19
C GLU A 216 -16.29 -5.07 -32.86
N GLY A 217 -17.06 -6.08 -32.44
CA GLY A 217 -16.92 -7.40 -33.04
C GLY A 217 -17.16 -7.41 -34.55
N VAL A 218 -16.37 -8.18 -35.29
CA VAL A 218 -16.58 -8.27 -36.72
C VAL A 218 -16.72 -9.71 -37.14
N GLU A 219 -17.04 -9.89 -38.42
CA GLU A 219 -17.26 -11.19 -39.06
C GLU A 219 -16.11 -12.20 -38.95
N ARG A 220 -14.99 -11.86 -39.54
CA ARG A 220 -13.84 -12.73 -39.57
C ARG A 220 -12.59 -11.90 -39.68
N LEU A 221 -11.45 -12.52 -39.41
CA LEU A 221 -10.19 -11.80 -39.55
C LEU A 221 -9.47 -12.41 -40.73
N GLY A 222 -8.90 -11.55 -41.57
CA GLY A 222 -8.19 -12.01 -42.75
C GLY A 222 -6.74 -12.33 -42.49
N GLY A 223 -5.88 -11.86 -43.38
CA GLY A 223 -4.45 -12.09 -43.26
C GLY A 223 -3.74 -10.82 -43.61
N GLY A 224 -2.51 -10.94 -44.08
CA GLY A 224 -1.76 -9.76 -44.44
C GLY A 224 -0.34 -9.81 -43.94
N VAL A 225 0.32 -8.66 -43.93
CA VAL A 225 1.69 -8.58 -43.45
C VAL A 225 1.72 -7.55 -42.33
N TYR A 226 2.49 -7.84 -41.28
CA TYR A 226 2.58 -6.95 -40.12
C TYR A 226 3.93 -6.97 -39.47
N ARG A 227 4.45 -5.78 -39.24
CA ARG A 227 5.76 -5.67 -38.63
C ARG A 227 5.66 -5.41 -37.12
N VAL A 228 6.17 -6.33 -36.31
CA VAL A 228 6.13 -6.17 -34.85
C VAL A 228 6.95 -4.97 -34.47
N LEU A 229 6.46 -4.16 -33.54
CA LEU A 229 7.22 -2.98 -33.12
C LEU A 229 8.58 -3.31 -32.49
N PRO A 230 9.52 -2.35 -32.51
CA PRO A 230 10.85 -2.57 -31.93
C PRO A 230 10.80 -2.81 -30.40
N ASP A 231 11.86 -3.41 -29.90
CA ASP A 231 11.99 -3.68 -28.46
C ASP A 231 12.44 -2.40 -27.76
N ARG A 232 11.51 -1.72 -27.09
CA ARG A 232 11.82 -0.49 -26.39
C ARG A 232 12.88 -0.63 -25.27
N ILE A 233 12.82 -1.76 -24.56
CA ILE A 233 13.76 -2.01 -23.48
C ILE A 233 15.09 -2.31 -24.09
N GLU A 234 15.09 -3.08 -25.17
CA GLU A 234 16.35 -3.38 -25.83
C GLU A 234 17.02 -2.07 -26.26
N THR A 235 16.21 -1.19 -26.85
CA THR A 235 16.69 0.11 -27.30
C THR A 235 17.29 0.92 -26.14
N GLY A 236 16.62 0.92 -24.99
CA GLY A 236 17.12 1.65 -23.83
C GLY A 236 18.45 1.13 -23.33
N THR A 237 18.56 -0.20 -23.25
CA THR A 237 19.79 -0.85 -22.84
C THR A 237 20.95 -0.29 -23.72
N PHE A 238 20.79 -0.39 -25.04
CA PHE A 238 21.81 0.10 -25.97
C PHE A 238 22.12 1.58 -25.84
N LEU A 239 21.09 2.38 -25.58
CA LEU A 239 21.28 3.80 -25.39
C LEU A 239 22.17 3.94 -24.18
N VAL A 240 21.78 3.25 -23.12
CA VAL A 240 22.51 3.28 -21.86
C VAL A 240 23.95 2.78 -22.06
N ALA A 241 24.13 1.77 -22.91
CA ALA A 241 25.49 1.23 -23.15
C ALA A 241 26.43 2.34 -23.61
N ALA A 242 25.94 3.23 -24.46
CA ALA A 242 26.79 4.32 -24.93
C ALA A 242 26.85 5.44 -23.88
N ALA A 243 25.71 5.73 -23.27
CA ALA A 243 25.64 6.78 -22.27
C ALA A 243 26.63 6.61 -21.12
N ILE A 244 27.00 5.36 -20.82
CA ILE A 244 27.91 5.06 -19.71
C ILE A 244 29.37 4.80 -20.12
N SER A 245 29.63 4.76 -21.41
CA SER A 245 30.97 4.52 -21.90
C SER A 245 31.49 5.69 -22.71
N GLY A 246 30.72 6.78 -22.70
CA GLY A 246 31.09 7.98 -23.44
C GLY A 246 31.01 7.72 -24.93
N GLY A 247 30.16 6.77 -25.30
CA GLY A 247 30.03 6.44 -26.68
C GLY A 247 28.96 7.23 -27.41
N LYS A 248 28.93 7.01 -28.71
CA LYS A 248 27.97 7.59 -29.63
C LYS A 248 27.36 6.36 -30.29
N ILE A 249 26.05 6.26 -30.28
CA ILE A 249 25.44 5.08 -30.86
C ILE A 249 24.19 5.43 -31.62
N VAL A 250 23.90 4.69 -32.68
CA VAL A 250 22.66 4.94 -33.40
C VAL A 250 21.83 3.69 -33.35
N CYS A 251 20.58 3.85 -32.97
CA CYS A 251 19.69 2.71 -32.88
C CYS A 251 18.83 2.58 -34.10
N ARG A 252 19.10 1.56 -34.91
CA ARG A 252 18.32 1.30 -36.13
C ARG A 252 17.04 0.54 -35.82
N ASN A 253 16.02 0.72 -36.65
CA ASN A 253 14.74 0.05 -36.41
C ASN A 253 14.15 0.29 -35.02
N ALA A 254 14.27 1.53 -34.54
CA ALA A 254 13.75 1.86 -33.23
C ALA A 254 12.43 2.53 -33.42
N GLN A 255 11.82 2.93 -32.31
CA GLN A 255 10.54 3.62 -32.33
C GLN A 255 10.49 4.61 -31.17
N PRO A 256 11.14 5.76 -31.35
CA PRO A 256 11.24 6.86 -30.38
C PRO A 256 10.05 7.04 -29.46
N ASP A 257 8.85 7.14 -30.04
CA ASP A 257 7.62 7.36 -29.29
C ASP A 257 7.24 6.36 -28.19
N THR A 258 8.02 5.30 -28.04
CA THR A 258 7.72 4.32 -27.02
C THR A 258 8.64 4.54 -25.83
N LEU A 259 9.56 5.47 -26.01
CA LEU A 259 10.57 5.79 -25.01
C LEU A 259 10.60 7.20 -24.48
N ASP A 260 9.46 7.90 -24.48
CA ASP A 260 9.44 9.26 -23.97
C ASP A 260 10.14 9.43 -22.64
N ALA A 261 9.73 8.67 -21.62
CA ALA A 261 10.36 8.82 -20.32
C ALA A 261 11.87 8.52 -20.37
N VAL A 262 12.23 7.42 -21.02
CA VAL A 262 13.64 7.03 -21.13
C VAL A 262 14.48 8.09 -21.85
N LEU A 263 13.93 8.69 -22.91
CA LEU A 263 14.66 9.71 -23.65
C LEU A 263 14.88 10.97 -22.83
N ALA A 264 13.81 11.43 -22.18
CA ALA A 264 13.92 12.61 -21.37
C ALA A 264 14.96 12.32 -20.29
N LYS A 265 14.88 11.14 -19.69
CA LYS A 265 15.80 10.76 -18.64
C LYS A 265 17.27 10.80 -19.03
N LEU A 266 17.54 10.45 -20.28
CA LEU A 266 18.90 10.44 -20.82
C LEU A 266 19.40 11.86 -21.04
N ARG A 267 18.49 12.74 -21.47
CA ARG A 267 18.85 14.12 -21.66
C ARG A 267 19.35 14.66 -20.33
N GLU A 268 18.60 14.35 -19.26
CA GLU A 268 18.96 14.80 -17.91
C GLU A 268 20.37 14.33 -17.55
N ALA A 269 20.72 13.15 -18.08
CA ALA A 269 22.04 12.56 -17.84
C ALA A 269 23.09 13.28 -18.69
N GLY A 270 22.66 14.32 -19.40
CA GLY A 270 23.59 15.08 -20.22
C GLY A 270 23.80 14.47 -21.59
N ALA A 271 23.10 13.39 -21.90
CA ALA A 271 23.29 12.81 -23.21
C ALA A 271 22.66 13.71 -24.25
N ASP A 272 23.22 13.64 -25.45
CA ASP A 272 22.79 14.41 -26.60
C ASP A 272 21.97 13.48 -27.47
N ILE A 273 20.67 13.68 -27.48
CA ILE A 273 19.82 12.79 -28.24
C ILE A 273 19.08 13.37 -29.44
N GLU A 274 19.09 12.60 -30.52
CA GLU A 274 18.39 12.93 -31.75
C GLU A 274 17.51 11.74 -32.11
N THR A 275 16.39 12.02 -32.75
CA THR A 275 15.51 10.94 -33.13
C THR A 275 14.89 11.19 -34.50
N GLY A 276 14.55 10.09 -35.15
CA GLY A 276 13.91 10.13 -36.44
C GLY A 276 12.71 9.24 -36.26
N GLU A 277 11.97 8.93 -37.31
CA GLU A 277 10.82 8.06 -37.14
C GLU A 277 11.13 6.58 -36.89
N ASP A 278 12.32 6.16 -37.32
CA ASP A 278 12.76 4.77 -37.17
C ASP A 278 14.17 4.59 -36.60
N TRP A 279 14.71 5.65 -36.00
CA TRP A 279 16.06 5.61 -35.45
C TRP A 279 16.20 6.53 -34.26
N ILE A 280 17.15 6.22 -33.40
CA ILE A 280 17.42 7.05 -32.22
C ILE A 280 18.91 7.16 -32.02
N SER A 281 19.40 8.40 -31.89
CA SER A 281 20.82 8.60 -31.65
C SER A 281 21.15 9.15 -30.28
N LEU A 282 22.19 8.60 -29.69
CA LEU A 282 22.63 9.07 -28.40
C LEU A 282 24.12 9.34 -28.50
N ASP A 283 24.52 10.54 -28.09
CA ASP A 283 25.92 10.98 -28.14
C ASP A 283 26.39 11.53 -26.80
N MET A 284 27.47 10.97 -26.25
CA MET A 284 28.00 11.45 -24.98
C MET A 284 29.11 12.48 -25.16
N HIS A 285 29.69 12.51 -26.35
CA HIS A 285 30.79 13.41 -26.62
C HIS A 285 31.95 13.14 -25.67
N GLY A 286 32.25 11.86 -25.49
CA GLY A 286 33.33 11.44 -24.61
C GLY A 286 33.07 11.76 -23.16
N LYS A 287 31.93 12.42 -22.91
CA LYS A 287 31.59 12.79 -21.55
C LYS A 287 30.92 11.79 -20.63
N ARG A 288 31.42 11.76 -19.41
CA ARG A 288 30.88 10.90 -18.38
C ARG A 288 29.45 11.37 -18.11
N PRO A 289 28.52 10.46 -17.81
CA PRO A 289 27.14 10.93 -17.55
C PRO A 289 26.95 11.62 -16.21
N LYS A 290 25.86 12.37 -16.10
CA LYS A 290 25.54 13.09 -14.88
C LYS A 290 24.52 12.29 -14.07
N ALA A 291 24.63 12.29 -12.75
CA ALA A 291 23.68 11.55 -11.92
C ALA A 291 22.27 12.10 -12.18
N VAL A 292 21.31 11.21 -12.22
CA VAL A 292 19.94 11.59 -12.47
C VAL A 292 19.03 11.02 -11.41
N THR A 293 17.84 11.61 -11.28
CA THR A 293 16.86 11.12 -10.33
C THR A 293 15.78 10.35 -11.13
N VAL A 294 15.46 9.13 -10.71
CA VAL A 294 14.44 8.34 -11.40
C VAL A 294 13.38 7.70 -10.52
N ARG A 295 12.14 7.74 -11.02
CA ARG A 295 10.97 7.17 -10.38
C ARG A 295 10.36 6.26 -11.40
N THR A 296 10.40 4.96 -11.17
CA THR A 296 9.79 4.08 -12.15
C THR A 296 8.34 4.24 -11.81
N ALA A 297 7.48 4.08 -12.81
CA ALA A 297 6.04 4.19 -12.61
C ALA A 297 5.34 3.57 -13.82
N PRO A 298 4.02 3.43 -13.79
CA PRO A 298 3.27 2.83 -14.90
C PRO A 298 3.46 3.56 -16.22
N HIS A 299 3.48 2.81 -17.31
CA HIS A 299 3.62 3.39 -18.64
C HIS A 299 2.55 4.46 -18.78
N PRO A 300 2.85 5.55 -19.50
CA PRO A 300 4.07 5.93 -20.20
C PRO A 300 5.13 6.64 -19.36
N ALA A 301 5.10 6.47 -18.04
CA ALA A 301 6.12 7.07 -17.21
C ALA A 301 7.37 6.19 -17.28
N PHE A 302 8.40 6.57 -16.53
CA PHE A 302 9.62 5.79 -16.50
C PHE A 302 9.43 4.28 -16.25
N PRO A 303 9.70 3.44 -17.27
CA PRO A 303 9.58 1.98 -17.24
C PRO A 303 10.52 1.23 -16.29
N THR A 304 9.93 0.51 -15.35
CA THR A 304 10.66 -0.29 -14.36
C THR A 304 11.64 -1.24 -15.05
N ASP A 305 11.35 -1.58 -16.31
CA ASP A 305 12.22 -2.45 -17.10
C ASP A 305 13.53 -1.78 -17.46
N MET A 306 13.63 -0.48 -17.16
CA MET A 306 14.84 0.29 -17.45
C MET A 306 15.64 0.53 -16.17
N GLN A 307 15.06 0.11 -15.06
CA GLN A 307 15.69 0.29 -13.76
C GLN A 307 17.13 -0.20 -13.51
N ALA A 308 17.37 -1.49 -13.66
CA ALA A 308 18.73 -1.98 -13.46
C ALA A 308 19.71 -1.11 -14.28
N GLN A 309 19.31 -0.79 -15.52
CA GLN A 309 20.16 0.00 -16.40
C GLN A 309 20.46 1.42 -15.96
N PHE A 310 19.43 2.13 -15.53
CA PHE A 310 19.64 3.47 -15.04
C PHE A 310 20.44 3.46 -13.74
N THR A 311 20.25 2.39 -12.97
CA THR A 311 20.95 2.26 -11.72
C THR A 311 22.42 2.26 -12.06
N LEU A 312 22.79 1.37 -12.98
CA LEU A 312 24.17 1.25 -13.43
C LEU A 312 24.70 2.60 -13.88
N LEU A 313 23.90 3.28 -14.70
CA LEU A 313 24.22 4.60 -15.20
C LEU A 313 24.58 5.50 -14.03
N ASN A 314 23.66 5.66 -13.09
CA ASN A 314 23.93 6.46 -11.90
C ASN A 314 25.25 6.04 -11.25
N LEU A 315 25.43 4.74 -11.10
CA LEU A 315 26.65 4.20 -10.50
C LEU A 315 28.00 4.63 -11.10
N VAL A 316 27.96 5.18 -12.30
CA VAL A 316 29.19 5.60 -12.95
C VAL A 316 29.15 7.06 -13.44
N ALA A 317 28.09 7.78 -13.07
CA ALA A 317 27.99 9.17 -13.47
C ALA A 317 28.60 10.07 -12.43
N GLU A 318 28.63 11.37 -12.74
CA GLU A 318 29.14 12.37 -11.83
C GLU A 318 28.00 12.75 -10.89
N GLY A 319 28.16 12.51 -9.61
CA GLY A 319 27.13 12.91 -8.68
C GLY A 319 26.45 11.82 -7.91
N THR A 320 25.26 12.16 -7.44
CA THR A 320 24.45 11.26 -6.66
C THR A 320 23.09 11.26 -7.30
N GLY A 321 22.47 10.09 -7.37
CA GLY A 321 21.15 10.00 -7.97
C GLY A 321 20.36 8.93 -7.25
N VAL A 322 19.09 9.18 -7.00
CA VAL A 322 18.30 8.16 -6.34
C VAL A 322 17.35 7.54 -7.35
N ILE A 323 17.24 6.23 -7.33
CA ILE A 323 16.31 5.58 -8.21
C ILE A 323 15.27 4.99 -7.29
N THR A 324 14.03 5.38 -7.52
CA THR A 324 12.92 4.90 -6.71
C THR A 324 11.96 4.04 -7.49
N GLU A 325 11.64 2.87 -6.95
CA GLU A 325 10.71 1.95 -7.59
C GLU A 325 9.40 2.22 -6.88
N THR A 326 8.50 2.98 -7.50
CA THR A 326 7.23 3.36 -6.85
C THR A 326 6.20 2.26 -6.75
N ILE A 327 6.20 1.37 -7.73
CA ILE A 327 5.24 0.28 -7.75
C ILE A 327 5.86 -0.99 -7.20
N PHE A 328 6.79 -1.54 -7.95
CA PHE A 328 7.44 -2.78 -7.56
C PHE A 328 8.34 -2.78 -6.36
N GLU A 329 8.47 -3.93 -5.72
CA GLU A 329 9.34 -4.05 -4.57
C GLU A 329 10.43 -5.07 -4.79
N ASN A 330 11.46 -5.02 -3.96
CA ASN A 330 12.56 -5.98 -4.11
C ASN A 330 13.20 -6.02 -5.49
N ARG A 331 13.32 -4.85 -6.13
CA ARG A 331 13.91 -4.74 -7.46
C ARG A 331 15.40 -4.43 -7.51
N PHE A 332 16.05 -4.56 -6.36
CA PHE A 332 17.44 -4.24 -6.22
C PHE A 332 18.45 -5.35 -5.92
N MET A 333 18.05 -6.60 -6.12
CA MET A 333 18.94 -7.70 -5.84
C MET A 333 20.31 -7.70 -6.53
N HIS A 334 20.37 -7.15 -7.72
CA HIS A 334 21.61 -7.10 -8.46
C HIS A 334 22.62 -6.05 -7.99
N VAL A 335 22.18 -5.08 -7.18
CA VAL A 335 23.08 -4.01 -6.71
C VAL A 335 24.32 -4.50 -5.95
N PRO A 336 24.16 -5.45 -5.03
CA PRO A 336 25.33 -5.94 -4.29
C PRO A 336 26.41 -6.39 -5.28
N GLU A 337 25.97 -7.01 -6.38
CA GLU A 337 26.87 -7.43 -7.45
C GLU A 337 27.68 -6.22 -7.98
N LEU A 338 26.97 -5.11 -8.26
CA LEU A 338 27.60 -3.89 -8.75
C LEU A 338 28.56 -3.36 -7.72
N ILE A 339 28.22 -3.51 -6.45
CA ILE A 339 29.09 -3.02 -5.43
C ILE A 339 30.39 -3.84 -5.47
N ARG A 340 30.28 -5.15 -5.71
CA ARG A 340 31.48 -6.02 -5.82
C ARG A 340 32.40 -5.57 -6.94
N MET A 341 31.86 -4.68 -7.77
CA MET A 341 32.59 -4.13 -8.91
C MET A 341 33.13 -2.72 -8.64
N GLY A 342 33.00 -2.29 -7.40
CA GLY A 342 33.53 -0.98 -7.03
C GLY A 342 32.51 0.13 -6.98
N ALA A 343 31.25 -0.22 -7.16
CA ALA A 343 30.20 0.77 -7.14
C ALA A 343 29.86 1.14 -5.71
N HIS A 344 29.35 2.36 -5.55
CA HIS A 344 28.94 2.84 -4.25
C HIS A 344 27.47 3.20 -4.14
N ALA A 345 26.72 2.34 -3.46
CA ALA A 345 25.30 2.56 -3.30
C ALA A 345 24.74 2.04 -1.98
N GLU A 346 23.61 2.62 -1.60
CA GLU A 346 22.87 2.22 -0.41
C GLU A 346 21.44 1.92 -0.87
N ILE A 347 21.00 0.71 -0.58
CA ILE A 347 19.65 0.32 -0.92
C ILE A 347 18.85 0.62 0.32
N GLU A 348 17.81 1.45 0.16
CA GLU A 348 16.95 1.81 1.25
C GLU A 348 15.50 1.70 0.87
N SER A 349 14.81 0.73 1.46
CA SER A 349 13.41 0.52 1.17
C SER A 349 13.24 0.31 -0.33
N ASN A 350 12.31 1.02 -0.94
CA ASN A 350 12.08 0.88 -2.38
C ASN A 350 13.00 1.75 -3.25
N THR A 351 14.12 2.20 -2.69
CA THR A 351 15.05 3.06 -3.44
C THR A 351 16.52 2.67 -3.32
N VAL A 352 17.34 3.09 -4.28
CA VAL A 352 18.78 2.83 -4.29
C VAL A 352 19.53 4.17 -4.44
N ILE A 353 20.33 4.53 -3.45
CA ILE A 353 21.05 5.78 -3.53
C ILE A 353 22.36 5.54 -4.27
N CYS A 354 22.59 6.29 -5.34
CA CYS A 354 23.80 6.10 -6.13
C CYS A 354 24.92 7.15 -6.02
N HIS A 355 26.15 6.67 -5.82
CA HIS A 355 27.32 7.55 -5.75
C HIS A 355 28.26 7.20 -6.91
N GLY A 356 28.06 7.87 -8.04
CA GLY A 356 28.87 7.58 -9.21
C GLY A 356 30.37 7.51 -8.97
N VAL A 357 30.99 6.44 -9.45
CA VAL A 357 32.42 6.29 -9.29
C VAL A 357 33.05 6.33 -10.68
N GLU A 358 34.36 6.61 -10.73
CA GLU A 358 35.11 6.71 -11.99
C GLU A 358 35.16 5.47 -12.85
N LYS A 359 35.66 4.38 -12.27
CA LYS A 359 35.79 3.15 -13.03
C LYS A 359 35.49 1.90 -12.24
N LEU A 360 34.80 0.96 -12.88
CA LEU A 360 34.47 -0.31 -12.26
C LEU A 360 35.60 -1.31 -12.40
N SER A 361 35.57 -2.34 -11.56
CA SER A 361 36.59 -3.38 -11.59
C SER A 361 35.99 -4.75 -11.88
N GLY A 362 36.62 -5.48 -12.80
CA GLY A 362 36.13 -6.79 -13.16
C GLY A 362 35.82 -7.67 -11.96
N ALA A 363 34.85 -8.55 -12.11
CA ALA A 363 34.46 -9.45 -11.03
C ALA A 363 33.54 -10.54 -11.57
N GLN A 364 33.44 -11.64 -10.86
CA GLN A 364 32.54 -12.71 -11.26
C GLN A 364 31.20 -12.31 -10.70
N VAL A 365 30.22 -12.03 -11.56
CA VAL A 365 28.92 -11.57 -11.07
C VAL A 365 27.77 -12.34 -11.67
N MET A 366 26.60 -12.23 -11.05
CA MET A 366 25.43 -12.94 -11.52
C MET A 366 24.08 -12.31 -11.15
N ALA A 367 23.08 -12.52 -12.00
CA ALA A 367 21.76 -11.96 -11.73
C ALA A 367 20.71 -12.79 -12.46
N THR A 368 19.51 -12.82 -11.88
CA THR A 368 18.39 -13.58 -12.41
C THR A 368 17.52 -12.86 -13.40
N ASP A 369 17.23 -11.60 -13.08
CA ASP A 369 16.41 -10.75 -13.95
C ASP A 369 17.18 -10.44 -15.24
N LEU A 370 16.56 -10.62 -16.40
CA LEU A 370 17.25 -10.31 -17.64
C LEU A 370 17.81 -8.89 -17.65
N ARG A 371 17.01 -7.94 -17.19
CA ARG A 371 17.45 -6.55 -17.17
C ARG A 371 18.65 -6.35 -16.30
N ALA A 372 18.56 -6.83 -15.06
CA ALA A 372 19.68 -6.68 -14.15
C ALA A 372 20.85 -7.43 -14.77
N SER A 373 20.57 -8.62 -15.29
CA SER A 373 21.62 -9.41 -15.93
C SER A 373 22.30 -8.68 -17.06
N ALA A 374 21.51 -7.95 -17.86
CA ALA A 374 22.08 -7.20 -18.97
C ALA A 374 22.97 -6.06 -18.46
N SER A 375 22.51 -5.39 -17.41
CA SER A 375 23.28 -4.31 -16.82
C SER A 375 24.66 -4.82 -16.40
N LEU A 376 24.72 -6.03 -15.87
CA LEU A 376 26.00 -6.59 -15.45
C LEU A 376 26.95 -6.69 -16.65
N VAL A 377 26.44 -7.22 -17.75
CA VAL A 377 27.24 -7.34 -18.94
C VAL A 377 27.71 -5.95 -19.30
N LEU A 378 26.79 -4.99 -19.28
CA LEU A 378 27.14 -3.60 -19.57
C LEU A 378 28.30 -3.16 -18.67
N ALA A 379 28.20 -3.47 -17.39
CA ALA A 379 29.23 -3.11 -16.42
C ALA A 379 30.54 -3.77 -16.83
N GLY A 380 30.49 -5.05 -17.19
CA GLY A 380 31.70 -5.74 -17.62
C GLY A 380 32.40 -4.93 -18.68
N CYS A 381 31.62 -4.38 -19.62
CA CYS A 381 32.17 -3.57 -20.70
C CYS A 381 33.05 -2.39 -20.30
N ILE A 382 32.52 -1.56 -19.42
CA ILE A 382 33.24 -0.37 -19.01
C ILE A 382 34.14 -0.55 -17.81
N ALA A 383 34.01 -1.69 -17.13
CA ALA A 383 34.83 -1.96 -15.96
C ALA A 383 36.26 -2.34 -16.31
N GLU A 384 37.16 -2.09 -15.38
CA GLU A 384 38.57 -2.41 -15.56
C GLU A 384 38.84 -3.91 -15.46
N GLY A 385 39.38 -4.47 -16.54
CA GLY A 385 39.72 -5.87 -16.54
C GLY A 385 38.71 -6.90 -16.98
N THR A 386 38.73 -8.03 -16.28
CA THR A 386 37.87 -9.14 -16.57
C THR A 386 36.64 -9.25 -15.68
N THR A 387 35.49 -9.41 -16.34
CA THR A 387 34.20 -9.55 -15.69
C THR A 387 33.62 -10.86 -16.25
N VAL A 388 33.08 -11.70 -15.39
CA VAL A 388 32.46 -12.94 -15.84
C VAL A 388 31.03 -12.96 -15.34
N VAL A 389 30.09 -12.89 -16.27
CA VAL A 389 28.69 -12.88 -15.91
C VAL A 389 28.11 -14.25 -16.09
N ASP A 390 27.70 -14.83 -14.97
CA ASP A 390 27.15 -16.17 -14.95
C ASP A 390 25.69 -16.25 -15.37
N ARG A 391 25.25 -17.47 -15.68
CA ARG A 391 23.86 -17.76 -16.04
C ARG A 391 23.23 -16.77 -16.99
N ILE A 392 23.94 -16.49 -18.06
CA ILE A 392 23.47 -15.54 -19.03
C ILE A 392 22.32 -16.04 -19.87
N TYR A 393 21.83 -17.25 -19.59
CA TYR A 393 20.69 -17.76 -20.35
C TYR A 393 19.52 -16.79 -20.13
N HIS A 394 19.51 -16.12 -18.98
CA HIS A 394 18.46 -15.15 -18.65
C HIS A 394 18.37 -14.07 -19.71
N ILE A 395 19.53 -13.58 -20.11
CA ILE A 395 19.65 -12.58 -21.14
C ILE A 395 19.28 -13.22 -22.50
N ASP A 396 19.76 -14.43 -22.77
CA ASP A 396 19.44 -15.14 -24.02
C ASP A 396 17.94 -15.24 -24.33
N ARG A 397 17.14 -15.28 -23.27
CA ARG A 397 15.69 -15.36 -23.39
C ARG A 397 14.96 -14.08 -23.84
N GLY A 398 15.54 -12.93 -23.52
CA GLY A 398 14.92 -11.66 -23.88
C GLY A 398 15.73 -10.77 -24.81
N TYR A 399 17.01 -11.06 -24.94
CA TYR A 399 17.88 -10.29 -25.84
C TYR A 399 18.35 -11.20 -26.97
N GLU A 400 18.12 -10.74 -28.20
CA GLU A 400 18.54 -11.50 -29.37
C GLU A 400 20.04 -11.39 -29.65
N ARG A 401 20.81 -12.33 -29.12
CA ARG A 401 22.26 -12.31 -29.30
C ARG A 401 22.96 -10.99 -28.97
N ILE A 402 22.83 -10.61 -27.71
CA ILE A 402 23.42 -9.38 -27.22
C ILE A 402 24.92 -9.31 -27.42
N GLU A 403 25.61 -10.46 -27.36
CA GLU A 403 27.06 -10.46 -27.56
C GLU A 403 27.48 -9.96 -28.94
N ASP A 404 26.77 -10.43 -29.97
CA ASP A 404 27.06 -10.01 -31.32
C ASP A 404 26.87 -8.51 -31.49
N LYS A 405 25.74 -8.01 -31.03
CA LYS A 405 25.45 -6.59 -31.09
C LYS A 405 26.51 -5.79 -30.33
N LEU A 406 26.86 -6.27 -29.14
CA LEU A 406 27.87 -5.65 -28.27
C LEU A 406 29.27 -5.64 -28.90
N ARG A 407 29.62 -6.74 -29.55
CA ARG A 407 30.91 -6.81 -30.20
C ARG A 407 31.01 -5.74 -31.30
N ALA A 408 29.99 -5.64 -32.14
CA ALA A 408 30.00 -4.64 -33.21
C ALA A 408 30.08 -3.23 -32.61
N LEU A 409 29.74 -3.11 -31.33
CA LEU A 409 29.81 -1.82 -30.67
C LEU A 409 31.18 -1.47 -30.11
N GLY A 410 32.12 -2.38 -30.31
CA GLY A 410 33.47 -2.15 -29.81
C GLY A 410 33.72 -2.93 -28.54
N ALA A 411 32.79 -3.79 -28.16
CA ALA A 411 32.96 -4.56 -26.94
C ALA A 411 33.82 -5.78 -27.08
N ASN A 412 34.55 -6.07 -26.02
CA ASN A 412 35.42 -7.22 -25.95
C ASN A 412 34.64 -8.26 -25.16
N ILE A 413 33.94 -9.14 -25.86
CA ILE A 413 33.12 -10.10 -25.15
C ILE A 413 33.10 -11.51 -25.72
N GLU A 414 33.23 -12.48 -24.83
CA GLU A 414 33.24 -13.89 -25.19
C GLU A 414 32.18 -14.74 -24.49
N ARG A 415 31.47 -15.54 -25.25
CA ARG A 415 30.49 -16.44 -24.65
C ARG A 415 31.33 -17.67 -24.32
N VAL A 416 31.39 -17.99 -23.04
CA VAL A 416 32.18 -19.06 -22.54
C VAL A 416 31.42 -20.00 -21.66
N LYS A 417 31.99 -21.17 -21.46
CA LYS A 417 31.31 -22.16 -20.71
C LYS A 417 31.98 -22.34 -19.39
N GLY A 418 31.17 -22.63 -18.41
CA GLY A 418 31.65 -23.13 -17.15
C GLY A 418 30.92 -24.41 -17.05
N GLU A 419 30.29 -24.84 -18.14
CA GLU A 419 29.54 -26.09 -18.16
C GLU A 419 28.24 -25.94 -18.92
N MET B 1 -41.06 3.84 3.15
CA MET B 1 -39.67 4.20 3.54
C MET B 1 -39.58 4.46 5.05
N ASP B 2 -39.33 3.39 5.81
CA ASP B 2 -39.23 3.46 7.27
C ASP B 2 -38.21 4.41 7.88
N LYS B 3 -38.65 5.22 8.83
CA LYS B 3 -37.77 6.16 9.52
C LYS B 3 -37.76 5.98 11.04
N PHE B 4 -36.69 6.42 11.65
CA PHE B 4 -36.59 6.38 13.10
C PHE B 4 -36.64 7.80 13.64
N ARG B 5 -37.57 8.09 14.55
CA ARG B 5 -37.67 9.42 15.14
C ARG B 5 -37.19 9.41 16.59
N VAL B 6 -35.97 9.90 16.81
CA VAL B 6 -35.45 9.90 18.16
C VAL B 6 -35.58 11.26 18.83
N GLN B 7 -35.90 11.21 20.12
CA GLN B 7 -36.08 12.37 20.97
C GLN B 7 -35.13 12.31 22.18
N GLY B 8 -34.03 13.03 22.12
CA GLY B 8 -33.09 13.01 23.22
C GLY B 8 -33.03 14.33 23.93
N PRO B 9 -32.09 14.51 24.87
CA PRO B 9 -31.10 13.55 25.30
C PRO B 9 -31.67 12.54 26.29
N THR B 10 -31.32 11.26 26.10
CA THR B 10 -31.80 10.20 26.97
C THR B 10 -30.61 9.38 27.44
N ARG B 11 -30.61 9.00 28.70
CA ARG B 11 -29.54 8.16 29.19
C ARG B 11 -29.88 6.71 28.89
N LEU B 12 -28.99 6.02 28.17
CA LEU B 12 -29.19 4.62 27.83
C LEU B 12 -28.73 3.77 29.01
N GLN B 13 -29.67 3.15 29.69
CA GLN B 13 -29.31 2.34 30.84
C GLN B 13 -30.21 1.15 31.10
N GLY B 14 -29.69 0.18 31.83
CA GLY B 14 -30.50 -0.99 32.15
C GLY B 14 -29.90 -2.27 31.64
N GLU B 15 -30.76 -3.13 31.08
CA GLU B 15 -30.36 -4.42 30.53
C GLU B 15 -30.81 -4.68 29.10
N VAL B 16 -30.07 -5.55 28.41
CA VAL B 16 -30.37 -5.97 27.04
C VAL B 16 -29.84 -7.40 26.82
N THR B 17 -30.60 -8.18 26.07
CA THR B 17 -30.21 -9.55 25.78
C THR B 17 -29.66 -9.61 24.37
N ILE B 18 -28.43 -10.07 24.22
CA ILE B 18 -27.82 -10.11 22.92
C ILE B 18 -28.34 -11.22 22.03
N SER B 19 -28.68 -10.87 20.79
CA SER B 19 -29.15 -11.83 19.81
C SER B 19 -27.96 -12.62 19.27
N GLY B 20 -28.23 -13.81 18.72
CA GLY B 20 -27.19 -14.63 18.13
C GLY B 20 -26.70 -13.95 16.86
N ALA B 21 -25.44 -14.12 16.53
CA ALA B 21 -24.91 -13.46 15.35
C ALA B 21 -25.46 -13.91 13.99
N LYS B 22 -25.93 -12.95 13.19
CA LYS B 22 -26.42 -13.27 11.85
C LYS B 22 -25.33 -14.01 11.08
N ASN B 23 -24.10 -13.54 11.24
CA ASN B 23 -22.94 -14.12 10.59
C ASN B 23 -22.39 -15.46 11.05
N ALA B 24 -23.02 -16.03 12.06
CA ALA B 24 -22.62 -17.34 12.50
C ALA B 24 -23.78 -18.21 12.05
N ALA B 25 -25.00 -17.71 12.29
CA ALA B 25 -26.21 -18.44 11.93
C ALA B 25 -26.23 -18.76 10.44
N LEU B 26 -25.87 -17.78 9.62
CA LEU B 26 -25.82 -17.99 8.18
C LEU B 26 -24.98 -19.20 7.73
N PRO B 27 -23.65 -19.16 7.94
CA PRO B 27 -22.79 -20.28 7.52
C PRO B 27 -23.17 -21.58 8.23
N ILE B 28 -23.62 -21.48 9.47
CA ILE B 28 -24.04 -22.66 10.21
C ILE B 28 -25.25 -23.27 9.51
N LEU B 29 -26.21 -22.43 9.16
CA LEU B 29 -27.40 -22.90 8.45
C LEU B 29 -27.04 -23.63 7.16
N PHE B 30 -26.12 -23.05 6.40
CA PHE B 30 -25.68 -23.67 5.15
C PHE B 30 -24.92 -24.95 5.45
N ALA B 31 -24.23 -24.95 6.59
CA ALA B 31 -23.44 -26.11 6.97
C ALA B 31 -24.38 -27.25 7.29
N ALA B 32 -25.56 -26.92 7.79
CA ALA B 32 -26.55 -27.95 8.13
C ALA B 32 -26.79 -28.86 6.92
N LEU B 33 -26.65 -28.32 5.72
CA LEU B 33 -26.82 -29.14 4.51
C LEU B 33 -25.95 -30.40 4.51
N LEU B 34 -25.00 -30.46 5.45
CA LEU B 34 -24.08 -31.58 5.58
C LEU B 34 -24.60 -32.69 6.47
N ALA B 35 -25.60 -32.34 7.30
CA ALA B 35 -26.20 -33.27 8.26
C ALA B 35 -27.18 -34.34 7.73
N GLU B 36 -26.85 -35.60 8.00
CA GLU B 36 -27.68 -36.73 7.58
C GLU B 36 -28.84 -36.92 8.55
N GLU B 37 -28.74 -36.23 9.68
CA GLU B 37 -29.74 -36.25 10.73
C GLU B 37 -30.24 -34.86 11.07
N PRO B 38 -31.40 -34.77 11.75
CA PRO B 38 -31.98 -33.48 12.14
C PRO B 38 -31.04 -32.68 13.03
N VAL B 39 -31.05 -31.36 12.90
CA VAL B 39 -30.20 -30.56 13.77
C VAL B 39 -31.03 -29.41 14.29
N GLU B 40 -30.72 -28.98 15.50
CA GLU B 40 -31.43 -27.87 16.06
C GLU B 40 -30.44 -26.71 16.20
N ILE B 41 -30.65 -25.64 15.43
CA ILE B 41 -29.77 -24.48 15.50
C ILE B 41 -30.42 -23.44 16.38
N GLN B 42 -29.92 -23.33 17.60
CA GLN B 42 -30.44 -22.40 18.59
C GLN B 42 -29.91 -20.98 18.47
N ASN B 43 -30.66 -20.07 19.08
CA ASN B 43 -30.25 -18.68 19.15
C ASN B 43 -30.04 -17.98 17.81
N VAL B 44 -30.95 -18.26 16.88
CA VAL B 44 -30.90 -17.66 15.55
C VAL B 44 -31.75 -16.42 15.53
N PRO B 45 -31.16 -15.29 15.18
CA PRO B 45 -31.89 -14.03 15.11
C PRO B 45 -32.93 -14.04 14.00
N LYS B 46 -33.97 -13.24 14.17
CA LYS B 46 -35.06 -13.10 13.20
C LYS B 46 -34.78 -11.93 12.24
N LEU B 47 -34.07 -12.23 11.16
CA LEU B 47 -33.68 -11.22 10.21
C LEU B 47 -33.99 -11.65 8.78
N LYS B 48 -33.98 -10.70 7.85
CA LYS B 48 -34.23 -10.99 6.46
C LYS B 48 -33.40 -12.17 5.89
N ASP B 49 -32.07 -12.03 5.96
CA ASP B 49 -31.15 -13.06 5.47
C ASP B 49 -31.47 -14.48 5.97
N ILE B 50 -31.95 -14.58 7.21
CA ILE B 50 -32.33 -15.87 7.79
C ILE B 50 -33.54 -16.38 7.02
N ASP B 51 -34.54 -15.51 6.85
CA ASP B 51 -35.74 -15.87 6.10
C ASP B 51 -35.34 -16.37 4.70
N THR B 52 -34.41 -15.65 4.07
CA THR B 52 -33.95 -16.00 2.73
C THR B 52 -33.23 -17.34 2.72
N THR B 53 -32.46 -17.62 3.76
CA THR B 53 -31.75 -18.88 3.84
C THR B 53 -32.71 -20.06 4.04
N MET B 54 -33.63 -19.92 5.00
CA MET B 54 -34.62 -20.98 5.26
C MET B 54 -35.34 -21.35 3.97
N LYS B 55 -35.81 -20.31 3.28
CA LYS B 55 -36.50 -20.49 2.04
C LYS B 55 -35.59 -21.23 1.09
N LEU B 56 -34.35 -20.80 1.01
CA LEU B 56 -33.39 -21.46 0.14
C LEU B 56 -33.22 -22.93 0.52
N LEU B 57 -33.27 -23.19 1.83
CA LEU B 57 -33.13 -24.54 2.32
C LEU B 57 -34.30 -25.44 1.92
N THR B 58 -35.50 -24.91 2.06
CA THR B 58 -36.71 -25.65 1.71
C THR B 58 -36.62 -26.01 0.25
N GLN B 59 -36.14 -25.07 -0.56
CA GLN B 59 -36.01 -25.28 -1.99
C GLN B 59 -35.13 -26.47 -2.34
N LEU B 60 -34.11 -26.72 -1.53
CA LEU B 60 -33.23 -27.84 -1.75
C LEU B 60 -33.78 -29.17 -1.22
N GLY B 61 -35.05 -29.14 -0.82
CA GLY B 61 -35.68 -30.33 -0.29
C GLY B 61 -35.45 -30.53 1.19
N THR B 62 -35.14 -29.45 1.89
CA THR B 62 -34.88 -29.53 3.32
C THR B 62 -36.10 -29.19 4.15
N LYS B 63 -36.35 -29.96 5.21
CA LYS B 63 -37.45 -29.65 6.11
C LYS B 63 -36.91 -28.50 6.98
N VAL B 64 -37.58 -27.36 6.98
CA VAL B 64 -37.08 -26.26 7.76
C VAL B 64 -38.11 -25.65 8.66
N GLU B 65 -37.88 -25.57 9.95
CA GLU B 65 -38.83 -24.82 10.77
C GLU B 65 -38.15 -23.90 11.73
N ARG B 66 -38.91 -23.03 12.35
CA ARG B 66 -38.44 -22.00 13.25
C ARG B 66 -39.47 -21.37 14.13
N IAS B 67 -38.98 -20.75 15.19
CA IAS B 67 -39.78 -20.05 16.16
C IAS B 67 -40.20 -18.66 15.68
O IAS B 67 -39.87 -18.28 14.54
CB IAS B 67 -39.17 -20.05 17.55
CG IAS B 67 -37.79 -19.42 17.57
OD1 IAS B 67 -37.39 -18.70 16.65
OXT IAS B 67 -40.85 -17.94 16.47
N GLY B 68 -37.06 -19.69 18.65
CA GLY B 68 -35.79 -19.04 18.85
C GLY B 68 -34.77 -19.88 18.12
N SER B 69 -35.16 -21.13 17.92
CA SER B 69 -34.33 -22.09 17.22
C SER B 69 -34.78 -22.29 15.78
N VAL B 70 -33.89 -22.82 14.97
CA VAL B 70 -34.24 -23.14 13.59
C VAL B 70 -33.99 -24.64 13.52
N TRP B 71 -35.02 -25.38 13.15
CA TRP B 71 -34.94 -26.82 13.03
C TRP B 71 -34.72 -27.23 11.58
N ILE B 72 -33.65 -27.96 11.33
CA ILE B 72 -33.33 -28.41 10.00
C ILE B 72 -33.19 -29.91 9.88
N ASP B 73 -33.80 -30.45 8.83
CA ASP B 73 -33.78 -31.87 8.54
C ASP B 73 -33.25 -32.05 7.14
N ALA B 74 -31.94 -32.06 6.97
CA ALA B 74 -31.38 -32.20 5.63
C ALA B 74 -31.13 -33.66 5.26
N SER B 75 -31.82 -34.58 5.93
CA SER B 75 -31.63 -36.00 5.62
C SER B 75 -31.87 -36.35 4.15
N ASN B 76 -32.91 -35.74 3.58
CA ASN B 76 -33.29 -35.96 2.19
C ASN B 76 -33.16 -34.78 1.25
N VAL B 77 -31.97 -34.19 1.18
CA VAL B 77 -31.75 -33.08 0.26
C VAL B 77 -31.93 -33.66 -1.13
N ASN B 78 -32.87 -33.07 -1.86
CA ASN B 78 -33.27 -33.50 -3.20
C ASN B 78 -32.77 -32.68 -4.35
N ASN B 79 -33.06 -31.39 -4.30
CA ASN B 79 -32.67 -30.46 -5.33
C ASN B 79 -31.29 -29.87 -5.10
N PHE B 80 -30.60 -29.50 -6.17
CA PHE B 80 -29.25 -28.97 -6.04
C PHE B 80 -29.00 -27.57 -6.58
N SER B 81 -30.07 -26.86 -6.88
CA SER B 81 -29.96 -25.52 -7.42
C SER B 81 -30.55 -24.35 -6.64
N ALA B 82 -29.80 -23.26 -6.55
CA ALA B 82 -30.25 -22.04 -5.86
C ALA B 82 -30.40 -21.04 -7.00
N PRO B 83 -31.61 -20.88 -7.53
CA PRO B 83 -31.95 -19.98 -8.64
C PRO B 83 -31.88 -18.48 -8.37
N TYR B 84 -31.71 -17.72 -9.45
CA TYR B 84 -31.65 -16.26 -9.39
C TYR B 84 -32.60 -15.65 -8.36
N ASP B 85 -33.85 -16.11 -8.40
CA ASP B 85 -34.86 -15.64 -7.48
C ASP B 85 -34.56 -15.73 -6.01
N LEU B 86 -34.30 -16.95 -5.55
CA LEU B 86 -33.99 -17.17 -4.14
C LEU B 86 -32.67 -16.63 -3.61
N VAL B 87 -31.88 -15.96 -4.47
CA VAL B 87 -30.57 -15.45 -4.05
C VAL B 87 -30.18 -14.05 -4.52
N LYS B 88 -31.02 -13.40 -5.31
CA LYS B 88 -30.68 -12.06 -5.77
C LYS B 88 -30.35 -11.09 -4.63
N THR B 89 -31.08 -11.20 -3.53
CA THR B 89 -30.87 -10.32 -2.38
C THR B 89 -29.89 -10.84 -1.33
N MET B 90 -29.26 -11.99 -1.60
CA MET B 90 -28.35 -12.55 -0.61
C MET B 90 -27.02 -13.18 -1.01
N ARG B 91 -25.96 -12.39 -0.99
CA ARG B 91 -24.65 -12.91 -1.36
C ARG B 91 -24.15 -14.21 -0.69
N ALA B 92 -24.59 -14.43 0.55
CA ALA B 92 -24.19 -15.60 1.32
C ALA B 92 -24.72 -16.93 0.76
N SER B 93 -25.57 -16.85 -0.26
CA SER B 93 -26.10 -18.04 -0.92
C SER B 93 -24.98 -18.95 -1.38
N ILE B 94 -23.86 -18.33 -1.75
CA ILE B 94 -22.70 -19.05 -2.23
C ILE B 94 -22.38 -20.18 -1.26
N TRP B 95 -22.67 -20.01 0.03
CA TRP B 95 -22.41 -21.05 1.05
C TRP B 95 -23.09 -22.38 0.83
N ALA B 96 -24.10 -22.40 -0.01
CA ALA B 96 -24.82 -23.63 -0.31
C ALA B 96 -23.94 -24.53 -1.17
N LEU B 97 -23.17 -23.88 -2.05
CA LEU B 97 -22.29 -24.59 -2.96
C LEU B 97 -21.42 -25.69 -2.36
N GLY B 98 -20.64 -25.33 -1.35
CA GLY B 98 -19.77 -26.29 -0.71
C GLY B 98 -20.47 -27.54 -0.24
N PRO B 99 -21.30 -27.44 0.80
CA PRO B 99 -22.04 -28.56 1.35
C PRO B 99 -22.62 -29.47 0.27
N LEU B 100 -23.26 -28.89 -0.74
CA LEU B 100 -23.87 -29.65 -1.85
C LEU B 100 -22.93 -30.55 -2.65
N VAL B 101 -21.76 -30.05 -3.00
CA VAL B 101 -20.84 -30.87 -3.79
C VAL B 101 -20.05 -31.84 -2.91
N ALA B 102 -19.90 -31.53 -1.63
CA ALA B 102 -19.16 -32.42 -0.74
C ALA B 102 -20.00 -33.62 -0.31
N ARG B 103 -21.28 -33.38 -0.13
CA ARG B 103 -22.23 -34.40 0.28
C ARG B 103 -23.03 -35.08 -0.85
N PHE B 104 -23.31 -34.34 -1.91
CA PHE B 104 -24.07 -34.89 -3.04
C PHE B 104 -23.34 -35.05 -4.36
N GLY B 105 -22.17 -34.44 -4.48
CA GLY B 105 -21.39 -34.53 -5.70
C GLY B 105 -21.75 -33.50 -6.74
N GLN B 106 -22.81 -32.73 -6.49
CA GLN B 106 -23.26 -31.73 -7.45
C GLN B 106 -23.93 -30.56 -6.76
N GLY B 107 -23.80 -29.39 -7.35
CA GLY B 107 -24.40 -28.22 -6.76
C GLY B 107 -24.22 -27.02 -7.65
N GLN B 108 -25.16 -26.10 -7.57
CA GLN B 108 -25.10 -24.88 -8.33
C GLN B 108 -25.80 -23.73 -7.62
N VAL B 109 -25.27 -22.53 -7.79
CA VAL B 109 -25.80 -21.32 -7.18
C VAL B 109 -25.81 -20.18 -8.19
N SER B 110 -26.93 -19.48 -8.24
CA SER B 110 -27.05 -18.38 -9.16
C SER B 110 -26.08 -17.22 -8.89
N LEU B 111 -25.52 -16.62 -9.91
CA LEU B 111 -24.61 -15.52 -9.68
C LEU B 111 -25.05 -14.25 -10.35
N PRO B 112 -25.21 -13.18 -9.58
CA PRO B 112 -25.60 -11.89 -10.13
C PRO B 112 -24.59 -11.30 -11.07
N GLY B 113 -23.34 -11.40 -10.68
CA GLY B 113 -22.20 -10.88 -11.41
C GLY B 113 -22.28 -9.43 -11.72
N GLY B 114 -21.87 -9.08 -12.93
CA GLY B 114 -21.97 -7.73 -13.44
C GLY B 114 -20.73 -6.88 -13.43
N CYS B 115 -20.17 -6.73 -14.61
CA CYS B 115 -19.07 -5.80 -14.92
C CYS B 115 -17.64 -6.07 -14.48
N ALA B 116 -17.38 -6.13 -13.20
CA ALA B 116 -16.01 -6.21 -12.76
C ALA B 116 -15.48 -7.62 -12.64
N ILE B 117 -14.18 -7.70 -12.79
CA ILE B 117 -13.40 -8.89 -12.70
C ILE B 117 -12.12 -8.66 -11.91
N GLY B 118 -11.67 -9.72 -11.26
CA GLY B 118 -10.49 -9.73 -10.43
C GLY B 118 -10.75 -9.50 -8.97
N ALA B 119 -11.92 -9.01 -8.65
CA ALA B 119 -12.20 -8.74 -7.27
C ALA B 119 -13.32 -9.60 -6.73
N ARG B 120 -14.12 -10.18 -7.60
CA ARG B 120 -15.39 -10.76 -7.25
C ARG B 120 -15.17 -11.76 -6.16
N PRO B 121 -15.97 -11.61 -5.11
CA PRO B 121 -15.81 -12.33 -3.85
C PRO B 121 -15.91 -13.82 -4.01
N VAL B 122 -16.74 -14.25 -4.94
CA VAL B 122 -17.01 -15.64 -5.17
C VAL B 122 -15.78 -16.38 -5.61
N ASP B 123 -14.88 -15.65 -6.21
CA ASP B 123 -13.64 -16.24 -6.70
C ASP B 123 -12.93 -17.20 -5.77
N LEU B 124 -12.67 -16.73 -4.55
CA LEU B 124 -12.01 -17.55 -3.55
C LEU B 124 -12.67 -18.90 -3.32
N HIS B 125 -14.00 -18.89 -3.36
CA HIS B 125 -14.79 -20.10 -3.19
C HIS B 125 -14.53 -21.10 -4.33
N ILE B 126 -14.65 -20.63 -5.56
CA ILE B 126 -14.43 -21.48 -6.71
C ILE B 126 -13.06 -22.09 -6.64
N PHE B 127 -12.06 -21.24 -6.57
CA PHE B 127 -10.70 -21.75 -6.49
C PHE B 127 -10.52 -22.71 -5.32
N GLY B 128 -11.17 -22.37 -4.20
CA GLY B 128 -11.07 -23.21 -3.04
C GLY B 128 -11.66 -24.56 -3.40
N LEU B 129 -12.91 -24.56 -3.85
CA LEU B 129 -13.56 -25.82 -4.22
C LEU B 129 -12.80 -26.65 -5.27
N GLU B 130 -12.11 -25.96 -6.18
CA GLU B 130 -11.32 -26.62 -7.21
C GLU B 130 -10.15 -27.32 -6.58
N LYS B 131 -9.55 -26.64 -5.60
CA LYS B 131 -8.45 -27.19 -4.83
C LYS B 131 -8.82 -28.53 -4.20
N LEU B 132 -10.07 -28.64 -3.78
CA LEU B 132 -10.61 -29.86 -3.18
C LEU B 132 -10.97 -30.94 -4.22
N GLY B 133 -10.67 -30.65 -5.48
CA GLY B 133 -10.93 -31.62 -6.54
C GLY B 133 -12.24 -31.46 -7.27
N ALA B 134 -13.02 -30.45 -6.93
CA ALA B 134 -14.30 -30.24 -7.60
C ALA B 134 -14.11 -29.68 -8.98
N GLU B 135 -15.00 -30.07 -9.88
CA GLU B 135 -15.02 -29.53 -11.22
C GLU B 135 -15.89 -28.27 -11.11
N ILE B 136 -15.43 -27.16 -11.66
CA ILE B 136 -16.22 -25.96 -11.57
C ILE B 136 -16.63 -25.43 -12.93
N LYS B 137 -17.93 -25.26 -13.12
CA LYS B 137 -18.42 -24.72 -14.36
C LYS B 137 -19.06 -23.36 -14.23
N LEU B 138 -18.61 -22.41 -15.05
CA LEU B 138 -19.18 -21.06 -15.05
C LEU B 138 -20.03 -20.99 -16.30
N GLU B 139 -21.31 -21.27 -16.12
CA GLU B 139 -22.27 -21.31 -17.23
C GLU B 139 -23.70 -20.93 -16.85
N GLU B 140 -24.30 -20.06 -17.67
CA GLU B 140 -25.67 -19.64 -17.42
C GLU B 140 -25.85 -18.67 -16.23
N GLY B 141 -24.79 -17.93 -15.90
CA GLY B 141 -24.86 -16.99 -14.78
C GLY B 141 -24.85 -17.78 -13.49
N TYR B 142 -24.65 -19.08 -13.65
CA TYR B 142 -24.58 -20.04 -12.57
C TYR B 142 -23.14 -20.44 -12.29
N VAL B 143 -22.86 -20.78 -11.04
CA VAL B 143 -21.55 -21.30 -10.68
C VAL B 143 -21.89 -22.76 -10.36
N LYS B 144 -21.28 -23.69 -11.10
CA LYS B 144 -21.54 -25.11 -10.86
C LYS B 144 -20.35 -25.88 -10.36
N ALA B 145 -20.61 -26.76 -9.40
CA ALA B 145 -19.57 -27.59 -8.82
C ALA B 145 -20.01 -29.05 -8.82
N SER B 146 -19.10 -29.92 -9.18
CA SER B 146 -19.43 -31.32 -9.13
C SER B 146 -18.18 -32.13 -8.92
N VAL B 147 -18.37 -33.36 -8.48
CA VAL B 147 -17.28 -34.26 -8.28
C VAL B 147 -17.80 -35.70 -8.29
N ASN B 148 -17.07 -36.56 -8.97
CA ASN B 148 -17.42 -37.96 -9.01
C ASN B 148 -16.79 -38.54 -7.77
N GLY B 149 -17.61 -38.94 -6.80
CA GLY B 149 -17.10 -39.49 -5.56
C GLY B 149 -16.89 -38.38 -4.54
N ARG B 150 -16.12 -38.68 -3.50
CA ARG B 150 -15.83 -37.70 -2.46
C ARG B 150 -14.79 -36.67 -2.90
N LEU B 151 -14.85 -35.50 -2.26
CA LEU B 151 -13.86 -34.46 -2.52
C LEU B 151 -12.55 -35.00 -1.99
N LYS B 152 -11.47 -34.35 -2.37
CA LYS B 152 -10.14 -34.78 -1.95
C LYS B 152 -9.46 -33.78 -1.03
N GLY B 153 -9.10 -34.20 0.19
CA GLY B 153 -8.43 -33.29 1.10
C GLY B 153 -7.25 -32.59 0.44
N ALA B 154 -7.02 -31.33 0.76
CA ALA B 154 -5.89 -30.63 0.13
C ALA B 154 -5.28 -29.56 1.04
N HIS B 155 -4.02 -29.21 0.76
CA HIS B 155 -3.29 -28.19 1.52
C HIS B 155 -3.48 -26.90 0.74
N ILE B 156 -4.35 -26.04 1.24
CA ILE B 156 -4.65 -24.80 0.55
C ILE B 156 -4.05 -23.56 1.21
N VAL B 157 -3.36 -22.77 0.40
CA VAL B 157 -2.76 -21.54 0.90
C VAL B 157 -3.57 -20.35 0.37
N MET B 158 -4.31 -19.69 1.25
CA MET B 158 -5.11 -18.52 0.88
C MET B 158 -4.37 -17.19 0.77
N ASP B 159 -4.29 -16.63 -0.42
CA ASP B 159 -3.61 -15.35 -0.60
C ASP B 159 -4.24 -14.23 0.23
N LYS B 160 -5.55 -14.10 0.11
CA LYS B 160 -6.30 -13.10 0.86
C LYS B 160 -7.17 -13.72 1.94
N VAL B 161 -7.14 -13.15 3.14
CA VAL B 161 -7.96 -13.64 4.24
C VAL B 161 -9.43 -13.55 3.82
N SER B 162 -10.10 -14.70 3.71
CA SER B 162 -11.51 -14.74 3.32
C SER B 162 -12.47 -15.51 4.23
N VAL B 163 -13.31 -14.78 4.95
CA VAL B 163 -14.28 -15.40 5.85
C VAL B 163 -15.18 -16.32 5.05
N GLY B 164 -15.69 -15.79 3.96
CA GLY B 164 -16.58 -16.54 3.09
C GLY B 164 -15.96 -17.83 2.58
N ALA B 165 -14.78 -17.72 2.00
CA ALA B 165 -14.12 -18.89 1.44
C ALA B 165 -13.60 -19.83 2.52
N THR B 166 -13.24 -19.28 3.67
CA THR B 166 -12.76 -20.12 4.77
C THR B 166 -13.89 -21.06 5.14
N VAL B 167 -15.10 -20.54 5.25
CA VAL B 167 -16.26 -21.36 5.56
C VAL B 167 -16.50 -22.38 4.43
N THR B 168 -16.51 -21.91 3.18
CA THR B 168 -16.73 -22.82 2.09
C THR B 168 -15.73 -23.97 2.08
N ILE B 169 -14.44 -23.63 2.11
CA ILE B 169 -13.40 -24.66 2.07
C ILE B 169 -13.48 -25.59 3.26
N MET B 170 -13.65 -25.01 4.45
CA MET B 170 -13.77 -25.76 5.70
C MET B 170 -14.98 -26.69 5.72
N SER B 171 -16.14 -26.17 5.32
CA SER B 171 -17.36 -26.93 5.26
C SER B 171 -17.27 -28.15 4.35
N ALA B 172 -16.74 -27.96 3.15
CA ALA B 172 -16.63 -29.04 2.17
C ALA B 172 -15.55 -30.04 2.53
N ALA B 173 -14.52 -29.56 3.22
CA ALA B 173 -13.43 -30.44 3.61
C ALA B 173 -13.86 -31.49 4.61
N THR B 174 -14.94 -31.25 5.35
CA THR B 174 -15.36 -32.23 6.34
C THR B 174 -15.74 -33.58 5.74
N LEU B 175 -16.22 -33.59 4.50
CA LEU B 175 -16.59 -34.84 3.83
C LEU B 175 -15.52 -35.33 2.89
N ALA B 176 -14.47 -34.54 2.72
CA ALA B 176 -13.43 -34.92 1.81
C ALA B 176 -12.64 -36.13 2.26
N GLU B 177 -11.96 -36.71 1.29
CA GLU B 177 -11.14 -37.87 1.53
C GLU B 177 -9.81 -37.40 2.09
N GLY B 178 -9.55 -37.69 3.36
CA GLY B 178 -8.26 -37.29 3.90
C GLY B 178 -8.14 -35.97 4.64
N THR B 179 -6.96 -35.37 4.56
CA THR B 179 -6.69 -34.13 5.27
C THR B 179 -6.64 -32.86 4.43
N THR B 180 -7.25 -31.80 4.96
CA THR B 180 -7.29 -30.49 4.32
C THR B 180 -6.72 -29.46 5.29
N ILE B 181 -5.83 -28.61 4.79
CA ILE B 181 -5.23 -27.57 5.62
C ILE B 181 -5.42 -26.23 4.92
N ILE B 182 -5.90 -25.26 5.69
CA ILE B 182 -6.15 -23.91 5.19
C ILE B 182 -5.14 -22.93 5.76
N GLU B 183 -4.15 -22.57 4.96
CA GLU B 183 -3.13 -21.61 5.40
C GLU B 183 -3.75 -20.23 5.36
N ASN B 184 -3.50 -19.44 6.40
CA ASN B 184 -4.01 -18.09 6.40
C ASN B 184 -5.55 -17.96 6.42
N ALA B 185 -6.18 -18.76 7.28
CA ALA B 185 -7.63 -18.77 7.41
C ALA B 185 -8.16 -17.56 8.16
N ALA B 186 -9.43 -17.27 7.96
CA ALA B 186 -10.06 -16.17 8.64
C ALA B 186 -10.15 -16.61 10.10
N ARG B 187 -9.79 -15.72 11.01
CA ARG B 187 -9.81 -16.02 12.43
C ARG B 187 -11.14 -15.69 13.09
N GLU B 188 -12.03 -15.09 12.30
CA GLU B 188 -13.35 -14.69 12.78
C GLU B 188 -14.11 -15.61 13.77
N PRO B 189 -14.70 -15.03 14.83
CA PRO B 189 -15.43 -15.83 15.83
C PRO B 189 -16.60 -16.59 15.22
N GLU B 190 -17.05 -16.12 14.06
CA GLU B 190 -18.11 -16.76 13.31
C GLU B 190 -17.57 -18.05 12.68
N ILE B 191 -16.30 -18.02 12.28
CA ILE B 191 -15.60 -19.17 11.71
C ILE B 191 -15.49 -20.25 12.79
N VAL B 192 -15.06 -19.86 13.99
CA VAL B 192 -14.89 -20.76 15.12
C VAL B 192 -16.22 -21.37 15.47
N ASP B 193 -17.29 -20.57 15.36
CA ASP B 193 -18.63 -21.05 15.67
C ASP B 193 -19.05 -22.09 14.65
N THR B 194 -18.88 -21.77 13.37
CA THR B 194 -19.23 -22.72 12.32
C THR B 194 -18.45 -24.02 12.51
N ALA B 195 -17.14 -23.88 12.74
CA ALA B 195 -16.26 -25.01 12.98
C ALA B 195 -16.78 -25.82 14.15
N ASN B 196 -17.12 -25.14 15.25
CA ASN B 196 -17.65 -25.87 16.40
C ASN B 196 -18.90 -26.66 16.07
N PHE B 197 -19.72 -26.05 15.21
CA PHE B 197 -20.95 -26.63 14.71
C PHE B 197 -20.57 -27.90 13.97
N LEU B 198 -19.58 -27.79 13.10
CA LEU B 198 -19.14 -28.95 12.35
C LEU B 198 -18.71 -30.08 13.28
N VAL B 199 -17.83 -29.74 14.23
CA VAL B 199 -17.35 -30.70 15.20
C VAL B 199 -18.55 -31.33 15.86
N ALA B 200 -19.45 -30.49 16.37
CA ALA B 200 -20.65 -31.00 17.02
C ALA B 200 -21.35 -32.11 16.20
N LEU B 201 -21.26 -32.05 14.88
CA LEU B 201 -21.88 -33.05 14.00
C LEU B 201 -20.99 -34.27 13.82
N GLY B 202 -19.73 -34.15 14.21
CA GLY B 202 -18.80 -35.26 14.07
C GLY B 202 -17.69 -34.95 13.10
N ALA B 203 -17.46 -33.67 12.83
CA ALA B 203 -16.40 -33.29 11.90
C ALA B 203 -15.09 -33.25 12.66
N LYS B 204 -14.00 -33.34 11.91
CA LYS B 204 -12.66 -33.30 12.48
C LYS B 204 -11.96 -32.01 12.12
N ILE B 205 -12.15 -31.01 12.99
CA ILE B 205 -11.61 -29.69 12.78
C ILE B 205 -10.79 -29.15 13.95
N SER B 206 -9.63 -28.57 13.62
CA SER B 206 -8.77 -27.96 14.61
C SER B 206 -8.07 -26.71 14.11
N GLY B 207 -7.88 -25.75 14.99
CA GLY B 207 -7.20 -24.53 14.59
C GLY B 207 -8.19 -23.42 14.38
N GLN B 208 -9.48 -23.75 14.33
CA GLN B 208 -10.46 -22.70 14.15
C GLN B 208 -10.09 -21.60 15.09
N GLY B 209 -10.06 -20.37 14.57
CA GLY B 209 -9.73 -19.24 15.40
C GLY B 209 -8.33 -18.76 15.11
N THR B 210 -7.47 -19.67 14.70
CA THR B 210 -6.10 -19.33 14.38
C THR B 210 -6.01 -19.24 12.87
N ASP B 211 -4.85 -18.86 12.37
CA ASP B 211 -4.67 -18.75 10.93
C ASP B 211 -4.44 -20.07 10.21
N ARG B 212 -4.59 -21.18 10.93
CA ARG B 212 -4.35 -22.47 10.30
C ARG B 212 -5.36 -23.51 10.69
N ILE B 213 -6.28 -23.81 9.77
CA ILE B 213 -7.33 -24.80 10.07
C ILE B 213 -7.06 -26.15 9.44
N THR B 214 -7.12 -27.19 10.25
CA THR B 214 -6.89 -28.55 9.76
C THR B 214 -8.20 -29.30 9.77
N ILE B 215 -8.55 -29.89 8.63
CA ILE B 215 -9.78 -30.65 8.52
C ILE B 215 -9.49 -32.09 8.13
N GLU B 216 -10.08 -33.02 8.87
CA GLU B 216 -9.93 -34.43 8.56
C GLU B 216 -11.26 -35.03 8.11
N GLY B 217 -11.32 -35.43 6.85
CA GLY B 217 -12.56 -35.98 6.35
C GLY B 217 -13.10 -37.16 7.14
N VAL B 218 -14.42 -37.18 7.29
CA VAL B 218 -15.10 -38.28 7.96
C VAL B 218 -16.12 -38.71 6.91
N GLU B 219 -16.69 -39.89 7.06
CA GLU B 219 -17.71 -40.35 6.16
C GLU B 219 -19.04 -39.59 6.17
N ARG B 220 -19.51 -39.15 7.30
CA ARG B 220 -20.77 -38.49 7.33
C ARG B 220 -20.90 -37.63 8.55
N LEU B 221 -21.84 -36.72 8.55
CA LEU B 221 -22.16 -35.93 9.71
C LEU B 221 -23.59 -36.16 10.20
N GLY B 222 -23.78 -36.08 11.49
CA GLY B 222 -25.04 -36.41 12.04
C GLY B 222 -25.98 -35.30 12.32
N GLY B 223 -26.26 -35.05 13.55
CA GLY B 223 -27.38 -34.23 13.87
C GLY B 223 -27.01 -33.72 15.19
N GLY B 224 -27.85 -32.92 15.77
CA GLY B 224 -27.58 -32.55 17.09
C GLY B 224 -28.12 -31.22 17.32
N VAL B 225 -27.71 -30.71 18.43
CA VAL B 225 -28.13 -29.38 18.78
C VAL B 225 -26.92 -28.48 18.90
N TYR B 226 -27.11 -27.23 18.54
CA TYR B 226 -26.03 -26.26 18.58
C TYR B 226 -26.51 -24.83 18.78
N ARG B 227 -25.94 -24.15 19.75
CA ARG B 227 -26.32 -22.76 20.02
C ARG B 227 -25.40 -21.76 19.29
N VAL B 228 -25.96 -20.91 18.44
CA VAL B 228 -25.13 -19.94 17.73
C VAL B 228 -24.58 -18.94 18.73
N LEU B 229 -23.35 -18.46 18.47
CA LEU B 229 -22.71 -17.47 19.34
C LEU B 229 -23.37 -16.10 19.34
N PRO B 230 -23.19 -15.34 20.42
CA PRO B 230 -23.80 -14.01 20.50
C PRO B 230 -23.22 -13.05 19.45
N ASP B 231 -24.04 -12.11 19.02
CA ASP B 231 -23.64 -11.11 18.05
C ASP B 231 -22.71 -10.10 18.73
N ARG B 232 -21.42 -10.17 18.42
CA ARG B 232 -20.43 -9.27 19.00
C ARG B 232 -20.58 -7.80 18.65
N ILE B 233 -21.07 -7.53 17.45
CA ILE B 233 -21.25 -6.15 17.04
C ILE B 233 -22.43 -5.55 17.79
N GLU B 234 -23.54 -6.29 17.83
CA GLU B 234 -24.73 -5.83 18.55
C GLU B 234 -24.31 -5.51 19.99
N THR B 235 -23.64 -6.47 20.62
CA THR B 235 -23.16 -6.31 21.98
C THR B 235 -22.34 -5.03 22.02
N GLY B 236 -21.38 -4.92 21.10
CA GLY B 236 -20.55 -3.73 21.09
C GLY B 236 -21.36 -2.46 20.95
N THR B 237 -22.33 -2.48 20.05
CA THR B 237 -23.17 -1.31 19.82
C THR B 237 -23.92 -0.91 21.08
N PHE B 238 -24.39 -1.90 21.83
CA PHE B 238 -25.10 -1.65 23.09
C PHE B 238 -24.18 -1.12 24.19
N LEU B 239 -22.95 -1.60 24.19
CA LEU B 239 -21.95 -1.14 25.14
C LEU B 239 -21.70 0.34 24.87
N VAL B 240 -21.54 0.66 23.58
CA VAL B 240 -21.28 2.03 23.16
C VAL B 240 -22.43 2.94 23.51
N ALA B 241 -23.66 2.43 23.36
CA ALA B 241 -24.85 3.20 23.69
C ALA B 241 -24.75 3.63 25.16
N ALA B 242 -24.26 2.74 26.01
CA ALA B 242 -24.13 3.08 27.41
C ALA B 242 -22.93 4.01 27.60
N ALA B 243 -21.80 3.64 27.00
CA ALA B 243 -20.59 4.42 27.16
C ALA B 243 -20.73 5.88 26.79
N ILE B 244 -21.70 6.22 25.94
CA ILE B 244 -21.86 7.60 25.49
C ILE B 244 -23.02 8.33 26.11
N SER B 245 -23.78 7.64 26.95
CA SER B 245 -24.94 8.24 27.58
C SER B 245 -24.78 8.34 29.08
N GLY B 246 -23.59 8.02 29.56
CA GLY B 246 -23.31 8.06 30.98
C GLY B 246 -24.02 6.94 31.69
N GLY B 247 -24.56 6.02 30.91
CA GLY B 247 -25.30 4.93 31.49
C GLY B 247 -24.54 3.74 32.03
N LYS B 248 -25.34 2.80 32.51
CA LYS B 248 -24.89 1.55 33.07
C LYS B 248 -25.75 0.52 32.35
N ILE B 249 -25.12 -0.50 31.77
CA ILE B 249 -25.89 -1.51 31.07
C ILE B 249 -25.32 -2.87 31.29
N VAL B 250 -26.20 -3.86 31.36
CA VAL B 250 -25.72 -5.21 31.51
C VAL B 250 -26.13 -5.95 30.25
N CYS B 251 -25.18 -6.55 29.57
CA CYS B 251 -25.47 -7.29 28.35
C CYS B 251 -25.64 -8.76 28.65
N ARG B 252 -26.85 -9.28 28.50
CA ARG B 252 -27.10 -10.70 28.73
C ARG B 252 -26.94 -11.53 27.46
N ASN B 253 -26.50 -12.78 27.62
CA ASN B 253 -26.31 -13.66 26.46
C ASN B 253 -25.15 -13.21 25.61
N ALA B 254 -24.08 -12.80 26.27
CA ALA B 254 -22.90 -12.33 25.58
C ALA B 254 -21.72 -13.30 25.65
N GLN B 255 -20.66 -12.96 24.95
CA GLN B 255 -19.45 -13.77 24.93
C GLN B 255 -18.24 -12.82 24.93
N PRO B 256 -17.72 -12.47 26.12
CA PRO B 256 -16.58 -11.56 26.28
C PRO B 256 -15.33 -11.86 25.46
N ASP B 257 -15.00 -13.13 25.24
CA ASP B 257 -13.82 -13.42 24.45
C ASP B 257 -13.82 -12.92 23.02
N THR B 258 -15.01 -12.73 22.49
CA THR B 258 -15.19 -12.26 21.13
C THR B 258 -15.08 -10.75 21.06
N LEU B 259 -14.84 -10.13 22.21
CA LEU B 259 -14.74 -8.69 22.29
C LEU B 259 -13.49 -8.09 22.89
N ASP B 260 -12.40 -8.85 22.95
CA ASP B 260 -11.18 -8.31 23.53
C ASP B 260 -10.79 -6.86 23.22
N ALA B 261 -10.51 -6.60 21.95
CA ALA B 261 -10.12 -5.28 21.51
C ALA B 261 -11.16 -4.23 21.86
N VAL B 262 -12.43 -4.53 21.61
CA VAL B 262 -13.50 -3.59 21.91
C VAL B 262 -13.58 -3.34 23.43
N LEU B 263 -13.49 -4.39 24.24
CA LEU B 263 -13.54 -4.20 25.69
C LEU B 263 -12.37 -3.32 26.17
N ALA B 264 -11.21 -3.57 25.58
CA ALA B 264 -10.00 -2.83 25.94
C ALA B 264 -10.15 -1.38 25.55
N LYS B 265 -10.77 -1.14 24.40
CA LYS B 265 -10.95 0.22 23.94
C LYS B 265 -11.89 0.95 24.90
N LEU B 266 -13.08 0.37 25.11
CA LEU B 266 -14.04 0.94 26.04
C LEU B 266 -13.38 1.39 27.34
N ARG B 267 -12.51 0.54 27.91
CA ARG B 267 -11.84 0.88 29.15
C ARG B 267 -10.98 2.14 29.01
N GLU B 268 -10.41 2.30 27.83
CA GLU B 268 -9.60 3.46 27.53
C GLU B 268 -10.49 4.70 27.59
N ALA B 269 -11.77 4.51 27.24
CA ALA B 269 -12.72 5.61 27.23
C ALA B 269 -13.28 5.88 28.62
N GLY B 270 -12.80 5.12 29.60
CA GLY B 270 -13.24 5.34 30.97
C GLY B 270 -14.41 4.52 31.46
N ALA B 271 -14.69 3.39 30.82
CA ALA B 271 -15.80 2.55 31.25
C ALA B 271 -15.37 1.57 32.34
N ASP B 272 -16.23 1.42 33.34
CA ASP B 272 -15.99 0.47 34.42
C ASP B 272 -16.58 -0.81 33.86
N ILE B 273 -15.73 -1.73 33.44
CA ILE B 273 -16.25 -2.94 32.84
C ILE B 273 -16.05 -4.21 33.60
N GLU B 274 -17.10 -5.00 33.62
CA GLU B 274 -17.13 -6.27 34.30
C GLU B 274 -17.70 -7.40 33.44
N THR B 275 -17.06 -8.56 33.47
CA THR B 275 -17.53 -9.67 32.65
C THR B 275 -17.80 -10.96 33.40
N GLY B 276 -18.61 -11.81 32.77
CA GLY B 276 -18.93 -13.10 33.32
C GLY B 276 -18.71 -14.10 32.20
N GLU B 277 -19.34 -15.26 32.29
CA GLU B 277 -19.21 -16.27 31.25
C GLU B 277 -20.14 -15.93 30.10
N ASP B 278 -21.30 -15.40 30.48
CA ASP B 278 -22.34 -15.06 29.53
C ASP B 278 -22.90 -13.64 29.61
N TRP B 279 -22.20 -12.79 30.35
CA TRP B 279 -22.62 -11.41 30.50
C TRP B 279 -21.48 -10.39 30.44
N ILE B 280 -21.84 -9.13 30.24
CA ILE B 280 -20.88 -8.05 30.20
C ILE B 280 -21.59 -6.83 30.72
N SER B 281 -21.01 -6.22 31.75
CA SER B 281 -21.56 -5.02 32.35
C SER B 281 -20.69 -3.82 32.02
N LEU B 282 -21.32 -2.68 31.79
CA LEU B 282 -20.58 -1.48 31.49
C LEU B 282 -21.12 -0.30 32.29
N ASP B 283 -20.23 0.34 33.04
CA ASP B 283 -20.64 1.47 33.87
C ASP B 283 -19.84 2.74 33.64
N MET B 284 -20.52 3.76 33.12
CA MET B 284 -19.91 5.06 32.87
C MET B 284 -19.90 5.97 34.11
N HIS B 285 -20.67 5.59 35.13
CA HIS B 285 -20.75 6.37 36.36
C HIS B 285 -21.10 7.83 36.05
N GLY B 286 -22.08 8.03 35.19
CA GLY B 286 -22.48 9.36 34.84
C GLY B 286 -21.39 10.08 34.08
N LYS B 287 -20.24 9.43 33.93
CA LYS B 287 -19.13 10.04 33.22
C LYS B 287 -19.07 10.08 31.71
N ARG B 288 -18.64 11.22 31.19
CA ARG B 288 -18.49 11.39 29.75
C ARG B 288 -17.32 10.51 29.32
N PRO B 289 -17.34 10.02 28.07
CA PRO B 289 -16.22 9.17 27.68
C PRO B 289 -14.93 9.92 27.33
N LYS B 290 -13.79 9.28 27.61
CA LYS B 290 -12.50 9.85 27.29
C LYS B 290 -12.17 9.47 25.84
N ALA B 291 -11.68 10.43 25.06
CA ALA B 291 -11.34 10.19 23.68
C ALA B 291 -10.39 9.02 23.54
N VAL B 292 -10.58 8.19 22.52
CA VAL B 292 -9.70 7.07 22.33
C VAL B 292 -9.12 7.03 20.90
N THR B 293 -8.09 6.21 20.74
CA THR B 293 -7.39 6.03 19.47
C THR B 293 -7.75 4.65 18.94
N VAL B 294 -8.37 4.64 17.77
CA VAL B 294 -8.81 3.41 17.16
C VAL B 294 -8.18 3.13 15.81
N ARG B 295 -7.67 1.90 15.67
CA ARG B 295 -7.08 1.42 14.43
C ARG B 295 -7.71 0.07 14.10
N THR B 296 -8.56 0.03 13.07
CA THR B 296 -9.19 -1.22 12.70
C THR B 296 -8.11 -2.17 12.19
N ALA B 297 -8.45 -3.44 12.19
CA ALA B 297 -7.50 -4.45 11.77
C ALA B 297 -8.22 -5.79 11.88
N PRO B 298 -7.71 -6.82 11.21
CA PRO B 298 -8.31 -8.16 11.23
C PRO B 298 -8.46 -8.76 12.62
N HIS B 299 -9.53 -9.52 12.80
CA HIS B 299 -9.81 -10.18 14.05
C HIS B 299 -8.58 -10.97 14.48
N PRO B 300 -8.32 -11.08 15.79
CA PRO B 300 -9.03 -10.57 16.97
C PRO B 300 -8.74 -9.13 17.37
N ALA B 301 -8.28 -8.33 16.43
CA ALA B 301 -8.00 -6.93 16.74
C ALA B 301 -9.26 -6.07 16.54
N PHE B 302 -9.14 -4.78 16.79
CA PHE B 302 -10.27 -3.88 16.63
C PHE B 302 -11.05 -4.04 15.33
N PRO B 303 -12.33 -4.46 15.43
CA PRO B 303 -13.25 -4.69 14.31
C PRO B 303 -13.81 -3.46 13.59
N THR B 304 -13.68 -3.48 12.27
CA THR B 304 -14.16 -2.38 11.45
C THR B 304 -15.68 -2.18 11.61
N ASP B 305 -16.40 -3.22 12.02
CA ASP B 305 -17.86 -3.07 12.19
C ASP B 305 -18.25 -2.30 13.44
N MET B 306 -17.24 -1.97 14.24
CA MET B 306 -17.41 -1.22 15.47
C MET B 306 -16.93 0.21 15.24
N GLN B 307 -16.36 0.43 14.06
CA GLN B 307 -15.80 1.70 13.64
C GLN B 307 -16.68 2.95 13.66
N ALA B 308 -17.89 2.83 13.12
CA ALA B 308 -18.82 3.93 13.11
C ALA B 308 -19.22 4.24 14.56
N GLN B 309 -19.55 3.19 15.30
CA GLN B 309 -19.92 3.36 16.69
C GLN B 309 -18.84 4.12 17.46
N PHE B 310 -17.59 3.63 17.37
CA PHE B 310 -16.49 4.29 18.07
C PHE B 310 -16.24 5.72 17.66
N THR B 311 -16.54 6.01 16.40
CA THR B 311 -16.37 7.36 15.89
C THR B 311 -17.37 8.20 16.69
N LEU B 312 -18.58 7.66 16.87
CA LEU B 312 -19.61 8.36 17.64
C LEU B 312 -19.10 8.68 19.02
N LEU B 313 -18.51 7.69 19.66
CA LEU B 313 -17.95 7.83 21.00
C LEU B 313 -16.98 9.00 21.05
N ASN B 314 -16.03 9.00 20.12
CA ASN B 314 -15.06 10.09 20.05
C ASN B 314 -15.68 11.46 19.93
N LEU B 315 -16.60 11.59 18.98
CA LEU B 315 -17.26 12.86 18.73
C LEU B 315 -17.95 13.49 19.94
N VAL B 316 -18.21 12.69 20.97
CA VAL B 316 -18.85 13.21 22.19
C VAL B 316 -17.96 12.98 23.38
N ALA B 317 -16.74 12.54 23.09
CA ALA B 317 -15.75 12.27 24.13
C ALA B 317 -14.97 13.49 24.59
N GLU B 318 -14.36 13.37 25.76
CA GLU B 318 -13.54 14.45 26.28
C GLU B 318 -12.23 14.37 25.54
N GLY B 319 -11.92 15.37 24.73
CA GLY B 319 -10.67 15.35 24.01
C GLY B 319 -10.72 15.04 22.52
N THR B 320 -9.54 14.92 21.96
CA THR B 320 -9.36 14.63 20.55
C THR B 320 -9.10 13.14 20.43
N GLY B 321 -9.81 12.50 19.50
CA GLY B 321 -9.67 11.07 19.29
C GLY B 321 -9.32 10.80 17.85
N VAL B 322 -8.71 9.65 17.58
CA VAL B 322 -8.32 9.32 16.23
C VAL B 322 -8.87 7.98 15.81
N ILE B 323 -9.49 7.92 14.64
CA ILE B 323 -10.04 6.68 14.14
C ILE B 323 -9.36 6.35 12.82
N THR B 324 -8.67 5.21 12.75
CA THR B 324 -8.04 4.84 11.50
C THR B 324 -8.64 3.54 11.00
N GLU B 325 -9.10 3.59 9.76
CA GLU B 325 -9.74 2.48 9.06
C GLU B 325 -8.79 1.84 8.04
N THR B 326 -8.29 0.64 8.32
CA THR B 326 -7.37 -0.05 7.43
C THR B 326 -8.05 -1.18 6.67
N ILE B 327 -9.29 -1.49 7.02
CA ILE B 327 -10.02 -2.59 6.39
C ILE B 327 -10.83 -2.17 5.18
N PHE B 328 -11.59 -1.09 5.32
CA PHE B 328 -12.40 -0.63 4.21
C PHE B 328 -12.16 0.80 3.80
N GLU B 329 -12.21 1.02 2.50
CA GLU B 329 -12.05 2.37 1.99
C GLU B 329 -13.48 2.89 1.97
N ASN B 330 -13.63 4.20 2.05
CA ASN B 330 -14.97 4.79 1.98
C ASN B 330 -15.88 4.44 3.12
N ARG B 331 -15.32 4.26 4.31
CA ARG B 331 -16.16 3.94 5.45
C ARG B 331 -16.44 5.08 6.42
N PHE B 332 -16.47 6.30 5.90
CA PHE B 332 -16.69 7.48 6.74
C PHE B 332 -18.02 8.24 6.59
N MET B 333 -18.93 7.73 5.75
CA MET B 333 -20.23 8.38 5.53
C MET B 333 -20.90 8.96 6.77
N HIS B 334 -20.87 8.20 7.85
CA HIS B 334 -21.47 8.61 9.09
C HIS B 334 -20.99 9.97 9.61
N VAL B 335 -19.73 10.29 9.32
CA VAL B 335 -19.14 11.53 9.82
C VAL B 335 -19.87 12.81 9.42
N PRO B 336 -20.11 13.02 8.13
CA PRO B 336 -20.81 14.24 7.71
C PRO B 336 -22.16 14.30 8.40
N GLU B 337 -22.78 13.13 8.60
CA GLU B 337 -24.07 13.08 9.28
C GLU B 337 -23.95 13.61 10.69
N LEU B 338 -22.93 13.12 11.39
CA LEU B 338 -22.70 13.54 12.75
C LEU B 338 -22.34 15.03 12.83
N ILE B 339 -21.54 15.48 11.87
CA ILE B 339 -21.16 16.88 11.82
C ILE B 339 -22.47 17.65 11.73
N ARG B 340 -23.42 17.15 10.94
CA ARG B 340 -24.69 17.84 10.89
C ARG B 340 -25.35 17.90 12.24
N MET B 341 -25.02 16.91 13.06
CA MET B 341 -25.53 16.86 14.40
C MET B 341 -24.69 17.68 15.39
N GLY B 342 -23.76 18.48 14.88
CA GLY B 342 -22.93 19.29 15.76
C GLY B 342 -21.55 18.74 16.09
N ALA B 343 -21.15 17.65 15.41
CA ALA B 343 -19.83 17.05 15.66
C ALA B 343 -18.77 17.82 14.94
N HIS B 344 -17.54 17.65 15.40
CA HIS B 344 -16.40 18.30 14.78
C HIS B 344 -15.34 17.30 14.46
N ALA B 345 -15.02 17.21 13.18
CA ALA B 345 -14.00 16.27 12.76
C ALA B 345 -13.41 16.58 11.42
N GLU B 346 -12.20 16.08 11.22
CA GLU B 346 -11.46 16.22 9.96
C GLU B 346 -11.11 14.83 9.43
N ILE B 347 -11.60 14.52 8.26
CA ILE B 347 -11.29 13.26 7.65
C ILE B 347 -10.03 13.47 6.82
N GLU B 348 -9.00 12.69 7.10
CA GLU B 348 -7.78 12.75 6.31
C GLU B 348 -7.35 11.33 5.94
N SER B 349 -7.47 11.01 4.65
CA SER B 349 -7.12 9.68 4.20
C SER B 349 -8.01 8.60 4.83
N ASN B 350 -7.37 7.69 5.53
CA ASN B 350 -8.07 6.59 6.18
C ASN B 350 -8.26 6.90 7.64
N THR B 351 -8.11 8.17 8.00
CA THR B 351 -8.21 8.56 9.39
C THR B 351 -9.17 9.69 9.65
N VAL B 352 -9.81 9.64 10.81
CA VAL B 352 -10.75 10.67 11.21
C VAL B 352 -10.29 11.29 12.50
N ILE B 353 -10.03 12.59 12.45
CA ILE B 353 -9.60 13.32 13.62
C ILE B 353 -10.82 13.81 14.37
N CYS B 354 -11.05 13.24 15.55
CA CYS B 354 -12.20 13.60 16.36
C CYS B 354 -11.99 14.68 17.42
N HIS B 355 -12.88 15.67 17.44
CA HIS B 355 -12.85 16.74 18.44
C HIS B 355 -14.15 16.66 19.21
N GLY B 356 -14.20 15.76 20.17
CA GLY B 356 -15.41 15.59 20.93
C GLY B 356 -16.02 16.85 21.49
N VAL B 357 -17.33 16.97 21.27
CA VAL B 357 -18.09 18.10 21.78
C VAL B 357 -18.90 17.51 22.91
N GLU B 358 -19.48 18.36 23.73
CA GLU B 358 -20.28 17.89 24.87
C GLU B 358 -21.72 17.47 24.54
N LYS B 359 -22.34 18.20 23.63
CA LYS B 359 -23.71 17.97 23.25
C LYS B 359 -23.95 17.89 21.76
N LEU B 360 -24.73 16.90 21.35
CA LEU B 360 -25.11 16.78 19.95
C LEU B 360 -26.53 17.36 19.85
N SER B 361 -26.96 17.75 18.67
CA SER B 361 -28.31 18.28 18.53
C SER B 361 -29.08 17.64 17.41
N GLY B 362 -30.35 17.31 17.66
CA GLY B 362 -31.18 16.63 16.68
C GLY B 362 -31.09 17.13 15.25
N ALA B 363 -31.15 16.21 14.29
CA ALA B 363 -31.12 16.54 12.86
C ALA B 363 -31.67 15.40 11.99
N GLN B 364 -31.76 15.65 10.69
CA GLN B 364 -32.25 14.66 9.76
C GLN B 364 -31.01 14.02 9.17
N VAL B 365 -30.77 12.77 9.51
CA VAL B 365 -29.59 12.09 9.06
C VAL B 365 -29.87 10.78 8.38
N MET B 366 -28.90 10.30 7.60
CA MET B 366 -29.08 9.07 6.88
C MET B 366 -27.78 8.45 6.47
N ALA B 367 -27.63 7.16 6.73
CA ALA B 367 -26.41 6.44 6.38
C ALA B 367 -26.85 5.07 5.87
N THR B 368 -26.33 4.68 4.70
CA THR B 368 -26.72 3.40 4.12
C THR B 368 -26.02 2.22 4.74
N ASP B 369 -24.96 2.49 5.49
CA ASP B 369 -24.28 1.39 6.15
C ASP B 369 -24.91 1.02 7.47
N LEU B 370 -25.08 -0.28 7.66
CA LEU B 370 -25.64 -0.84 8.87
C LEU B 370 -25.11 -0.17 10.15
N ARG B 371 -23.79 -0.26 10.33
CA ARG B 371 -23.14 0.31 11.50
C ARG B 371 -23.29 1.80 11.65
N ALA B 372 -23.06 2.51 10.55
CA ALA B 372 -23.16 3.96 10.59
C ALA B 372 -24.61 4.30 10.95
N SER B 373 -25.54 3.61 10.31
CA SER B 373 -26.94 3.84 10.59
C SER B 373 -27.33 3.64 12.05
N ALA B 374 -26.94 2.51 12.63
CA ALA B 374 -27.26 2.25 14.04
C ALA B 374 -26.62 3.39 14.83
N SER B 375 -25.45 3.81 14.36
CA SER B 375 -24.76 4.91 15.00
C SER B 375 -25.56 6.23 15.03
N LEU B 376 -26.22 6.54 13.92
CA LEU B 376 -27.04 7.74 13.86
C LEU B 376 -28.13 7.70 14.90
N VAL B 377 -28.67 6.49 15.11
CA VAL B 377 -29.73 6.30 16.09
C VAL B 377 -29.15 6.47 17.50
N LEU B 378 -27.95 5.95 17.73
CA LEU B 378 -27.32 6.12 19.04
C LEU B 378 -27.14 7.62 19.36
N ALA B 379 -26.73 8.39 18.34
CA ALA B 379 -26.53 9.83 18.49
C ALA B 379 -27.85 10.53 18.85
N GLY B 380 -28.90 10.25 18.08
CA GLY B 380 -30.18 10.84 18.36
C GLY B 380 -30.59 10.59 19.81
N CYS B 381 -30.24 9.44 20.38
CA CYS B 381 -30.60 9.16 21.76
C CYS B 381 -30.00 10.17 22.71
N ILE B 382 -28.72 10.46 22.51
CA ILE B 382 -28.01 11.41 23.36
C ILE B 382 -28.00 12.83 22.82
N ALA B 383 -28.56 13.06 21.62
CA ALA B 383 -28.60 14.41 21.07
C ALA B 383 -29.77 15.19 21.62
N GLU B 384 -29.54 16.48 21.79
CA GLU B 384 -30.57 17.37 22.29
C GLU B 384 -31.57 17.62 21.17
N GLY B 385 -32.84 17.36 21.44
CA GLY B 385 -33.83 17.60 20.41
C GLY B 385 -34.40 16.39 19.66
N THR B 386 -34.72 16.62 18.40
CA THR B 386 -35.29 15.59 17.59
C THR B 386 -34.39 15.19 16.44
N THR B 387 -34.14 13.91 16.35
CA THR B 387 -33.31 13.38 15.29
C THR B 387 -34.23 12.46 14.48
N VAL B 388 -33.98 12.38 13.18
CA VAL B 388 -34.74 11.49 12.34
C VAL B 388 -33.80 10.72 11.42
N VAL B 389 -33.62 9.44 11.73
CA VAL B 389 -32.75 8.60 10.94
C VAL B 389 -33.54 7.94 9.80
N ASP B 390 -33.28 8.40 8.58
CA ASP B 390 -33.97 7.85 7.41
C ASP B 390 -33.38 6.50 7.01
N ARG B 391 -34.18 5.73 6.26
CA ARG B 391 -33.75 4.44 5.73
C ARG B 391 -33.31 3.40 6.74
N ILE B 392 -33.98 3.32 7.88
CA ILE B 392 -33.59 2.36 8.88
C ILE B 392 -33.64 0.90 8.42
N TYR B 393 -34.24 0.64 7.27
CA TYR B 393 -34.29 -0.73 6.80
C TYR B 393 -32.89 -1.39 6.89
N HIS B 394 -31.86 -0.59 6.67
CA HIS B 394 -30.49 -1.11 6.74
C HIS B 394 -30.25 -1.70 8.13
N ILE B 395 -30.76 -1.00 9.15
CA ILE B 395 -30.61 -1.47 10.51
C ILE B 395 -31.47 -2.71 10.70
N ASP B 396 -32.70 -2.68 10.19
CA ASP B 396 -33.58 -3.83 10.33
C ASP B 396 -32.98 -5.13 9.81
N ARG B 397 -32.06 -5.01 8.86
CA ARG B 397 -31.40 -6.17 8.29
C ARG B 397 -30.34 -6.78 9.16
N GLY B 398 -29.81 -5.98 10.07
CA GLY B 398 -28.76 -6.50 10.93
C GLY B 398 -29.08 -6.57 12.41
N TYR B 399 -29.95 -5.69 12.87
CA TYR B 399 -30.31 -5.67 14.29
C TYR B 399 -31.69 -6.19 14.59
N GLU B 400 -31.75 -7.26 15.36
CA GLU B 400 -33.02 -7.79 15.75
C GLU B 400 -33.75 -6.79 16.64
N ARG B 401 -34.83 -6.20 16.14
CA ARG B 401 -35.63 -5.29 16.96
C ARG B 401 -34.87 -4.26 17.80
N ILE B 402 -34.11 -3.42 17.11
CA ILE B 402 -33.34 -2.41 17.77
C ILE B 402 -34.25 -1.46 18.56
N GLU B 403 -35.30 -0.94 17.94
CA GLU B 403 -36.17 -0.01 18.68
C GLU B 403 -36.59 -0.56 20.02
N ASP B 404 -37.04 -1.81 20.01
CA ASP B 404 -37.46 -2.47 21.24
C ASP B 404 -36.36 -2.45 22.31
N LYS B 405 -35.18 -2.93 21.94
CA LYS B 405 -34.06 -2.99 22.87
C LYS B 405 -33.66 -1.63 23.45
N LEU B 406 -33.66 -0.60 22.59
CA LEU B 406 -33.34 0.79 23.00
C LEU B 406 -34.43 1.40 23.90
N ARG B 407 -35.68 1.18 23.51
CA ARG B 407 -36.81 1.67 24.27
C ARG B 407 -36.68 1.12 25.70
N ALA B 408 -36.38 -0.17 25.80
CA ALA B 408 -36.22 -0.80 27.10
C ALA B 408 -35.02 -0.22 27.82
N LEU B 409 -34.20 0.51 27.08
CA LEU B 409 -33.02 1.13 27.65
C LEU B 409 -33.22 2.57 28.07
N GLY B 410 -34.36 3.14 27.72
CA GLY B 410 -34.65 4.53 28.07
C GLY B 410 -34.83 5.41 26.86
N ALA B 411 -34.58 4.86 25.68
CA ALA B 411 -34.70 5.63 24.45
C ALA B 411 -36.10 6.12 24.16
N ASN B 412 -36.18 7.33 23.65
CA ASN B 412 -37.44 7.92 23.24
C ASN B 412 -37.39 7.78 21.73
N ILE B 413 -37.90 6.66 21.22
CA ILE B 413 -37.85 6.40 19.79
C ILE B 413 -39.10 5.76 19.19
N GLU B 414 -39.48 6.21 18.01
CA GLU B 414 -40.67 5.67 17.33
C GLU B 414 -40.42 5.38 15.85
N ARG B 415 -40.92 4.23 15.39
CA ARG B 415 -40.79 3.92 13.98
C ARG B 415 -41.87 4.73 13.28
N VAL B 416 -41.46 5.74 12.51
CA VAL B 416 -42.44 6.52 11.79
C VAL B 416 -42.48 5.92 10.41
N LYS B 417 -43.64 5.43 10.01
CA LYS B 417 -43.77 4.82 8.70
C LYS B 417 -44.01 5.77 7.54
N GLY B 418 -43.55 5.38 6.35
CA GLY B 418 -43.73 6.20 5.16
C GLY B 418 -42.99 7.53 5.13
N GLU B 419 -43.61 8.56 5.70
CA GLU B 419 -43.05 9.91 5.74
C GLU B 419 -42.59 10.51 4.42
N MET C 1 39.37 -10.90 6.44
CA MET C 1 37.94 -10.93 6.88
C MET C 1 37.61 -12.28 7.51
N ASP C 2 37.18 -12.26 8.77
CA ASP C 2 36.82 -13.49 9.46
C ASP C 2 35.76 -14.34 8.76
N LYS C 3 35.83 -15.66 8.95
CA LYS C 3 34.87 -16.55 8.33
C LYS C 3 34.52 -17.86 9.01
N PHE C 4 33.51 -18.53 8.48
CA PHE C 4 33.07 -19.82 9.01
C PHE C 4 33.24 -21.02 8.05
N ARG C 5 33.90 -22.07 8.52
CA ARG C 5 34.08 -23.27 7.72
C ARG C 5 33.23 -24.41 8.27
N VAL C 6 32.21 -24.81 7.53
CA VAL C 6 31.33 -25.86 8.03
C VAL C 6 31.34 -27.19 7.32
N GLN C 7 31.46 -28.25 8.12
CA GLN C 7 31.46 -29.64 7.64
C GLN C 7 30.09 -30.25 7.75
N GLY C 8 29.40 -30.38 6.64
CA GLY C 8 28.09 -30.96 6.65
C GLY C 8 28.13 -32.39 6.16
N PRO C 9 27.10 -33.18 6.47
CA PRO C 9 25.98 -32.67 7.26
C PRO C 9 26.03 -33.25 8.68
N THR C 10 25.67 -32.45 9.68
CA THR C 10 25.66 -32.93 11.05
C THR C 10 24.34 -32.61 11.69
N ARG C 11 23.79 -33.57 12.40
CA ARG C 11 22.54 -33.34 13.11
C ARG C 11 22.81 -32.41 14.31
N LEU C 12 22.08 -31.31 14.39
CA LEU C 12 22.22 -30.37 15.50
C LEU C 12 21.43 -30.84 16.72
N GLN C 13 22.11 -31.14 17.81
CA GLN C 13 21.40 -31.62 18.98
C GLN C 13 22.05 -31.35 20.32
N GLY C 14 21.26 -31.46 21.37
CA GLY C 14 21.77 -31.23 22.71
C GLY C 14 21.17 -30.00 23.36
N GLU C 15 22.01 -29.19 23.98
CA GLU C 15 21.51 -27.99 24.63
C GLU C 15 22.25 -26.74 24.20
N VAL C 16 21.66 -25.60 24.49
CA VAL C 16 22.29 -24.32 24.20
C VAL C 16 21.68 -23.38 25.22
N THR C 17 22.51 -22.55 25.83
CA THR C 17 22.02 -21.60 26.82
C THR C 17 21.87 -20.29 26.06
N ILE C 18 20.65 -19.76 26.04
CA ILE C 18 20.34 -18.52 25.34
C ILE C 18 20.91 -17.28 26.03
N SER C 19 21.48 -16.40 25.23
CA SER C 19 22.05 -15.14 25.71
C SER C 19 21.01 -14.05 25.96
N GLY C 20 21.44 -12.99 26.66
CA GLY C 20 20.55 -11.89 26.91
C GLY C 20 20.37 -11.21 25.57
N ALA C 21 19.21 -10.62 25.34
CA ALA C 21 18.91 -9.91 24.10
C ALA C 21 19.60 -8.57 23.98
N LYS C 22 20.44 -8.44 22.96
CA LYS C 22 21.14 -7.20 22.67
C LYS C 22 20.11 -6.06 22.65
N ASN C 23 18.98 -6.32 22.01
CA ASN C 23 17.90 -5.36 21.86
C ASN C 23 17.12 -4.84 23.07
N ALA C 24 17.26 -5.53 24.20
CA ALA C 24 16.62 -5.11 25.43
C ALA C 24 17.73 -4.41 26.19
N ALA C 25 18.88 -5.07 26.20
CA ALA C 25 20.04 -4.54 26.89
C ALA C 25 20.32 -3.12 26.45
N LEU C 26 20.26 -2.84 25.16
CA LEU C 26 20.52 -1.48 24.69
C LEU C 26 19.71 -0.36 25.34
N PRO C 27 18.38 -0.36 25.11
CA PRO C 27 17.55 0.70 25.70
C PRO C 27 17.65 0.73 27.22
N ILE C 28 17.79 -0.44 27.83
CA ILE C 28 17.92 -0.50 29.29
C ILE C 28 19.19 0.22 29.76
N LEU C 29 20.31 0.03 29.05
CA LEU C 29 21.58 0.70 29.40
C LEU C 29 21.37 2.21 29.34
N PHE C 30 20.61 2.64 28.35
CA PHE C 30 20.32 4.05 28.24
C PHE C 30 19.38 4.53 29.36
N ALA C 31 18.38 3.71 29.68
CA ALA C 31 17.42 4.05 30.71
C ALA C 31 18.17 4.26 32.05
N ALA C 32 19.21 3.46 32.25
CA ALA C 32 20.04 3.52 33.45
C ALA C 32 20.53 4.94 33.74
N LEU C 33 20.61 5.77 32.70
CA LEU C 33 21.03 7.17 32.87
C LEU C 33 20.12 7.86 33.86
N LEU C 34 18.89 7.38 33.94
CA LEU C 34 17.88 7.91 34.84
C LEU C 34 18.11 7.56 36.32
N ALA C 35 18.96 6.55 36.57
CA ALA C 35 19.21 6.08 37.93
C ALA C 35 20.09 6.93 38.83
N GLU C 36 19.58 7.19 40.04
CA GLU C 36 20.30 7.96 41.04
C GLU C 36 21.14 7.12 41.96
N GLU C 37 21.03 5.80 41.78
CA GLU C 37 21.80 4.85 42.58
C GLU C 37 22.40 3.85 41.58
N PRO C 38 23.42 3.11 41.99
CA PRO C 38 24.07 2.14 41.09
C PRO C 38 23.09 1.09 40.54
N VAL C 39 23.36 0.58 39.34
CA VAL C 39 22.51 -0.43 38.76
C VAL C 39 23.32 -1.56 38.16
N GLU C 40 22.94 -2.79 38.48
CA GLU C 40 23.63 -3.92 37.89
C GLU C 40 22.70 -4.46 36.83
N ILE C 41 23.17 -4.47 35.59
CA ILE C 41 22.36 -4.97 34.50
C ILE C 41 22.89 -6.36 34.20
N GLN C 42 22.10 -7.37 34.55
CA GLN C 42 22.51 -8.74 34.33
C GLN C 42 22.20 -9.38 32.97
N ASN C 43 22.98 -10.42 32.64
CA ASN C 43 22.72 -11.14 31.42
C ASN C 43 22.85 -10.33 30.13
N VAL C 44 23.84 -9.44 30.10
CA VAL C 44 24.09 -8.60 28.95
C VAL C 44 25.08 -9.30 28.04
N PRO C 45 24.72 -9.50 26.78
CA PRO C 45 25.59 -10.18 25.81
C PRO C 45 26.88 -9.43 25.49
N LYS C 46 27.97 -10.18 25.29
CA LYS C 46 29.26 -9.57 24.96
C LYS C 46 29.30 -9.18 23.48
N LEU C 47 28.62 -8.10 23.15
CA LEU C 47 28.51 -7.61 21.79
C LEU C 47 29.06 -6.22 21.52
N LYS C 48 29.41 -5.96 20.26
CA LYS C 48 29.93 -4.67 19.87
C LYS C 48 29.12 -3.47 20.37
N ASP C 49 27.81 -3.49 20.09
CA ASP C 49 26.92 -2.41 20.51
C ASP C 49 26.99 -2.05 21.99
N ILE C 50 27.17 -3.07 22.81
CA ILE C 50 27.28 -2.86 24.24
C ILE C 50 28.58 -2.08 24.50
N ASP C 51 29.64 -2.48 23.83
CA ASP C 51 30.91 -1.78 23.99
C ASP C 51 30.68 -0.33 23.68
N THR C 52 30.12 -0.08 22.50
CA THR C 52 29.85 1.27 22.05
C THR C 52 29.00 2.05 23.04
N THR C 53 28.02 1.37 23.60
CA THR C 53 27.15 2.01 24.57
C THR C 53 28.00 2.33 25.79
N MET C 54 28.89 1.41 26.15
CA MET C 54 29.77 1.67 27.27
C MET C 54 30.64 2.89 27.02
N LYS C 55 31.32 2.95 25.88
CA LYS C 55 32.15 4.08 25.58
C LYS C 55 31.36 5.33 25.74
N LEU C 56 30.20 5.28 25.15
CA LEU C 56 29.25 6.37 25.17
C LEU C 56 28.83 6.90 26.55
N LEU C 57 28.43 6.01 27.45
CA LEU C 57 28.05 6.41 28.81
C LEU C 57 29.25 7.02 29.53
N THR C 58 30.36 6.29 29.42
CA THR C 58 31.63 6.70 29.99
C THR C 58 31.81 8.19 29.64
N GLN C 59 31.90 8.48 28.35
CA GLN C 59 32.04 9.85 27.88
C GLN C 59 31.14 10.97 28.39
N LEU C 60 30.04 10.57 29.02
CA LEU C 60 29.09 11.50 29.59
C LEU C 60 29.54 11.72 31.02
N GLY C 61 30.43 10.83 31.45
CA GLY C 61 30.93 10.90 32.80
C GLY C 61 30.26 9.83 33.62
N THR C 62 29.83 8.76 32.96
CA THR C 62 29.19 7.65 33.64
C THR C 62 30.28 6.66 34.06
N LYS C 63 30.20 6.17 35.29
CA LYS C 63 31.14 5.17 35.76
C LYS C 63 30.62 3.82 35.27
N VAL C 64 31.33 3.23 34.31
CA VAL C 64 30.88 1.99 33.71
C VAL C 64 31.92 0.89 33.63
N GLU C 65 31.49 -0.33 33.90
CA GLU C 65 32.31 -1.52 33.81
C GLU C 65 31.47 -2.71 33.42
N ARG C 66 32.11 -3.83 33.15
CA ARG C 66 31.37 -5.02 32.77
C ARG C 66 32.21 -6.28 32.94
N IAS C 67 31.54 -7.42 32.96
CA IAS C 67 32.25 -8.68 33.07
C IAS C 67 32.99 -8.97 31.77
O IAS C 67 32.79 -8.22 30.78
CB IAS C 67 31.40 -9.84 33.55
CG IAS C 67 30.21 -10.13 32.66
OD1 IAS C 67 30.04 -9.54 31.60
OXT IAS C 67 33.76 -9.95 31.75
N GLY C 68 29.39 -11.07 33.12
CA GLY C 68 28.11 -11.31 32.48
C GLY C 68 27.20 -10.11 32.67
N SER C 69 27.57 -9.25 33.61
CA SER C 69 26.80 -8.05 33.92
C SER C 69 27.45 -6.77 33.44
N VAL C 70 26.68 -5.69 33.51
CA VAL C 70 27.19 -4.38 33.15
C VAL C 70 26.82 -3.55 34.36
N TRP C 71 27.81 -3.00 35.04
CA TRP C 71 27.54 -2.13 36.19
C TRP C 71 27.56 -0.70 35.71
N ILE C 72 26.51 0.04 36.07
CA ILE C 72 26.38 1.42 35.70
C ILE C 72 26.16 2.29 36.91
N ASP C 73 26.90 3.40 36.93
CA ASP C 73 26.82 4.37 38.02
C ASP C 73 26.80 5.78 37.43
N ALA C 74 25.59 6.34 37.25
CA ALA C 74 25.44 7.65 36.64
C ALA C 74 25.50 8.81 37.62
N SER C 75 26.27 8.64 38.69
CA SER C 75 26.36 9.70 39.68
C SER C 75 27.09 10.97 39.29
N ASN C 76 28.14 10.81 38.49
CA ASN C 76 28.92 11.96 38.06
C ASN C 76 28.74 12.39 36.62
N VAL C 77 27.58 12.07 36.06
CA VAL C 77 27.36 12.47 34.69
C VAL C 77 27.32 13.99 34.69
N ASN C 78 28.33 14.56 34.04
CA ASN C 78 28.51 16.00 33.94
C ASN C 78 28.69 16.42 32.50
N ASN C 79 28.54 15.45 31.61
CA ASN C 79 28.66 15.69 30.18
C ASN C 79 27.39 15.25 29.42
N PHE C 80 26.74 16.17 28.72
CA PHE C 80 25.50 15.86 28.04
C PHE C 80 25.45 15.56 26.55
N SER C 81 26.55 15.09 26.01
CA SER C 81 26.62 14.83 24.58
C SER C 81 27.04 13.48 24.02
N ALA C 82 26.34 13.04 22.97
CA ALA C 82 26.66 11.80 22.29
C ALA C 82 27.32 12.22 20.98
N PRO C 83 28.66 12.36 20.98
CA PRO C 83 29.44 12.77 19.80
C PRO C 83 29.30 11.85 18.60
N TYR C 84 29.29 12.44 17.41
CA TYR C 84 29.18 11.71 16.15
C TYR C 84 30.09 10.47 16.08
N ASP C 85 31.24 10.59 16.72
CA ASP C 85 32.20 9.50 16.77
C ASP C 85 31.66 8.34 17.58
N LEU C 86 30.34 8.16 17.48
CA LEU C 86 29.59 7.12 18.19
C LEU C 86 28.27 6.75 17.53
N VAL C 87 27.45 7.75 17.23
CA VAL C 87 26.17 7.53 16.58
C VAL C 87 26.37 6.99 15.16
N LYS C 88 27.59 7.09 14.68
CA LYS C 88 27.95 6.61 13.35
C LYS C 88 27.84 5.10 13.32
N THR C 89 28.48 4.46 14.30
CA THR C 89 28.48 3.01 14.39
C THR C 89 27.23 2.46 15.09
N MET C 90 26.51 3.34 15.78
CA MET C 90 25.34 2.89 16.52
C MET C 90 24.09 3.76 16.54
N ARG C 91 23.17 3.53 15.61
CA ARG C 91 21.95 4.29 15.60
C ARG C 91 21.25 4.45 16.95
N ALA C 92 21.21 3.35 17.67
CA ALA C 92 20.60 3.31 18.98
C ALA C 92 21.16 4.40 19.91
N SER C 93 22.21 5.07 19.46
CA SER C 93 22.76 6.15 20.25
C SER C 93 21.70 7.17 20.62
N ILE C 94 20.76 7.37 19.71
CA ILE C 94 19.70 8.32 19.95
C ILE C 94 19.04 8.10 21.32
N TRP C 95 19.14 6.90 21.86
CA TRP C 95 18.56 6.60 23.17
C TRP C 95 19.12 7.38 24.37
N ALA C 96 20.28 8.01 24.21
CA ALA C 96 20.80 8.81 25.30
C ALA C 96 20.00 10.11 25.37
N LEU C 97 19.35 10.48 24.26
CA LEU C 97 18.60 11.72 24.20
C LEU C 97 17.51 11.93 25.25
N GLY C 98 16.48 11.10 25.22
CA GLY C 98 15.40 11.23 26.15
C GLY C 98 15.79 11.19 27.62
N PRO C 99 16.54 10.17 28.05
CA PRO C 99 16.98 10.04 29.45
C PRO C 99 17.77 11.26 29.89
N LEU C 100 18.61 11.76 29.00
CA LEU C 100 19.41 12.93 29.28
C LEU C 100 18.63 14.19 29.66
N VAL C 101 17.63 14.52 28.85
CA VAL C 101 16.84 15.70 29.12
C VAL C 101 15.85 15.45 30.26
N ALA C 102 15.46 14.19 30.45
CA ALA C 102 14.51 13.86 31.49
C ALA C 102 15.14 13.95 32.89
N ARG C 103 16.36 13.46 33.04
CA ARG C 103 17.04 13.54 34.32
C ARG C 103 17.86 14.80 34.55
N PHE C 104 18.59 15.20 33.52
CA PHE C 104 19.47 16.36 33.57
C PHE C 104 18.97 17.72 33.08
N GLY C 105 17.92 17.73 32.27
CA GLY C 105 17.38 18.98 31.76
C GLY C 105 17.90 19.34 30.38
N GLN C 106 18.88 18.58 29.92
CA GLN C 106 19.44 18.85 28.62
C GLN C 106 20.11 17.64 28.07
N GLY C 107 20.16 17.57 26.74
CA GLY C 107 20.81 16.45 26.11
C GLY C 107 21.07 16.68 24.64
N GLN C 108 22.26 16.32 24.21
CA GLN C 108 22.61 16.44 22.82
C GLN C 108 23.22 15.17 22.24
N VAL C 109 22.66 14.71 21.13
CA VAL C 109 23.13 13.51 20.46
C VAL C 109 23.38 13.87 19.00
N SER C 110 24.48 13.42 18.44
CA SER C 110 24.81 13.79 17.09
C SER C 110 23.95 13.18 16.03
N LEU C 111 23.56 13.96 15.04
CA LEU C 111 22.82 13.40 13.93
C LEU C 111 23.69 13.00 12.72
N PRO C 112 23.55 11.75 12.30
CA PRO C 112 24.36 11.25 11.21
C PRO C 112 23.76 11.65 9.92
N GLY C 113 23.65 12.92 9.62
CA GLY C 113 22.82 13.26 8.51
C GLY C 113 23.33 12.63 7.25
N GLY C 114 22.49 11.99 6.48
CA GLY C 114 23.02 11.44 5.26
C GLY C 114 22.18 11.66 4.03
N CYS C 115 21.94 12.92 3.74
CA CYS C 115 21.44 13.47 2.47
C CYS C 115 19.91 13.33 2.19
N ALA C 116 19.23 12.59 3.03
CA ALA C 116 17.79 12.34 2.93
C ALA C 116 16.97 12.84 4.11
N ILE C 117 15.87 13.49 3.81
CA ILE C 117 14.94 14.04 4.79
C ILE C 117 13.56 13.39 4.57
N GLY C 118 12.89 13.20 5.70
CA GLY C 118 11.50 12.80 5.85
C GLY C 118 11.31 11.34 6.14
N ALA C 119 12.22 10.55 5.66
CA ALA C 119 12.35 9.19 6.05
C ALA C 119 12.78 9.01 7.50
N ARG C 120 13.71 9.83 7.94
CA ARG C 120 14.63 9.40 8.95
C ARG C 120 14.06 8.95 10.29
N PRO C 121 14.70 7.93 10.82
CA PRO C 121 14.27 7.24 12.01
C PRO C 121 14.30 8.14 13.20
N VAL C 122 15.27 9.03 13.26
CA VAL C 122 15.40 9.87 14.42
C VAL C 122 14.24 10.82 14.60
N ASP C 123 13.51 11.09 13.55
CA ASP C 123 12.39 12.02 13.67
C ASP C 123 11.43 11.77 14.80
N LEU C 124 10.97 10.52 14.89
CA LEU C 124 10.04 10.11 15.91
C LEU C 124 10.51 10.41 17.33
N HIS C 125 11.82 10.31 17.57
CA HIS C 125 12.38 10.59 18.89
C HIS C 125 12.29 12.07 19.22
N ILE C 126 12.69 12.90 18.27
CA ILE C 126 12.64 14.35 18.47
C ILE C 126 11.20 14.81 18.69
N PHE C 127 10.30 14.33 17.85
CA PHE C 127 8.90 14.70 18.00
C PHE C 127 8.34 14.20 19.31
N GLY C 128 8.72 12.98 19.68
CA GLY C 128 8.24 12.46 20.94
C GLY C 128 8.66 13.42 22.05
N LEU C 129 9.96 13.71 22.12
CA LEU C 129 10.50 14.60 23.15
C LEU C 129 9.79 15.93 23.17
N GLU C 130 9.50 16.42 21.98
CA GLU C 130 8.83 17.68 21.81
C GLU C 130 7.47 17.66 22.48
N LYS C 131 6.73 16.57 22.29
CA LYS C 131 5.41 16.43 22.91
C LYS C 131 5.51 16.43 24.42
N LEU C 132 6.64 15.93 24.92
CA LEU C 132 6.91 15.91 26.35
C LEU C 132 7.30 17.30 26.87
N GLY C 133 7.33 18.29 25.98
CA GLY C 133 7.66 19.63 26.41
C GLY C 133 9.08 20.09 26.19
N ALA C 134 9.93 19.20 25.70
CA ALA C 134 11.32 19.56 25.47
C ALA C 134 11.51 20.66 24.45
N GLU C 135 12.59 21.42 24.59
CA GLU C 135 12.90 22.41 23.58
C GLU C 135 13.83 21.64 22.65
N ILE C 136 13.50 21.59 21.38
CA ILE C 136 14.31 20.88 20.41
C ILE C 136 15.18 21.88 19.67
N LYS C 137 16.37 21.44 19.29
CA LYS C 137 17.30 22.32 18.61
C LYS C 137 18.14 21.53 17.63
N LEU C 138 18.03 21.83 16.33
CA LEU C 138 18.83 21.17 15.28
C LEU C 138 19.96 22.10 14.87
N GLU C 139 21.18 21.79 15.33
CA GLU C 139 22.34 22.63 15.04
C GLU C 139 23.70 22.01 15.31
N GLU C 140 24.63 22.28 14.41
CA GLU C 140 25.98 21.75 14.57
C GLU C 140 26.06 20.24 14.44
N GLY C 141 25.26 19.70 13.52
CA GLY C 141 25.23 18.26 13.26
C GLY C 141 24.60 17.45 14.39
N TYR C 142 24.06 18.18 15.37
CA TYR C 142 23.43 17.60 16.53
C TYR C 142 21.92 17.73 16.47
N VAL C 143 21.34 17.42 17.61
CA VAL C 143 19.93 17.54 17.88
C VAL C 143 19.98 17.76 19.39
N LYS C 144 19.61 18.95 19.80
CA LYS C 144 19.61 19.28 21.21
C LYS C 144 18.23 19.29 21.86
N ALA C 145 18.13 18.67 23.01
CA ALA C 145 16.87 18.65 23.73
C ALA C 145 17.13 19.23 25.09
N SER C 146 16.21 20.05 25.54
CA SER C 146 16.34 20.65 26.83
C SER C 146 15.01 21.16 27.36
N VAL C 147 14.89 21.14 28.68
CA VAL C 147 13.67 21.55 29.32
C VAL C 147 13.97 22.35 30.59
N ASN C 148 13.11 23.33 30.89
CA ASN C 148 13.21 24.17 32.10
C ASN C 148 12.70 23.28 33.23
N GLY C 149 13.60 22.53 33.87
CA GLY C 149 13.17 21.63 34.92
C GLY C 149 12.55 20.35 34.38
N ARG C 150 11.46 19.90 34.99
CA ARG C 150 10.77 18.68 34.59
C ARG C 150 10.09 18.58 33.24
N LEU C 151 10.24 17.42 32.60
CA LEU C 151 9.58 17.14 31.32
C LEU C 151 8.07 17.11 31.63
N LYS C 152 7.24 17.18 30.60
CA LYS C 152 5.80 17.20 30.83
C LYS C 152 4.90 16.16 30.20
N GLY C 153 4.25 15.36 31.06
CA GLY C 153 3.35 14.31 30.59
C GLY C 153 2.40 14.74 29.49
N ALA C 154 2.16 13.84 28.53
CA ALA C 154 1.26 14.15 27.43
C ALA C 154 0.65 12.91 26.82
N HIS C 155 -0.46 13.11 26.12
CA HIS C 155 -1.16 12.04 25.45
C HIS C 155 -0.58 11.99 24.04
N ILE C 156 0.27 11.03 23.78
CA ILE C 156 0.92 10.95 22.49
C ILE C 156 0.39 9.88 21.56
N VAL C 157 0.10 10.28 20.32
CA VAL C 157 -0.41 9.35 19.32
C VAL C 157 0.64 9.04 18.27
N MET C 158 1.07 7.78 18.23
CA MET C 158 2.05 7.40 17.23
C MET C 158 1.58 7.10 15.83
N ASP C 159 1.90 7.98 14.89
CA ASP C 159 1.56 7.85 13.48
C ASP C 159 1.91 6.41 13.09
N LYS C 160 3.21 6.09 13.18
CA LYS C 160 3.70 4.75 12.89
C LYS C 160 4.14 4.05 14.17
N VAL C 161 4.11 2.73 14.17
CA VAL C 161 4.53 1.96 15.33
C VAL C 161 6.06 1.91 15.31
N SER C 162 6.68 2.53 16.32
CA SER C 162 8.14 2.62 16.45
C SER C 162 8.77 2.13 17.76
N VAL C 163 9.60 1.10 17.66
CA VAL C 163 10.26 0.57 18.84
C VAL C 163 11.12 1.69 19.43
N GLY C 164 12.01 2.26 18.62
CA GLY C 164 12.88 3.31 19.12
C GLY C 164 12.15 4.44 19.84
N ALA C 165 11.18 5.03 19.15
CA ALA C 165 10.40 6.13 19.70
C ALA C 165 9.61 5.75 20.96
N THR C 166 9.10 4.51 21.01
CA THR C 166 8.35 4.05 22.19
C THR C 166 9.30 4.04 23.39
N VAL C 167 10.52 3.54 23.18
CA VAL C 167 11.52 3.53 24.25
C VAL C 167 11.90 4.97 24.68
N THR C 168 12.16 5.85 23.71
CA THR C 168 12.51 7.23 24.04
C THR C 168 11.42 7.93 24.85
N ILE C 169 10.19 7.91 24.34
CA ILE C 169 9.05 8.53 25.01
C ILE C 169 8.75 7.93 26.39
N MET C 170 8.62 6.61 26.43
CA MET C 170 8.38 5.88 27.67
C MET C 170 9.43 6.16 28.74
N SER C 171 10.71 6.03 28.34
CA SER C 171 11.85 6.27 29.22
C SER C 171 11.79 7.67 29.84
N ALA C 172 11.68 8.67 28.96
CA ALA C 172 11.64 10.05 29.41
C ALA C 172 10.43 10.31 30.28
N ALA C 173 9.28 9.79 29.89
CA ALA C 173 8.06 10.04 30.65
C ALA C 173 8.15 9.61 32.11
N THR C 174 9.08 8.74 32.46
CA THR C 174 9.14 8.28 33.84
C THR C 174 9.50 9.38 34.83
N LEU C 175 10.15 10.44 34.33
CA LEU C 175 10.57 11.57 35.14
C LEU C 175 9.72 12.80 34.91
N ALA C 176 8.77 12.69 34.00
CA ALA C 176 7.93 13.81 33.68
C ALA C 176 6.92 14.14 34.76
N GLU C 177 6.40 15.35 34.67
CA GLU C 177 5.38 15.82 35.57
C GLU C 177 4.05 15.30 35.01
N GLY C 178 3.35 14.46 35.75
CA GLY C 178 2.07 13.96 35.28
C GLY C 178 2.06 12.63 34.54
N THR C 179 0.94 12.36 33.88
CA THR C 179 0.78 11.12 33.16
C THR C 179 0.96 11.27 31.66
N THR C 180 1.68 10.31 31.08
CA THR C 180 1.96 10.27 29.66
C THR C 180 1.30 9.02 29.12
N ILE C 181 0.68 9.13 27.95
CA ILE C 181 0.04 7.96 27.38
C ILE C 181 0.48 7.80 25.94
N ILE C 182 0.96 6.62 25.61
CA ILE C 182 1.44 6.31 24.26
C ILE C 182 0.49 5.37 23.53
N GLU C 183 -0.14 5.88 22.47
CA GLU C 183 -1.09 5.11 21.65
C GLU C 183 -0.29 4.54 20.51
N ASN C 184 -0.68 3.37 20.03
CA ASN C 184 0.04 2.74 18.93
C ASN C 184 1.48 2.48 19.28
N ALA C 185 1.70 2.21 20.55
CA ALA C 185 3.01 1.91 21.12
C ALA C 185 3.54 0.57 20.60
N ALA C 186 4.84 0.51 20.31
CA ALA C 186 5.43 -0.73 19.87
C ALA C 186 5.22 -1.79 20.99
N ARG C 187 4.98 -3.04 20.59
CA ARG C 187 4.72 -4.11 21.57
C ARG C 187 5.86 -5.08 21.86
N GLU C 188 6.98 -4.91 21.18
CA GLU C 188 8.16 -5.77 21.35
C GLU C 188 8.49 -6.16 22.79
N PRO C 189 8.88 -7.42 23.02
CA PRO C 189 9.22 -7.87 24.35
C PRO C 189 10.37 -7.02 24.89
N GLU C 190 11.16 -6.47 23.97
CA GLU C 190 12.27 -5.60 24.34
C GLU C 190 11.77 -4.33 25.04
N ILE C 191 10.61 -3.86 24.63
CA ILE C 191 10.02 -2.67 25.20
C ILE C 191 9.43 -3.03 26.56
N VAL C 192 8.88 -4.23 26.64
CA VAL C 192 8.29 -4.76 27.87
C VAL C 192 9.36 -4.80 28.95
N ASP C 193 10.52 -5.31 28.54
CA ASP C 193 11.71 -5.45 29.39
C ASP C 193 12.22 -4.11 29.88
N THR C 194 12.31 -3.17 28.95
CA THR C 194 12.78 -1.84 29.28
C THR C 194 11.82 -1.22 30.27
N ALA C 195 10.55 -1.42 30.05
CA ALA C 195 9.54 -0.88 30.94
C ALA C 195 9.70 -1.53 32.31
N ASN C 196 9.79 -2.86 32.33
CA ASN C 196 9.95 -3.58 33.59
C ASN C 196 11.18 -3.14 34.33
N PHE C 197 12.15 -2.70 33.54
CA PHE C 197 13.41 -2.17 34.05
C PHE C 197 13.11 -0.86 34.76
N LEU C 198 12.42 0.03 34.04
CA LEU C 198 12.05 1.33 34.61
C LEU C 198 11.26 1.14 35.90
N VAL C 199 10.32 0.20 35.88
CA VAL C 199 9.51 -0.07 37.03
C VAL C 199 10.35 -0.56 38.20
N ALA C 200 11.35 -1.39 37.92
CA ALA C 200 12.21 -1.88 38.99
C ALA C 200 12.92 -0.69 39.63
N LEU C 201 13.17 0.33 38.82
CA LEU C 201 13.81 1.55 39.29
C LEU C 201 12.84 2.41 40.09
N GLY C 202 11.55 2.08 40.00
CA GLY C 202 10.54 2.82 40.73
C GLY C 202 9.59 3.59 39.85
N ALA C 203 9.74 3.44 38.54
CA ALA C 203 8.86 4.15 37.62
C ALA C 203 7.48 3.51 37.66
N LYS C 204 6.49 4.23 37.16
CA LYS C 204 5.12 3.73 37.15
C LYS C 204 4.67 3.51 35.70
N ILE C 205 4.73 2.28 35.24
CA ILE C 205 4.33 2.02 33.87
C ILE C 205 3.37 0.85 33.77
N SER C 206 2.41 0.96 32.87
CA SER C 206 1.44 -0.10 32.62
C SER C 206 1.10 -0.11 31.14
N GLY C 207 0.66 -1.26 30.64
CA GLY C 207 0.30 -1.34 29.24
C GLY C 207 1.44 -1.82 28.35
N GLN C 208 2.64 -1.93 28.90
CA GLN C 208 3.78 -2.41 28.12
C GLN C 208 3.46 -3.78 27.53
N GLY C 209 3.61 -3.92 26.23
CA GLY C 209 3.27 -5.19 25.60
C GLY C 209 1.97 -5.01 24.81
N THR C 210 1.21 -3.99 25.16
CA THR C 210 -0.04 -3.67 24.47
C THR C 210 0.23 -2.43 23.62
N ASP C 211 -0.78 -2.04 22.84
CA ASP C 211 -0.67 -0.88 21.99
C ASP C 211 -0.79 0.45 22.73
N ARG C 212 -1.07 0.37 24.02
CA ARG C 212 -1.23 1.56 24.81
C ARG C 212 -0.47 1.51 26.11
N ILE C 213 0.55 2.36 26.22
CA ILE C 213 1.41 2.42 27.40
C ILE C 213 1.04 3.65 28.22
N THR C 214 0.92 3.49 29.53
CA THR C 214 0.61 4.60 30.41
C THR C 214 1.78 4.77 31.37
N ILE C 215 2.23 6.01 31.55
CA ILE C 215 3.35 6.26 32.43
C ILE C 215 3.01 7.39 33.39
N GLU C 216 3.11 7.11 34.70
CA GLU C 216 2.88 8.12 35.72
C GLU C 216 4.22 8.63 36.18
N GLY C 217 4.52 9.89 35.87
CA GLY C 217 5.81 10.44 36.21
C GLY C 217 6.08 10.41 37.70
N VAL C 218 7.34 10.19 38.06
CA VAL C 218 7.73 10.19 39.47
C VAL C 218 8.94 11.11 39.59
N GLU C 219 9.26 11.49 40.82
CA GLU C 219 10.39 12.37 41.07
C GLU C 219 11.74 11.82 40.69
N ARG C 220 12.00 10.61 41.13
CA ARG C 220 13.28 10.03 40.84
C ARG C 220 13.28 8.52 40.80
N LEU C 221 14.32 7.99 40.19
CA LEU C 221 14.50 6.56 40.06
C LEU C 221 15.73 6.14 40.84
N GLY C 222 15.62 5.02 41.54
CA GLY C 222 16.75 4.55 42.32
C GLY C 222 17.67 3.70 41.47
N GLY C 223 18.06 2.56 42.02
CA GLY C 223 18.94 1.66 41.31
C GLY C 223 18.48 0.24 41.55
N GLY C 224 19.43 -0.68 41.49
CA GLY C 224 19.09 -2.07 41.69
C GLY C 224 19.75 -3.03 40.72
N VAL C 225 19.20 -4.23 40.67
CA VAL C 225 19.72 -5.27 39.82
C VAL C 225 18.61 -5.68 38.88
N TYR C 226 18.98 -5.90 37.63
CA TYR C 226 18.03 -6.28 36.61
C TYR C 226 18.61 -7.23 35.57
N ARG C 227 17.91 -8.35 35.35
CA ARG C 227 18.30 -9.37 34.39
C ARG C 227 17.64 -9.16 33.00
N VAL C 228 18.43 -8.89 31.97
CA VAL C 228 17.89 -8.65 30.64
C VAL C 228 17.19 -9.92 30.12
N LEU C 229 16.00 -9.78 29.58
CA LEU C 229 15.28 -10.92 29.04
C LEU C 229 16.12 -11.64 27.98
N PRO C 230 15.84 -12.94 27.73
CA PRO C 230 16.63 -13.64 26.72
C PRO C 230 16.38 -13.12 25.29
N ASP C 231 17.31 -13.46 24.43
CA ASP C 231 17.25 -13.12 23.03
C ASP C 231 16.29 -14.08 22.33
N ARG C 232 15.09 -13.58 22.01
CA ARG C 232 14.09 -14.37 21.33
C ARG C 232 14.56 -14.85 19.94
N ILE C 233 15.26 -14.00 19.21
CA ILE C 233 15.72 -14.43 17.90
C ILE C 233 16.85 -15.47 18.01
N GLU C 234 17.68 -15.35 19.04
CA GLU C 234 18.71 -16.36 19.22
C GLU C 234 18.00 -17.66 19.46
N THR C 235 16.99 -17.65 20.30
CA THR C 235 16.28 -18.87 20.59
C THR C 235 15.68 -19.44 19.31
N GLY C 236 15.06 -18.57 18.52
CA GLY C 236 14.46 -19.05 17.27
C GLY C 236 15.51 -19.70 16.37
N THR C 237 16.66 -19.05 16.23
CA THR C 237 17.73 -19.59 15.39
C THR C 237 18.18 -20.98 15.84
N PHE C 238 18.40 -21.16 17.14
CA PHE C 238 18.79 -22.47 17.67
C PHE C 238 17.67 -23.51 17.54
N LEU C 239 16.44 -23.02 17.56
CA LEU C 239 15.30 -23.90 17.43
C LEU C 239 15.29 -24.45 16.02
N VAL C 240 15.47 -23.56 15.06
CA VAL C 240 15.47 -23.92 13.64
C VAL C 240 16.63 -24.91 13.35
N ALA C 241 17.79 -24.64 13.95
CA ALA C 241 18.97 -25.46 13.76
C ALA C 241 18.69 -26.94 14.08
N ALA C 242 17.73 -27.20 14.95
CA ALA C 242 17.41 -28.57 15.29
C ALA C 242 16.26 -29.09 14.45
N ALA C 243 15.31 -28.19 14.13
CA ALA C 243 14.14 -28.56 13.34
C ALA C 243 14.49 -28.88 11.90
N ILE C 244 15.63 -28.39 11.46
CA ILE C 244 16.08 -28.65 10.09
C ILE C 244 17.10 -29.78 10.07
N SER C 245 17.24 -30.50 11.18
CA SER C 245 18.22 -31.59 11.25
C SER C 245 17.84 -32.88 11.96
N GLY C 246 16.55 -33.11 12.16
CA GLY C 246 16.10 -34.31 12.83
C GLY C 246 16.56 -34.33 14.28
N GLY C 247 17.02 -33.16 14.72
CA GLY C 247 17.53 -33.02 16.07
C GLY C 247 16.55 -32.74 17.18
N LYS C 248 17.12 -32.76 18.38
CA LYS C 248 16.41 -32.47 19.61
C LYS C 248 17.29 -31.49 20.33
N ILE C 249 16.73 -30.36 20.71
CA ILE C 249 17.48 -29.35 21.41
C ILE C 249 16.61 -28.77 22.51
N VAL C 250 17.25 -28.36 23.58
CA VAL C 250 16.55 -27.74 24.67
C VAL C 250 17.21 -26.38 24.78
N CYS C 251 16.44 -25.32 24.76
CA CYS C 251 17.04 -24.00 24.89
C CYS C 251 17.00 -23.59 26.33
N ARG C 252 18.16 -23.19 26.84
CA ARG C 252 18.28 -22.77 28.22
C ARG C 252 18.22 -21.27 28.39
N ASN C 253 17.73 -20.84 29.53
CA ASN C 253 17.64 -19.42 29.80
C ASN C 253 16.75 -18.76 28.75
N ALA C 254 15.64 -19.41 28.48
CA ALA C 254 14.75 -18.89 27.47
C ALA C 254 13.49 -18.29 28.05
N GLN C 255 12.67 -17.70 27.18
CA GLN C 255 11.40 -17.11 27.56
C GLN C 255 10.31 -17.46 26.54
N PRO C 256 9.75 -18.67 26.64
CA PRO C 256 8.71 -19.15 25.73
C PRO C 256 7.68 -18.09 25.31
N ASP C 257 7.11 -17.37 26.27
CA ASP C 257 6.14 -16.35 25.88
C ASP C 257 6.48 -15.35 24.79
N THR C 258 7.77 -15.11 24.59
CA THR C 258 8.19 -14.14 23.59
C THR C 258 8.25 -14.77 22.21
N LEU C 259 8.01 -16.08 22.16
CA LEU C 259 8.09 -16.83 20.91
C LEU C 259 6.86 -17.47 20.31
N ASP C 260 5.68 -17.19 20.86
CA ASP C 260 4.44 -17.80 20.35
C ASP C 260 4.34 -18.10 18.87
N ALA C 261 4.42 -17.05 18.07
CA ALA C 261 4.29 -17.20 16.63
C ALA C 261 5.32 -18.17 16.12
N VAL C 262 6.54 -18.07 16.62
CA VAL C 262 7.61 -18.94 16.18
C VAL C 262 7.37 -20.36 16.63
N LEU C 263 7.04 -20.55 17.90
CA LEU C 263 6.77 -21.91 18.35
C LEU C 263 5.64 -22.56 17.51
N ALA C 264 4.51 -21.87 17.39
CA ALA C 264 3.38 -22.38 16.62
C ALA C 264 3.84 -22.75 15.22
N LYS C 265 4.61 -21.87 14.60
CA LYS C 265 5.12 -22.14 13.25
C LYS C 265 5.89 -23.43 13.16
N LEU C 266 6.77 -23.64 14.13
CA LEU C 266 7.57 -24.87 14.23
C LEU C 266 6.67 -26.11 14.38
N ARG C 267 5.66 -26.02 15.23
CA ARG C 267 4.77 -27.14 15.37
C ARG C 267 4.15 -27.43 14.01
N GLU C 268 3.85 -26.36 13.26
CA GLU C 268 3.29 -26.50 11.95
C GLU C 268 4.23 -27.29 11.05
N ALA C 269 5.53 -27.12 11.31
CA ALA C 269 6.56 -27.79 10.53
C ALA C 269 6.78 -29.24 10.93
N GLY C 270 6.15 -29.64 12.04
CA GLY C 270 6.28 -30.99 12.52
C GLY C 270 7.13 -31.11 13.75
N ALA C 271 7.52 -30.00 14.36
CA ALA C 271 8.34 -30.05 15.58
C ALA C 271 7.54 -30.36 16.85
N ASP C 272 8.08 -31.27 17.65
CA ASP C 272 7.49 -31.67 18.93
C ASP C 272 8.06 -30.67 19.95
N ILE C 273 7.29 -29.64 20.26
CA ILE C 273 7.77 -28.62 21.17
C ILE C 273 7.14 -28.63 22.53
N GLU C 274 8.00 -28.73 23.53
CA GLU C 274 7.59 -28.72 24.93
C GLU C 274 8.26 -27.47 25.53
N THR C 275 7.65 -26.87 26.55
CA THR C 275 8.26 -25.69 27.14
C THR C 275 8.06 -25.58 28.64
N GLY C 276 8.98 -24.87 29.29
CA GLY C 276 8.89 -24.66 30.72
C GLY C 276 9.01 -23.18 30.94
N GLU C 277 9.24 -22.76 32.17
CA GLU C 277 9.37 -21.34 32.40
C GLU C 277 10.62 -20.67 31.85
N ASP C 278 11.74 -21.37 31.92
CA ASP C 278 13.01 -20.83 31.43
C ASP C 278 13.66 -21.72 30.38
N TRP C 279 12.83 -22.57 29.77
CA TRP C 279 13.34 -23.46 28.76
C TRP C 279 12.34 -23.79 27.66
N ILE C 280 12.88 -24.12 26.49
CA ILE C 280 12.07 -24.52 25.36
C ILE C 280 12.76 -25.76 24.83
N SER C 281 11.97 -26.80 24.62
CA SER C 281 12.44 -28.07 24.08
C SER C 281 11.89 -28.32 22.69
N LEU C 282 12.76 -28.70 21.76
CA LEU C 282 12.34 -29.00 20.40
C LEU C 282 12.85 -30.35 19.89
N ASP C 283 11.93 -31.23 19.49
CA ASP C 283 12.31 -32.55 18.98
C ASP C 283 11.75 -32.89 17.62
N MET C 284 12.62 -33.15 16.66
CA MET C 284 12.18 -33.54 15.32
C MET C 284 11.91 -35.04 15.21
N HIS C 285 12.45 -35.79 16.18
CA HIS C 285 12.30 -37.23 16.18
C HIS C 285 12.97 -37.77 14.92
N GLY C 286 14.12 -37.19 14.62
CA GLY C 286 14.89 -37.58 13.46
C GLY C 286 14.20 -37.20 12.18
N LYS C 287 13.02 -36.62 12.30
CA LYS C 287 12.23 -36.21 11.15
C LYS C 287 12.62 -35.00 10.32
N ARG C 288 12.25 -35.03 9.06
CA ARG C 288 12.51 -33.91 8.17
C ARG C 288 11.43 -32.88 8.44
N PRO C 289 11.67 -31.61 8.12
CA PRO C 289 10.58 -30.68 8.41
C PRO C 289 9.56 -30.57 7.28
N LYS C 290 8.32 -30.25 7.66
CA LYS C 290 7.24 -30.07 6.69
C LYS C 290 7.21 -28.59 6.33
N ALA C 291 7.15 -28.27 5.04
CA ALA C 291 7.09 -26.88 4.57
C ALA C 291 5.93 -26.14 5.23
N VAL C 292 6.15 -24.86 5.56
CA VAL C 292 5.10 -24.08 6.19
C VAL C 292 4.84 -22.77 5.47
N THR C 293 3.79 -22.07 5.87
CA THR C 293 3.43 -20.79 5.28
C THR C 293 3.66 -19.70 6.28
N VAL C 294 4.57 -18.79 5.95
CA VAL C 294 4.91 -17.69 6.84
C VAL C 294 4.63 -16.31 6.30
N ARG C 295 4.16 -15.46 7.19
CA ARG C 295 3.85 -14.07 6.88
C ARG C 295 4.39 -13.26 8.05
N THR C 296 5.34 -12.36 7.79
CA THR C 296 5.88 -11.55 8.86
C THR C 296 4.92 -10.43 9.17
N ALA C 297 4.96 -9.97 10.41
CA ALA C 297 4.07 -8.91 10.83
C ALA C 297 4.56 -8.46 12.17
N PRO C 298 4.03 -7.34 12.68
CA PRO C 298 4.44 -6.80 13.97
C PRO C 298 4.26 -7.73 15.18
N HIS C 299 5.16 -7.64 16.15
CA HIS C 299 5.06 -8.46 17.36
C HIS C 299 3.67 -8.15 17.90
N PRO C 300 2.96 -9.15 18.47
CA PRO C 300 3.33 -10.56 18.69
C PRO C 300 3.20 -11.53 17.52
N ALA C 301 3.11 -11.02 16.30
CA ALA C 301 3.01 -11.91 15.14
C ALA C 301 4.40 -12.39 14.70
N PHE C 302 4.46 -13.14 13.60
CA PHE C 302 5.71 -13.67 13.08
C PHE C 302 6.78 -12.61 12.87
N PRO C 303 7.87 -12.71 13.63
CA PRO C 303 9.00 -11.78 13.60
C PRO C 303 9.75 -11.83 12.28
N THR C 304 10.05 -10.67 11.73
CA THR C 304 10.77 -10.61 10.49
C THR C 304 12.19 -11.13 10.71
N ASP C 305 12.70 -10.94 11.93
CA ASP C 305 14.03 -11.41 12.32
C ASP C 305 14.23 -12.93 12.18
N MET C 306 13.12 -13.65 12.08
CA MET C 306 13.11 -15.12 11.90
C MET C 306 12.85 -15.49 10.43
N GLN C 307 12.67 -14.47 9.61
CA GLN C 307 12.39 -14.66 8.20
C GLN C 307 13.36 -15.55 7.46
N ALA C 308 14.58 -15.06 7.29
CA ALA C 308 15.63 -15.81 6.60
C ALA C 308 15.73 -17.23 7.17
N GLN C 309 15.72 -17.35 8.50
CA GLN C 309 15.81 -18.67 9.11
C GLN C 309 14.72 -19.62 8.63
N PHE C 310 13.49 -19.11 8.51
CA PHE C 310 12.37 -19.91 8.04
C PHE C 310 12.45 -20.26 6.55
N THR C 311 13.05 -19.39 5.76
CA THR C 311 13.20 -19.69 4.35
C THR C 311 14.06 -20.97 4.23
N LEU C 312 15.08 -21.05 5.08
CA LEU C 312 15.97 -22.21 5.11
C LEU C 312 15.21 -23.47 5.49
N LEU C 313 14.38 -23.31 6.52
CA LEU C 313 13.53 -24.40 6.98
C LEU C 313 12.70 -24.92 5.82
N ASN C 314 12.07 -24.00 5.08
CA ASN C 314 11.28 -24.42 3.92
C ASN C 314 12.15 -25.03 2.87
N LEU C 315 13.28 -24.38 2.60
CA LEU C 315 14.19 -24.86 1.59
C LEU C 315 14.70 -26.28 1.73
N VAL C 316 14.46 -26.89 2.88
CA VAL C 316 14.88 -28.26 3.06
C VAL C 316 13.76 -29.13 3.64
N ALA C 317 12.56 -28.56 3.67
CA ALA C 317 11.38 -29.25 4.19
C ALA C 317 10.63 -30.02 3.11
N GLU C 318 9.68 -30.83 3.54
CA GLU C 318 8.88 -31.57 2.59
C GLU C 318 7.80 -30.65 2.05
N GLY C 319 7.71 -30.53 0.74
CA GLY C 319 6.68 -29.69 0.19
C GLY C 319 7.11 -28.31 -0.20
N THR C 320 6.10 -27.49 -0.52
CA THR C 320 6.27 -26.11 -0.94
C THR C 320 5.75 -25.15 0.12
N GLY C 321 6.60 -24.23 0.52
CA GLY C 321 6.20 -23.24 1.50
C GLY C 321 6.33 -21.86 0.87
N VAL C 322 5.72 -20.85 1.48
CA VAL C 322 5.79 -19.50 0.96
C VAL C 322 6.10 -18.53 2.08
N ILE C 323 7.23 -17.86 1.99
CA ILE C 323 7.62 -16.89 3.01
C ILE C 323 7.15 -15.54 2.49
N THR C 324 6.39 -14.80 3.29
CA THR C 324 5.92 -13.46 2.87
C THR C 324 6.38 -12.36 3.83
N GLU C 325 7.20 -11.46 3.30
CA GLU C 325 7.77 -10.35 4.07
C GLU C 325 6.99 -9.07 3.91
N THR C 326 6.48 -8.53 5.02
CA THR C 326 5.70 -7.31 4.98
C THR C 326 6.32 -6.22 5.82
N ILE C 327 7.41 -6.53 6.50
CA ILE C 327 8.03 -5.51 7.34
C ILE C 327 9.15 -4.78 6.62
N PHE C 328 10.10 -5.56 6.09
CA PHE C 328 11.23 -5.00 5.37
C PHE C 328 11.24 -5.33 3.88
N GLU C 329 11.77 -4.41 3.10
CA GLU C 329 11.89 -4.65 1.68
C GLU C 329 13.30 -5.14 1.45
N ASN C 330 13.55 -5.80 0.32
CA ASN C 330 14.90 -6.25 0.03
C ASN C 330 15.49 -7.24 1.04
N ARG C 331 14.63 -7.99 1.71
CA ARG C 331 15.14 -8.93 2.69
C ARG C 331 15.33 -10.36 2.24
N PHE C 332 15.53 -10.54 0.94
CA PHE C 332 15.74 -11.86 0.37
C PHE C 332 17.16 -12.25 0.00
N MET C 333 18.13 -11.40 0.32
CA MET C 333 19.52 -11.69 -0.01
C MET C 333 20.05 -13.10 0.22
N HIS C 334 19.51 -13.74 1.26
CA HIS C 334 19.89 -15.09 1.63
C HIS C 334 19.45 -16.18 0.64
N VAL C 335 18.49 -15.84 -0.22
CA VAL C 335 17.98 -16.82 -1.19
C VAL C 335 18.97 -17.23 -2.29
N PRO C 336 19.56 -16.26 -3.02
CA PRO C 336 20.51 -16.61 -4.07
C PRO C 336 21.61 -17.47 -3.46
N GLU C 337 21.99 -17.14 -2.24
CA GLU C 337 23.01 -17.88 -1.51
C GLU C 337 22.59 -19.32 -1.28
N LEU C 338 21.37 -19.48 -0.82
CA LEU C 338 20.82 -20.80 -0.58
C LEU C 338 20.61 -21.53 -1.90
N ILE C 339 20.45 -20.78 -2.99
CA ILE C 339 20.26 -21.40 -4.31
C ILE C 339 21.54 -22.16 -4.67
N ARG C 340 22.68 -21.47 -4.60
CA ARG C 340 23.96 -22.09 -4.90
C ARG C 340 24.26 -23.31 -4.04
N MET C 341 23.46 -23.48 -2.99
CA MET C 341 23.56 -24.62 -2.10
C MET C 341 22.61 -25.73 -2.54
N GLY C 342 22.03 -25.54 -3.71
CA GLY C 342 21.12 -26.52 -4.26
C GLY C 342 19.67 -26.28 -3.91
N ALA C 343 19.38 -25.17 -3.24
CA ALA C 343 18.00 -24.90 -2.87
C ALA C 343 17.14 -24.43 -4.04
N HIS C 344 15.90 -24.87 -4.02
CA HIS C 344 14.93 -24.52 -5.05
C HIS C 344 14.01 -23.41 -4.57
N ALA C 345 14.10 -22.23 -5.19
CA ALA C 345 13.23 -21.15 -4.78
C ALA C 345 12.97 -20.12 -5.86
N GLU C 346 11.84 -19.44 -5.76
CA GLU C 346 11.48 -18.37 -6.66
C GLU C 346 10.99 -17.19 -5.87
N ILE C 347 11.31 -15.99 -6.31
CA ILE C 347 10.93 -14.78 -5.61
C ILE C 347 9.98 -14.03 -6.46
N GLU C 348 8.82 -13.72 -5.94
CA GLU C 348 7.92 -12.85 -6.64
C GLU C 348 7.59 -11.78 -5.69
N SER C 349 7.88 -10.55 -6.03
CA SER C 349 7.40 -9.49 -5.20
C SER C 349 7.97 -9.62 -3.81
N ASN C 350 7.10 -9.75 -2.84
CA ASN C 350 7.51 -9.83 -1.46
C ASN C 350 7.46 -11.20 -0.84
N THR C 351 7.36 -12.21 -1.67
CA THR C 351 7.21 -13.56 -1.20
C THR C 351 8.28 -14.47 -1.79
N VAL C 352 8.48 -15.61 -1.18
CA VAL C 352 9.45 -16.57 -1.66
C VAL C 352 8.78 -17.92 -1.72
N ILE C 353 8.63 -18.46 -2.92
CA ILE C 353 8.02 -19.77 -3.06
C ILE C 353 9.14 -20.78 -2.78
N CYS C 354 8.89 -21.69 -1.85
CA CYS C 354 9.90 -22.66 -1.49
C CYS C 354 9.67 -24.07 -1.97
N HIS C 355 10.71 -24.68 -2.52
CA HIS C 355 10.60 -26.05 -2.98
C HIS C 355 11.55 -26.96 -2.23
N GLY C 356 11.08 -27.48 -1.11
CA GLY C 356 11.89 -28.34 -0.28
C GLY C 356 12.62 -29.44 -1.02
N VAL C 357 13.93 -29.50 -0.81
CA VAL C 357 14.78 -30.53 -1.41
C VAL C 357 15.41 -31.22 -0.22
N GLU C 358 15.66 -32.50 -0.35
CA GLU C 358 16.24 -33.24 0.76
C GLU C 358 17.69 -32.93 1.14
N LYS C 359 18.53 -32.65 0.14
CA LYS C 359 19.92 -32.36 0.41
C LYS C 359 20.48 -31.04 -0.09
N LEU C 360 21.21 -30.37 0.78
CA LEU C 360 21.86 -29.14 0.39
C LEU C 360 23.33 -29.54 0.18
N SER C 361 24.05 -28.82 -0.66
CA SER C 361 25.45 -29.12 -0.91
C SER C 361 26.37 -27.96 -0.54
N GLY C 362 27.51 -28.26 0.07
CA GLY C 362 28.43 -27.20 0.46
C GLY C 362 28.76 -26.24 -0.67
N ALA C 363 28.95 -24.96 -0.36
CA ALA C 363 29.29 -23.96 -1.37
C ALA C 363 29.83 -22.71 -0.66
N GLN C 364 30.43 -21.79 -1.42
CA GLN C 364 30.95 -20.54 -0.84
C GLN C 364 29.85 -19.50 -0.77
N VAL C 365 29.50 -19.06 0.44
CA VAL C 365 28.43 -18.10 0.58
C VAL C 365 28.74 -16.97 1.54
N MET C 366 27.96 -15.90 1.42
CA MET C 366 28.09 -14.70 2.25
C MET C 366 26.76 -13.94 2.36
N ALA C 367 26.63 -13.06 3.35
CA ALA C 367 25.41 -12.26 3.53
C ALA C 367 25.62 -11.12 4.53
N THR C 368 25.09 -9.94 4.20
CA THR C 368 25.21 -8.77 5.05
C THR C 368 24.32 -8.85 6.29
N ASP C 369 23.13 -9.43 6.10
CA ASP C 369 22.17 -9.59 7.18
C ASP C 369 22.57 -10.67 8.17
N LEU C 370 22.59 -10.33 9.46
CA LEU C 370 22.97 -11.33 10.45
C LEU C 370 22.05 -12.53 10.44
N ARG C 371 20.77 -12.27 10.22
CA ARG C 371 19.79 -13.33 10.17
C ARG C 371 20.11 -14.22 8.98
N ALA C 372 20.25 -13.60 7.81
CA ALA C 372 20.59 -14.35 6.60
C ALA C 372 21.90 -15.10 6.88
N SER C 373 22.91 -14.38 7.36
CA SER C 373 24.19 -14.99 7.66
C SER C 373 24.13 -16.14 8.60
N ALA C 374 23.49 -15.94 9.75
CA ALA C 374 23.37 -17.01 10.72
C ALA C 374 22.61 -18.13 10.01
N SER C 375 21.78 -17.78 9.04
CA SER C 375 21.05 -18.80 8.30
C SER C 375 21.98 -19.65 7.45
N LEU C 376 22.95 -18.99 6.82
CA LEU C 376 23.94 -19.67 5.99
C LEU C 376 24.75 -20.69 6.79
N VAL C 377 25.21 -20.27 7.97
CA VAL C 377 25.97 -21.15 8.83
C VAL C 377 25.15 -22.41 9.09
N LEU C 378 23.87 -22.22 9.41
CA LEU C 378 22.98 -23.35 9.67
C LEU C 378 22.90 -24.25 8.44
N ALA C 379 22.77 -23.61 7.27
CA ALA C 379 22.70 -24.32 5.99
C ALA C 379 23.97 -25.16 5.84
N GLY C 380 25.12 -24.53 6.09
CA GLY C 380 26.39 -25.22 6.03
C GLY C 380 26.40 -26.45 6.92
N CYS C 381 25.69 -26.39 8.06
CA CYS C 381 25.62 -27.53 8.99
C CYS C 381 24.86 -28.77 8.49
N ILE C 382 23.95 -28.55 7.54
CA ILE C 382 23.19 -29.69 7.04
C ILE C 382 23.54 -29.98 5.59
N ALA C 383 24.22 -29.04 4.95
CA ALA C 383 24.61 -29.24 3.57
C ALA C 383 25.66 -30.35 3.47
N GLU C 384 25.56 -31.09 2.38
CA GLU C 384 26.48 -32.19 2.06
C GLU C 384 27.82 -31.55 1.70
N GLY C 385 28.89 -32.02 2.34
CA GLY C 385 30.21 -31.48 2.03
C GLY C 385 30.69 -30.33 2.91
N THR C 386 31.44 -29.41 2.30
CA THR C 386 32.01 -28.26 3.01
C THR C 386 31.39 -26.93 2.57
N THR C 387 31.22 -26.01 3.51
CA THR C 387 30.64 -24.71 3.24
C THR C 387 31.48 -23.61 3.86
N VAL C 388 31.64 -22.51 3.14
CA VAL C 388 32.43 -21.41 3.67
C VAL C 388 31.63 -20.14 3.66
N VAL C 389 31.33 -19.64 4.85
CA VAL C 389 30.56 -18.41 4.97
C VAL C 389 31.51 -17.26 5.26
N ASP C 390 31.45 -16.26 4.39
CA ASP C 390 32.30 -15.07 4.49
C ASP C 390 31.63 -14.01 5.36
N ARG C 391 32.40 -12.98 5.71
CA ARG C 391 31.87 -11.87 6.50
C ARG C 391 31.02 -12.19 7.73
N ILE C 392 31.45 -13.18 8.50
CA ILE C 392 30.73 -13.58 9.68
C ILE C 392 30.76 -12.48 10.73
N TYR C 393 31.46 -11.39 10.47
CA TYR C 393 31.47 -10.32 11.45
C TYR C 393 30.03 -9.85 11.67
N HIS C 394 29.21 -9.91 10.63
CA HIS C 394 27.82 -9.51 10.78
C HIS C 394 27.11 -10.39 11.80
N ILE C 395 27.42 -11.68 11.77
CA ILE C 395 26.83 -12.64 12.69
C ILE C 395 27.33 -12.34 14.10
N ASP C 396 28.62 -12.03 14.22
CA ASP C 396 29.19 -11.71 15.52
C ASP C 396 28.64 -10.45 16.18
N ARG C 397 28.01 -9.61 15.37
CA ARG C 397 27.42 -8.37 15.86
C ARG C 397 26.23 -8.71 16.76
N GLY C 398 25.52 -9.74 16.40
CA GLY C 398 24.35 -10.13 17.11
C GLY C 398 24.29 -11.46 17.81
N TYR C 399 25.30 -12.26 17.69
CA TYR C 399 25.28 -13.52 18.36
C TYR C 399 26.48 -13.69 19.20
N GLU C 400 26.29 -14.09 20.43
CA GLU C 400 27.44 -14.31 21.26
C GLU C 400 28.00 -15.67 21.00
N ARG C 401 29.12 -15.69 20.34
CA ARG C 401 29.91 -16.86 20.08
C ARG C 401 29.17 -18.05 19.54
N ILE C 402 28.71 -17.91 18.32
CA ILE C 402 27.88 -18.88 17.63
C ILE C 402 28.53 -20.25 17.39
N GLU C 403 29.79 -20.30 17.05
CA GLU C 403 30.48 -21.55 16.91
C GLU C 403 30.60 -22.35 18.19
N ASP C 404 30.85 -21.70 19.31
CA ASP C 404 30.89 -22.48 20.53
C ASP C 404 29.58 -23.16 20.75
N LYS C 405 28.51 -22.37 20.62
CA LYS C 405 27.16 -22.89 20.77
C LYS C 405 26.90 -23.96 19.72
N LEU C 406 27.21 -23.65 18.47
CA LEU C 406 27.03 -24.64 17.41
C LEU C 406 27.85 -25.90 17.61
N ARG C 407 29.11 -25.69 17.96
CA ARG C 407 30.01 -26.80 18.20
C ARG C 407 29.42 -27.73 19.23
N ALA C 408 28.84 -27.13 20.27
CA ALA C 408 28.23 -27.88 21.34
C ALA C 408 26.95 -28.61 20.91
N LEU C 409 26.36 -28.18 19.80
CA LEU C 409 25.15 -28.85 19.31
C LEU C 409 25.48 -30.03 18.39
N GLY C 410 26.77 -30.25 18.18
CA GLY C 410 27.21 -31.34 17.33
C GLY C 410 27.76 -30.86 16.00
N ALA C 411 27.98 -29.56 15.86
CA ALA C 411 28.47 -29.00 14.61
C ALA C 411 29.97 -29.06 14.40
N ASN C 412 30.34 -29.24 13.15
CA ASN C 412 31.74 -29.27 12.72
C ASN C 412 31.97 -27.87 12.19
N ILE C 413 32.36 -26.95 13.06
CA ILE C 413 32.54 -25.60 12.64
C ILE C 413 33.86 -24.96 13.07
N GLU C 414 34.34 -24.02 12.26
CA GLU C 414 35.57 -23.33 12.57
C GLU C 414 35.84 -21.94 12.04
N ARG C 415 36.24 -21.06 12.95
CA ARG C 415 36.54 -19.68 12.59
C ARG C 415 37.85 -19.58 11.80
N VAL C 416 37.81 -18.88 10.68
CA VAL C 416 39.02 -18.71 9.87
C VAL C 416 39.37 -17.24 9.88
N LYS C 417 40.47 -16.90 10.54
CA LYS C 417 40.90 -15.51 10.60
C LYS C 417 41.46 -15.00 9.28
N GLY C 418 41.13 -13.75 8.94
CA GLY C 418 41.62 -13.18 7.70
C GLY C 418 43.14 -13.15 7.70
N GLU C 419 43.70 -13.18 8.91
CA GLU C 419 45.14 -13.18 9.12
C GLU C 419 45.70 -13.86 10.38
N MET D 1 -25.59 32.43 5.65
CA MET D 1 -24.75 31.36 5.01
C MET D 1 -24.99 31.28 3.51
N ASP D 2 -24.03 31.76 2.72
CA ASP D 2 -24.14 31.74 1.27
C ASP D 2 -24.65 30.44 0.64
N LYS D 3 -25.55 30.57 -0.33
CA LYS D 3 -26.12 29.43 -1.04
C LYS D 3 -26.14 29.75 -2.53
N PHE D 4 -26.16 28.71 -3.36
CA PHE D 4 -26.24 28.87 -4.81
C PHE D 4 -27.56 28.29 -5.26
N ARG D 5 -28.42 29.11 -5.86
CA ARG D 5 -29.72 28.67 -6.38
C ARG D 5 -29.58 28.53 -7.90
N VAL D 6 -29.73 27.30 -8.40
CA VAL D 6 -29.58 27.06 -9.83
C VAL D 6 -30.83 26.63 -10.58
N GLN D 7 -31.02 27.23 -11.74
CA GLN D 7 -32.16 26.92 -12.61
C GLN D 7 -31.70 26.01 -13.74
N GLY D 8 -32.11 24.75 -13.70
CA GLY D 8 -31.69 23.84 -14.76
C GLY D 8 -32.83 23.47 -15.66
N PRO D 9 -32.54 23.02 -16.90
CA PRO D 9 -31.17 22.88 -17.41
C PRO D 9 -30.74 24.06 -18.27
N THR D 10 -29.45 24.31 -18.33
CA THR D 10 -28.93 25.43 -19.09
C THR D 10 -27.64 25.03 -19.74
N ARG D 11 -27.56 25.26 -21.05
CA ARG D 11 -26.35 24.94 -21.78
C ARG D 11 -25.26 25.95 -21.45
N LEU D 12 -24.12 25.47 -20.96
CA LEU D 12 -23.02 26.37 -20.64
C LEU D 12 -22.21 26.59 -21.91
N GLN D 13 -22.11 27.83 -22.35
CA GLN D 13 -21.36 28.11 -23.56
C GLN D 13 -20.83 29.53 -23.67
N GLY D 14 -19.81 29.73 -24.49
CA GLY D 14 -19.26 31.06 -24.66
C GLY D 14 -17.80 31.23 -24.26
N GLU D 15 -17.55 32.26 -23.46
CA GLU D 15 -16.22 32.59 -22.96
C GLU D 15 -16.09 32.67 -21.44
N VAL D 16 -14.90 32.35 -20.97
CA VAL D 16 -14.61 32.41 -19.56
C VAL D 16 -13.14 32.74 -19.56
N THR D 17 -12.79 33.76 -18.79
CA THR D 17 -11.41 34.17 -18.70
C THR D 17 -10.88 33.46 -17.48
N ILE D 18 -9.89 32.61 -17.69
CA ILE D 18 -9.32 31.85 -16.59
C ILE D 18 -8.48 32.74 -15.68
N SER D 19 -8.69 32.64 -14.38
CA SER D 19 -7.90 33.42 -13.42
C SER D 19 -6.61 32.73 -12.98
N GLY D 20 -5.69 33.48 -12.38
CA GLY D 20 -4.44 32.89 -11.93
C GLY D 20 -4.60 31.80 -10.89
N ALA D 21 -3.63 30.89 -10.79
CA ALA D 21 -3.69 29.80 -9.81
C ALA D 21 -3.32 30.24 -8.39
N LYS D 22 -4.26 30.10 -7.46
CA LYS D 22 -3.94 30.45 -6.07
C LYS D 22 -2.68 29.75 -5.65
N ASN D 23 -2.58 28.50 -6.09
CA ASN D 23 -1.47 27.66 -5.79
C ASN D 23 -0.10 27.95 -6.37
N ALA D 24 -0.06 28.96 -7.24
CA ALA D 24 1.21 29.36 -7.81
C ALA D 24 1.43 30.72 -7.20
N ALA D 25 0.33 31.48 -7.12
CA ALA D 25 0.36 32.82 -6.56
C ALA D 25 0.90 32.79 -5.11
N LEU D 26 0.37 31.88 -4.29
CA LEU D 26 0.82 31.72 -2.89
C LEU D 26 2.33 31.60 -2.73
N PRO D 27 2.93 30.52 -3.27
CA PRO D 27 4.38 30.34 -3.15
C PRO D 27 5.17 31.50 -3.74
N ILE D 28 4.66 32.10 -4.81
CA ILE D 28 5.34 33.23 -5.42
C ILE D 28 5.24 34.43 -4.45
N LEU D 29 4.07 34.61 -3.86
CA LEU D 29 3.89 35.68 -2.90
C LEU D 29 4.94 35.62 -1.77
N PHE D 30 5.18 34.43 -1.25
CA PHE D 30 6.19 34.25 -0.21
C PHE D 30 7.61 34.41 -0.73
N ALA D 31 7.82 33.92 -1.95
CA ALA D 31 9.12 34.01 -2.59
C ALA D 31 9.52 35.48 -2.68
N ALA D 32 8.53 36.34 -2.91
CA ALA D 32 8.74 37.77 -3.03
C ALA D 32 9.59 38.32 -1.89
N LEU D 33 9.42 37.78 -0.70
CA LEU D 33 10.23 38.21 0.44
C LEU D 33 11.73 38.26 0.14
N LEU D 34 12.14 37.48 -0.87
CA LEU D 34 13.55 37.42 -1.29
C LEU D 34 13.96 38.62 -2.12
N ALA D 35 12.98 39.29 -2.70
CA ALA D 35 13.26 40.42 -3.57
C ALA D 35 13.74 41.68 -2.88
N GLU D 36 14.80 42.26 -3.42
CA GLU D 36 15.35 43.49 -2.89
C GLU D 36 14.68 44.72 -3.44
N GLU D 37 14.30 44.64 -4.71
CA GLU D 37 13.63 45.73 -5.40
C GLU D 37 12.17 45.34 -5.53
N PRO D 38 11.29 46.33 -5.69
CA PRO D 38 9.85 46.01 -5.81
C PRO D 38 9.54 44.96 -6.89
N VAL D 39 8.43 44.26 -6.74
CA VAL D 39 8.04 43.27 -7.71
C VAL D 39 6.55 43.42 -7.97
N GLU D 40 6.16 43.19 -9.22
CA GLU D 40 4.75 43.25 -9.62
C GLU D 40 4.21 41.84 -9.93
N ILE D 41 3.36 41.31 -9.05
CA ILE D 41 2.84 39.97 -9.27
C ILE D 41 1.49 40.09 -9.95
N GLN D 42 1.46 39.87 -11.27
CA GLN D 42 0.19 39.96 -11.96
C GLN D 42 -0.65 38.69 -12.02
N ASN D 43 -1.88 38.81 -12.49
CA ASN D 43 -2.72 37.63 -12.59
C ASN D 43 -2.95 36.86 -11.28
N VAL D 44 -2.99 37.59 -10.17
CA VAL D 44 -3.23 37.03 -8.83
C VAL D 44 -4.72 37.07 -8.51
N PRO D 45 -5.32 35.91 -8.19
CA PRO D 45 -6.76 35.92 -7.89
C PRO D 45 -7.10 36.57 -6.55
N LYS D 46 -8.38 36.89 -6.39
CA LYS D 46 -8.92 37.50 -5.17
C LYS D 46 -9.57 36.41 -4.30
N LEU D 47 -8.77 35.80 -3.44
CA LEU D 47 -9.22 34.71 -2.58
C LEU D 47 -8.82 34.98 -1.16
N LYS D 48 -9.50 34.35 -0.20
CA LYS D 48 -9.14 34.54 1.19
C LYS D 48 -7.64 34.36 1.45
N ASP D 49 -7.09 33.21 1.05
CA ASP D 49 -5.64 32.97 1.24
C ASP D 49 -4.73 34.05 0.70
N ILE D 50 -5.18 34.76 -0.33
CA ILE D 50 -4.35 35.83 -0.88
C ILE D 50 -4.35 36.97 0.13
N ASP D 51 -5.49 37.17 0.78
CA ASP D 51 -5.62 38.20 1.80
C ASP D 51 -4.77 37.87 3.02
N THR D 52 -4.99 36.67 3.55
CA THR D 52 -4.24 36.25 4.72
C THR D 52 -2.74 36.44 4.44
N THR D 53 -2.33 36.11 3.22
CA THR D 53 -0.94 36.25 2.82
C THR D 53 -0.48 37.71 2.80
N MET D 54 -1.35 38.59 2.31
CA MET D 54 -1.03 40.02 2.25
C MET D 54 -0.92 40.59 3.65
N LYS D 55 -1.89 40.28 4.51
CA LYS D 55 -1.83 40.78 5.88
C LYS D 55 -0.54 40.29 6.55
N LEU D 56 -0.21 39.03 6.27
CA LEU D 56 1.00 38.41 6.79
C LEU D 56 2.31 39.10 6.37
N LEU D 57 2.45 39.35 5.07
CA LEU D 57 3.63 40.05 4.51
C LEU D 57 3.77 41.46 5.09
N THR D 58 2.65 42.17 5.14
CA THR D 58 2.62 43.53 5.65
C THR D 58 3.17 43.53 7.07
N GLN D 59 2.76 42.53 7.83
CA GLN D 59 3.18 42.39 9.19
C GLN D 59 4.69 42.16 9.31
N LEU D 60 5.29 41.63 8.24
CA LEU D 60 6.73 41.41 8.22
C LEU D 60 7.42 42.75 8.00
N GLY D 61 6.64 43.72 7.54
CA GLY D 61 7.18 45.04 7.27
C GLY D 61 7.32 45.23 5.78
N THR D 62 6.60 44.42 5.03
CA THR D 62 6.61 44.49 3.58
C THR D 62 5.60 45.54 3.10
N LYS D 63 5.92 46.29 2.05
CA LYS D 63 4.96 47.22 1.48
C LYS D 63 4.09 46.44 0.50
N VAL D 64 2.81 46.30 0.83
CA VAL D 64 1.87 45.54 0.02
C VAL D 64 0.63 46.31 -0.39
N GLU D 65 0.22 46.11 -1.63
CA GLU D 65 -0.97 46.75 -2.18
C GLU D 65 -1.48 45.96 -3.37
N ARG D 66 -2.79 45.88 -3.53
CA ARG D 66 -3.34 45.14 -4.66
C ARG D 66 -4.41 45.81 -5.48
N IAS D 67 -4.85 45.10 -6.50
CA IAS D 67 -5.87 45.60 -7.39
C IAS D 67 -7.30 45.20 -6.99
O IAS D 67 -8.19 45.41 -7.83
CB IAS D 67 -5.55 45.30 -8.84
CG IAS D 67 -5.79 43.85 -9.17
OD1 IAS D 67 -6.02 43.02 -8.28
OXT IAS D 67 -7.51 44.68 -5.86
N GLY D 68 -5.72 43.52 -10.45
CA GLY D 68 -5.46 42.15 -10.82
C GLY D 68 -4.09 41.80 -10.31
N SER D 69 -3.27 42.82 -10.07
CA SER D 69 -1.91 42.59 -9.61
C SER D 69 -1.68 42.87 -8.14
N VAL D 70 -0.61 42.30 -7.61
CA VAL D 70 -0.26 42.54 -6.24
C VAL D 70 1.09 43.17 -6.32
N TRP D 71 1.22 44.34 -5.71
CA TRP D 71 2.49 45.05 -5.69
C TRP D 71 3.21 44.81 -4.37
N ILE D 72 4.47 44.37 -4.45
CA ILE D 72 5.27 44.09 -3.26
C ILE D 72 6.61 44.81 -3.23
N ASP D 73 6.93 45.33 -2.05
CA ASP D 73 8.18 46.04 -1.81
C ASP D 73 8.73 45.44 -0.51
N ALA D 74 9.65 44.47 -0.65
CA ALA D 74 10.21 43.80 0.52
C ALA D 74 11.56 44.34 0.88
N SER D 75 11.78 45.57 0.47
CA SER D 75 13.06 46.23 0.73
C SER D 75 13.25 46.53 2.20
N ASN D 76 12.15 46.77 2.90
CA ASN D 76 12.22 47.08 4.32
C ASN D 76 11.54 46.16 5.31
N VAL D 77 11.76 44.87 5.14
CA VAL D 77 11.19 43.85 6.01
C VAL D 77 11.90 43.88 7.36
N ASN D 78 11.21 44.41 8.36
CA ASN D 78 11.77 44.55 9.70
C ASN D 78 11.41 43.47 10.72
N ASN D 79 10.22 42.91 10.60
CA ASN D 79 9.76 41.86 11.50
C ASN D 79 9.98 40.48 10.88
N PHE D 80 10.48 39.54 11.67
CA PHE D 80 10.71 38.19 11.15
C PHE D 80 9.79 37.15 11.74
N SER D 81 8.67 37.60 12.29
CA SER D 81 7.73 36.69 12.92
C SER D 81 6.31 36.56 12.36
N ALA D 82 5.89 35.34 12.05
CA ALA D 82 4.55 35.10 11.56
C ALA D 82 3.73 34.62 12.75
N PRO D 83 3.02 35.54 13.41
CA PRO D 83 2.18 35.25 14.58
C PRO D 83 1.09 34.18 14.42
N TYR D 84 0.61 33.69 15.55
CA TYR D 84 -0.45 32.70 15.55
C TYR D 84 -1.68 33.22 14.81
N ASP D 85 -1.97 34.50 14.96
CA ASP D 85 -3.17 35.03 14.37
C ASP D 85 -3.21 34.89 12.88
N LEU D 86 -2.12 35.25 12.25
CA LEU D 86 -1.92 35.11 10.81
C LEU D 86 -1.79 33.75 10.28
N VAL D 87 -1.01 32.92 10.94
CA VAL D 87 -0.64 31.72 10.32
C VAL D 87 -2.01 31.30 10.11
N LYS D 88 -2.88 31.57 11.06
CA LYS D 88 -4.29 31.40 10.83
C LYS D 88 -4.63 29.98 10.49
N THR D 89 -5.32 29.86 9.40
CA THR D 89 -5.51 28.60 8.76
C THR D 89 -4.51 28.74 7.63
N MET D 90 -4.72 28.31 6.44
CA MET D 90 -3.65 28.72 5.58
C MET D 90 -2.29 28.27 5.98
N ARG D 91 -2.09 27.03 5.66
CA ARG D 91 -0.84 26.30 5.64
C ARG D 91 0.30 26.98 4.96
N ALA D 92 0.01 27.58 3.81
CA ALA D 92 0.99 28.29 3.02
C ALA D 92 1.87 29.20 3.89
N SER D 93 1.38 29.60 5.06
CA SER D 93 2.11 30.44 6.00
C SER D 93 3.56 30.02 6.20
N ILE D 94 3.75 28.71 6.27
CA ILE D 94 5.07 28.14 6.46
C ILE D 94 6.05 28.64 5.40
N TRP D 95 5.53 29.01 4.22
CA TRP D 95 6.38 29.53 3.14
C TRP D 95 7.19 30.77 3.44
N ALA D 96 6.88 31.42 4.56
CA ALA D 96 7.60 32.62 4.95
C ALA D 96 8.93 32.25 5.62
N LEU D 97 9.00 31.04 6.15
CA LEU D 97 10.19 30.57 6.83
C LEU D 97 11.48 30.56 6.05
N GLY D 98 11.46 29.93 4.87
CA GLY D 98 12.65 29.84 4.04
C GLY D 98 13.18 31.22 3.65
N PRO D 99 12.36 32.03 2.99
CA PRO D 99 12.75 33.38 2.55
C PRO D 99 13.35 34.21 3.68
N LEU D 100 12.69 34.21 4.83
CA LEU D 100 13.16 34.95 5.98
C LEU D 100 14.59 34.58 6.41
N VAL D 101 14.83 33.29 6.63
CA VAL D 101 16.16 32.86 7.04
C VAL D 101 17.18 32.98 5.93
N ALA D 102 16.80 32.68 4.70
CA ALA D 102 17.75 32.78 3.58
C ALA D 102 18.19 34.22 3.35
N ARG D 103 17.24 35.14 3.47
CA ARG D 103 17.53 36.55 3.24
C ARG D 103 17.98 37.33 4.43
N PHE D 104 17.30 37.12 5.55
CA PHE D 104 17.55 37.83 6.79
C PHE D 104 18.37 37.16 7.87
N GLY D 105 18.62 35.87 7.69
CA GLY D 105 19.40 35.14 8.67
C GLY D 105 18.56 34.64 9.82
N GLN D 106 17.29 35.01 9.83
CA GLN D 106 16.44 34.57 10.90
C GLN D 106 14.99 34.50 10.51
N GLY D 107 14.28 33.51 11.04
CA GLY D 107 12.88 33.40 10.72
C GLY D 107 12.09 32.56 11.70
N GLN D 108 10.87 32.99 11.97
CA GLN D 108 10.00 32.27 12.87
C GLN D 108 8.57 32.22 12.42
N VAL D 109 8.05 31.03 12.24
CA VAL D 109 6.71 30.85 11.78
C VAL D 109 6.03 30.08 12.84
N SER D 110 4.91 30.61 13.28
CA SER D 110 4.07 29.93 14.21
C SER D 110 3.46 28.68 13.62
N LEU D 111 3.41 27.63 14.39
CA LEU D 111 2.99 26.39 13.85
C LEU D 111 1.57 26.16 14.25
N PRO D 112 0.67 26.03 13.29
CA PRO D 112 -0.73 26.04 13.66
C PRO D 112 -0.99 24.80 14.43
N GLY D 113 -1.32 24.93 15.70
CA GLY D 113 -1.74 23.79 16.45
C GLY D 113 -0.67 22.74 16.49
N GLY D 114 0.56 23.15 16.29
CA GLY D 114 1.64 22.20 16.17
C GLY D 114 1.82 21.35 17.40
N CYS D 115 2.06 20.06 17.19
CA CYS D 115 2.09 19.10 18.30
C CYS D 115 0.76 18.44 18.73
N ALA D 116 -0.34 19.15 18.44
CA ALA D 116 -1.68 18.67 18.77
C ALA D 116 -2.06 17.48 17.90
N ILE D 117 -2.55 16.42 18.54
CA ILE D 117 -2.96 15.20 17.83
C ILE D 117 -3.60 15.57 16.50
N GLY D 118 -2.92 15.22 15.41
CA GLY D 118 -3.43 15.53 14.09
C GLY D 118 -3.21 16.98 13.66
N ALA D 119 -1.95 17.34 13.41
CA ALA D 119 -1.59 18.71 13.01
C ALA D 119 -0.85 18.73 11.67
N ARG D 120 -0.55 19.93 11.19
CA ARG D 120 0.16 20.11 9.92
C ARG D 120 1.62 19.58 9.91
N PRO D 121 1.85 18.37 9.36
CA PRO D 121 3.23 17.85 9.36
C PRO D 121 4.14 18.72 8.48
N VAL D 122 4.72 19.74 9.10
CA VAL D 122 5.62 20.66 8.42
C VAL D 122 7.05 20.16 8.56
N ASP D 123 7.16 18.88 8.86
CA ASP D 123 8.43 18.20 9.03
C ASP D 123 9.43 18.41 7.92
N LEU D 124 8.99 18.20 6.67
CA LEU D 124 9.86 18.35 5.51
C LEU D 124 10.54 19.70 5.39
N HIS D 125 9.77 20.76 5.56
CA HIS D 125 10.27 22.13 5.51
C HIS D 125 11.45 22.27 6.49
N ILE D 126 11.19 21.92 7.74
CA ILE D 126 12.17 21.98 8.81
C ILE D 126 13.45 21.21 8.55
N PHE D 127 13.31 20.00 8.02
CA PHE D 127 14.49 19.22 7.73
C PHE D 127 15.27 19.72 6.51
N GLY D 128 14.55 20.25 5.52
CA GLY D 128 15.19 20.79 4.34
C GLY D 128 16.01 22.02 4.73
N LEU D 129 15.48 22.82 5.67
CA LEU D 129 16.19 23.99 6.15
C LEU D 129 17.48 23.62 6.89
N GLU D 130 17.40 22.58 7.73
CA GLU D 130 18.54 22.05 8.49
C GLU D 130 19.59 21.57 7.48
N LYS D 131 19.14 20.92 6.42
CA LYS D 131 20.07 20.43 5.39
C LYS D 131 20.82 21.56 4.70
N LEU D 132 20.15 22.71 4.63
CA LEU D 132 20.70 23.92 4.03
C LEU D 132 21.54 24.74 5.01
N GLY D 133 21.76 24.18 6.21
CA GLY D 133 22.57 24.85 7.22
C GLY D 133 21.89 25.77 8.22
N ALA D 134 20.57 25.75 8.26
CA ALA D 134 19.88 26.60 9.19
C ALA D 134 19.83 25.93 10.54
N GLU D 135 19.81 26.75 11.58
CA GLU D 135 19.70 26.30 12.96
C GLU D 135 18.19 26.26 13.17
N ILE D 136 17.69 25.13 13.63
CA ILE D 136 16.28 24.99 13.89
C ILE D 136 15.99 24.96 15.39
N LYS D 137 14.91 25.62 15.80
CA LYS D 137 14.47 25.61 17.19
C LYS D 137 12.97 25.31 17.19
N LEU D 138 12.54 24.37 18.05
CA LEU D 138 11.12 23.99 18.16
C LEU D 138 10.55 24.39 19.52
N GLU D 139 10.25 25.66 19.72
CA GLU D 139 9.67 26.07 20.98
C GLU D 139 9.03 27.45 20.99
N GLU D 140 8.36 27.78 22.09
CA GLU D 140 7.53 28.98 22.17
C GLU D 140 6.34 28.97 21.19
N GLY D 141 5.93 27.77 20.78
CA GLY D 141 4.82 27.61 19.84
C GLY D 141 5.29 27.69 18.39
N TYR D 142 6.48 28.24 18.23
CA TYR D 142 7.08 28.40 16.92
C TYR D 142 7.87 27.21 16.39
N VAL D 143 8.66 27.59 15.41
CA VAL D 143 9.61 26.78 14.69
C VAL D 143 10.46 27.96 14.20
N LYS D 144 11.62 28.12 14.83
CA LYS D 144 12.54 29.19 14.48
C LYS D 144 13.64 28.63 13.59
N ALA D 145 14.03 29.39 12.59
CA ALA D 145 15.09 28.97 11.71
C ALA D 145 16.05 30.13 11.70
N SER D 146 17.34 29.82 11.86
CA SER D 146 18.33 30.86 11.88
C SER D 146 19.62 30.39 11.29
N VAL D 147 20.41 31.33 10.81
CA VAL D 147 21.70 31.00 10.24
C VAL D 147 22.59 32.23 10.31
N ASN D 148 23.86 31.97 10.59
CA ASN D 148 24.85 33.04 10.69
C ASN D 148 25.32 33.36 9.27
N GLY D 149 24.78 34.43 8.70
CA GLY D 149 25.17 34.77 7.34
C GLY D 149 24.37 33.98 6.32
N ARG D 150 25.07 33.34 5.37
CA ARG D 150 24.40 32.57 4.32
C ARG D 150 24.09 31.08 4.48
N LEU D 151 22.98 30.67 3.89
CA LEU D 151 22.57 29.26 3.88
C LEU D 151 23.58 28.54 2.98
N LYS D 152 23.68 27.24 3.14
CA LYS D 152 24.65 26.48 2.37
C LYS D 152 24.05 25.40 1.49
N GLY D 153 24.27 25.54 0.18
CA GLY D 153 23.75 24.58 -0.78
C GLY D 153 23.97 23.15 -0.35
N ALA D 154 22.92 22.35 -0.38
CA ALA D 154 23.05 20.96 0.03
C ALA D 154 22.40 20.02 -0.98
N HIS D 155 22.87 18.77 -0.98
CA HIS D 155 22.31 17.75 -1.84
C HIS D 155 21.21 17.17 -0.97
N ILE D 156 19.96 17.42 -1.33
CA ILE D 156 18.81 16.96 -0.56
C ILE D 156 17.90 15.96 -1.28
N VAL D 157 17.78 14.78 -0.69
CA VAL D 157 16.95 13.73 -1.27
C VAL D 157 15.64 13.67 -0.48
N MET D 158 14.51 13.81 -1.16
CA MET D 158 13.22 13.72 -0.50
C MET D 158 12.56 12.33 -0.54
N ASP D 159 12.29 11.76 0.64
CA ASP D 159 11.65 10.44 0.80
C ASP D 159 10.17 10.47 0.53
N LYS D 160 9.60 11.67 0.61
CA LYS D 160 8.19 11.90 0.41
C LYS D 160 8.08 13.11 -0.49
N VAL D 161 7.36 12.98 -1.59
CA VAL D 161 7.21 14.10 -2.50
C VAL D 161 6.27 15.11 -1.86
N SER D 162 6.72 16.36 -1.78
CA SER D 162 5.92 17.42 -1.20
C SER D 162 6.02 18.76 -1.92
N VAL D 163 4.90 19.23 -2.45
CA VAL D 163 4.88 20.50 -3.14
C VAL D 163 5.35 21.58 -2.19
N GLY D 164 4.80 21.54 -0.99
CA GLY D 164 5.15 22.53 0.02
C GLY D 164 6.62 22.64 0.40
N ALA D 165 7.31 21.53 0.59
CA ALA D 165 8.73 21.59 1.00
C ALA D 165 9.68 21.82 -0.17
N THR D 166 9.23 21.45 -1.37
CA THR D 166 10.06 21.69 -2.54
C THR D 166 10.12 23.20 -2.70
N VAL D 167 9.01 23.89 -2.45
CA VAL D 167 9.01 25.35 -2.57
C VAL D 167 9.93 25.93 -1.49
N THR D 168 9.70 25.54 -0.24
CA THR D 168 10.52 26.04 0.84
C THR D 168 12.00 25.87 0.58
N ILE D 169 12.41 24.67 0.18
CA ILE D 169 13.82 24.38 -0.08
C ILE D 169 14.40 25.13 -1.28
N MET D 170 13.66 25.12 -2.39
CA MET D 170 14.06 25.79 -3.61
C MET D 170 14.15 27.30 -3.44
N SER D 171 13.16 27.86 -2.76
CA SER D 171 13.13 29.31 -2.54
C SER D 171 14.33 29.71 -1.70
N ALA D 172 14.56 28.96 -0.63
CA ALA D 172 15.66 29.23 0.28
C ALA D 172 17.01 29.02 -0.39
N ALA D 173 17.09 28.01 -1.25
CA ALA D 173 18.33 27.70 -1.90
C ALA D 173 18.83 28.78 -2.86
N THR D 174 17.95 29.64 -3.34
CA THR D 174 18.39 30.67 -4.28
C THR D 174 19.43 31.63 -3.73
N LEU D 175 19.45 31.79 -2.40
CA LEU D 175 20.40 32.70 -1.74
C LEU D 175 21.58 32.01 -1.05
N ALA D 176 21.57 30.68 -1.08
CA ALA D 176 22.63 29.94 -0.43
C ALA D 176 23.91 29.91 -1.22
N GLU D 177 25.02 29.70 -0.52
CA GLU D 177 26.32 29.59 -1.16
C GLU D 177 26.37 28.20 -1.73
N GLY D 178 26.67 28.07 -3.02
CA GLY D 178 26.75 26.74 -3.59
C GLY D 178 25.51 26.27 -4.33
N THR D 179 25.56 25.01 -4.69
CA THR D 179 24.50 24.40 -5.43
C THR D 179 23.64 23.50 -4.56
N THR D 180 22.35 23.51 -4.82
CA THR D 180 21.42 22.66 -4.09
C THR D 180 20.72 21.74 -5.07
N ILE D 181 20.71 20.47 -4.73
CA ILE D 181 20.06 19.51 -5.57
C ILE D 181 18.91 18.94 -4.74
N ILE D 182 17.69 19.11 -5.24
CA ILE D 182 16.52 18.56 -4.57
C ILE D 182 16.08 17.35 -5.39
N GLU D 183 16.35 16.13 -4.90
CA GLU D 183 15.94 14.90 -5.60
C GLU D 183 14.50 14.55 -5.18
N ASN D 184 13.72 14.02 -6.11
CA ASN D 184 12.32 13.68 -5.83
C ASN D 184 11.48 14.95 -5.62
N ALA D 185 11.84 16.01 -6.33
CA ALA D 185 11.13 17.27 -6.22
C ALA D 185 9.75 17.18 -6.79
N ALA D 186 8.81 17.93 -6.21
CA ALA D 186 7.46 17.92 -6.73
C ALA D 186 7.46 18.45 -8.18
N ARG D 187 6.64 17.84 -9.04
CA ARG D 187 6.59 18.21 -10.46
C ARG D 187 5.54 19.23 -10.86
N GLU D 188 4.61 19.50 -9.97
CA GLU D 188 3.53 20.43 -10.22
C GLU D 188 3.78 21.66 -11.08
N PRO D 189 2.82 22.04 -11.94
CA PRO D 189 3.08 23.24 -12.74
C PRO D 189 3.26 24.46 -11.85
N GLU D 190 2.80 24.36 -10.60
CA GLU D 190 2.94 25.45 -9.64
C GLU D 190 4.39 25.57 -9.20
N ILE D 191 5.08 24.44 -9.09
CA ILE D 191 6.49 24.45 -8.69
C ILE D 191 7.24 25.14 -9.81
N VAL D 192 6.96 24.71 -11.04
CA VAL D 192 7.58 25.25 -12.25
C VAL D 192 7.42 26.77 -12.24
N ASP D 193 6.19 27.23 -12.09
CA ASP D 193 5.86 28.66 -12.05
C ASP D 193 6.68 29.44 -11.00
N THR D 194 6.76 28.89 -9.79
CA THR D 194 7.52 29.49 -8.71
C THR D 194 8.99 29.46 -9.05
N ALA D 195 9.44 28.38 -9.68
CA ALA D 195 10.84 28.29 -10.10
C ALA D 195 11.06 29.45 -11.08
N ASN D 196 10.17 29.54 -12.07
CA ASN D 196 10.25 30.60 -13.04
C ASN D 196 10.30 32.01 -12.46
N PHE D 197 9.50 32.23 -11.42
CA PHE D 197 9.46 33.50 -10.73
C PHE D 197 10.85 33.84 -10.17
N LEU D 198 11.41 32.87 -9.44
CA LEU D 198 12.74 33.01 -8.86
C LEU D 198 13.80 33.34 -9.91
N VAL D 199 13.74 32.63 -11.04
CA VAL D 199 14.66 32.85 -12.13
C VAL D 199 14.49 34.24 -12.70
N ALA D 200 13.26 34.73 -12.72
CA ALA D 200 13.02 36.06 -13.23
C ALA D 200 13.62 37.11 -12.29
N LEU D 201 13.65 36.82 -10.98
CA LEU D 201 14.24 37.74 -10.01
C LEU D 201 15.77 37.73 -9.99
N GLY D 202 16.37 36.73 -10.66
CA GLY D 202 17.82 36.61 -10.71
C GLY D 202 18.36 35.29 -10.17
N ALA D 203 17.48 34.35 -9.84
CA ALA D 203 17.93 33.06 -9.32
C ALA D 203 18.38 32.12 -10.44
N LYS D 204 19.27 31.19 -10.09
CA LYS D 204 19.76 30.18 -11.02
C LYS D 204 19.11 28.87 -10.60
N ILE D 205 18.13 28.44 -11.38
CA ILE D 205 17.42 27.21 -11.08
C ILE D 205 17.14 26.45 -12.36
N SER D 206 17.28 25.14 -12.28
CA SER D 206 16.99 24.25 -13.41
C SER D 206 16.46 22.88 -12.93
N GLY D 207 15.68 22.21 -13.78
CA GLY D 207 15.16 20.91 -13.39
C GLY D 207 13.72 21.02 -12.96
N GLN D 208 13.20 22.24 -12.96
CA GLN D 208 11.83 22.43 -12.56
C GLN D 208 10.85 21.69 -13.47
N GLY D 209 10.03 20.84 -12.86
CA GLY D 209 9.06 20.06 -13.61
C GLY D 209 9.51 18.61 -13.68
N THR D 210 10.81 18.40 -13.41
CA THR D 210 11.39 17.07 -13.41
C THR D 210 11.50 16.64 -11.97
N ASP D 211 11.97 15.43 -11.75
CA ASP D 211 12.12 14.89 -10.41
C ASP D 211 13.38 15.44 -9.77
N ARG D 212 14.08 16.30 -10.49
CA ARG D 212 15.36 16.83 -10.01
C ARG D 212 15.63 18.31 -10.19
N ILE D 213 15.59 19.05 -9.07
CA ILE D 213 15.83 20.47 -9.10
C ILE D 213 17.23 20.83 -8.60
N THR D 214 17.91 21.63 -9.40
CA THR D 214 19.24 22.09 -9.08
C THR D 214 19.23 23.60 -8.97
N ILE D 215 19.61 24.10 -7.81
CA ILE D 215 19.66 25.54 -7.59
C ILE D 215 21.09 25.99 -7.37
N GLU D 216 21.45 27.07 -8.05
CA GLU D 216 22.77 27.65 -7.84
C GLU D 216 22.57 28.99 -7.12
N GLY D 217 23.04 29.08 -5.90
CA GLY D 217 22.85 30.29 -5.15
C GLY D 217 23.41 31.57 -5.78
N VAL D 218 22.75 32.68 -5.48
CA VAL D 218 23.21 33.96 -5.96
C VAL D 218 23.18 34.86 -4.77
N GLU D 219 23.90 35.96 -4.86
CA GLU D 219 23.93 36.91 -3.76
C GLU D 219 22.66 37.63 -3.46
N ARG D 220 21.88 37.94 -4.50
CA ARG D 220 20.67 38.68 -4.27
C ARG D 220 19.69 38.57 -5.39
N LEU D 221 18.43 38.80 -5.08
CA LEU D 221 17.36 38.78 -6.06
C LEU D 221 16.85 40.20 -6.27
N GLY D 222 16.69 40.57 -7.53
CA GLY D 222 16.19 41.90 -7.84
C GLY D 222 14.68 41.91 -7.74
N GLY D 223 14.06 42.89 -8.39
CA GLY D 223 12.62 42.99 -8.36
C GLY D 223 12.14 42.68 -9.76
N GLY D 224 11.09 43.35 -10.21
CA GLY D 224 10.63 43.08 -11.56
C GLY D 224 9.14 42.80 -11.67
N VAL D 225 8.78 42.17 -12.78
CA VAL D 225 7.40 41.82 -13.06
C VAL D 225 7.23 40.35 -13.44
N TYR D 226 6.21 39.74 -12.88
CA TYR D 226 5.92 38.33 -13.12
C TYR D 226 4.41 38.06 -13.22
N ARG D 227 4.04 37.20 -14.14
CA ARG D 227 2.62 36.86 -14.30
C ARG D 227 2.35 35.46 -13.74
N VAL D 228 1.47 35.35 -12.74
CA VAL D 228 1.17 34.05 -12.14
C VAL D 228 0.55 33.19 -13.22
N LEU D 229 0.89 31.91 -13.25
CA LEU D 229 0.33 31.03 -14.26
C LEU D 229 -1.17 30.75 -14.12
N PRO D 230 -1.84 30.43 -15.24
CA PRO D 230 -3.27 30.16 -15.16
C PRO D 230 -3.61 28.99 -14.23
N ASP D 231 -4.84 29.00 -13.73
CA ASP D 231 -5.36 27.96 -12.83
C ASP D 231 -5.89 26.73 -13.60
N ARG D 232 -5.02 25.71 -13.72
CA ARG D 232 -5.34 24.48 -14.41
C ARG D 232 -6.64 23.79 -14.01
N ILE D 233 -6.94 23.75 -12.72
CA ILE D 233 -8.14 23.09 -12.26
C ILE D 233 -9.34 23.92 -12.67
N GLU D 234 -9.24 25.24 -12.46
CA GLU D 234 -10.35 26.10 -12.88
C GLU D 234 -10.63 25.92 -14.38
N THR D 235 -9.57 25.95 -15.19
CA THR D 235 -9.69 25.78 -16.61
C THR D 235 -10.48 24.51 -16.87
N GLY D 236 -10.01 23.43 -16.24
CA GLY D 236 -10.62 22.13 -16.37
C GLY D 236 -12.06 22.10 -15.89
N THR D 237 -12.35 22.81 -14.82
CA THR D 237 -13.72 22.84 -14.32
C THR D 237 -14.63 23.40 -15.40
N PHE D 238 -14.19 24.49 -16.05
CA PHE D 238 -14.97 25.09 -17.13
C PHE D 238 -15.11 24.21 -18.37
N LEU D 239 -14.02 23.60 -18.80
CA LEU D 239 -14.09 22.71 -19.95
C LEU D 239 -15.20 21.70 -19.70
N VAL D 240 -15.18 21.11 -18.50
CA VAL D 240 -16.18 20.13 -18.10
C VAL D 240 -17.57 20.73 -18.15
N ALA D 241 -17.70 21.98 -17.75
CA ALA D 241 -19.00 22.63 -17.77
C ALA D 241 -19.58 22.62 -19.18
N ALA D 242 -18.72 22.72 -20.18
CA ALA D 242 -19.21 22.70 -21.56
C ALA D 242 -19.42 21.25 -21.98
N ALA D 243 -18.41 20.43 -21.67
CA ALA D 243 -18.44 19.03 -22.06
C ALA D 243 -19.69 18.31 -21.58
N ILE D 244 -20.25 18.73 -20.47
CA ILE D 244 -21.45 18.06 -19.95
C ILE D 244 -22.71 18.77 -20.35
N SER D 245 -22.58 19.85 -21.10
CA SER D 245 -23.76 20.60 -21.47
C SER D 245 -24.03 20.69 -22.96
N GLY D 246 -23.33 19.88 -23.72
CA GLY D 246 -23.51 19.92 -25.17
C GLY D 246 -23.11 21.30 -25.63
N GLY D 247 -22.29 21.95 -24.81
CA GLY D 247 -21.87 23.29 -25.15
C GLY D 247 -20.54 23.43 -25.85
N LYS D 248 -20.19 24.69 -26.08
CA LYS D 248 -18.94 25.07 -26.70
C LYS D 248 -18.45 26.23 -25.86
N ILE D 249 -17.20 26.17 -25.45
CA ILE D 249 -16.68 27.24 -24.62
C ILE D 249 -15.25 27.46 -25.01
N VAL D 250 -14.77 28.67 -24.79
CA VAL D 250 -13.37 28.98 -25.04
C VAL D 250 -12.82 29.47 -23.72
N CYS D 251 -11.64 28.99 -23.37
CA CYS D 251 -10.98 29.38 -22.14
C CYS D 251 -9.87 30.38 -22.43
N ARG D 252 -10.10 31.64 -22.11
CA ARG D 252 -9.07 32.67 -22.34
C ARG D 252 -8.11 32.71 -21.16
N ASN D 253 -6.88 33.16 -21.42
CA ASN D 253 -5.89 33.25 -20.35
C ASN D 253 -5.53 31.89 -19.72
N ALA D 254 -5.54 30.87 -20.58
CA ALA D 254 -5.27 29.51 -20.16
C ALA D 254 -3.88 29.06 -20.55
N GLN D 255 -3.47 27.92 -19.99
CA GLN D 255 -2.17 27.32 -20.28
C GLN D 255 -2.27 25.83 -20.62
N PRO D 256 -2.58 25.52 -21.89
CA PRO D 256 -2.73 24.16 -22.42
C PRO D 256 -1.73 23.12 -21.91
N ASP D 257 -0.44 23.41 -22.00
CA ASP D 257 0.56 22.45 -21.52
C ASP D 257 0.40 21.86 -20.09
N THR D 258 -0.21 22.61 -19.18
CA THR D 258 -0.42 22.14 -17.82
C THR D 258 -1.66 21.23 -17.74
N LEU D 259 -2.23 20.89 -18.90
CA LEU D 259 -3.44 20.07 -19.00
C LEU D 259 -3.46 18.85 -19.93
N ASP D 260 -2.33 18.54 -20.53
CA ASP D 260 -2.28 17.42 -21.46
C ASP D 260 -3.27 16.31 -21.13
N ALA D 261 -3.16 15.78 -19.92
CA ALA D 261 -3.99 14.69 -19.46
C ALA D 261 -5.47 14.99 -19.51
N VAL D 262 -5.88 16.14 -18.96
CA VAL D 262 -7.31 16.48 -18.96
C VAL D 262 -7.85 16.64 -20.37
N LEU D 263 -7.06 17.25 -21.25
CA LEU D 263 -7.46 17.41 -22.65
C LEU D 263 -7.66 16.08 -23.41
N ALA D 264 -6.75 15.13 -23.16
CA ALA D 264 -6.83 13.81 -23.80
C ALA D 264 -8.08 13.12 -23.24
N LYS D 265 -8.31 13.27 -21.95
CA LYS D 265 -9.49 12.67 -21.35
C LYS D 265 -10.76 13.26 -21.97
N LEU D 266 -10.77 14.58 -22.14
CA LEU D 266 -11.92 15.26 -22.75
C LEU D 266 -12.18 14.78 -24.16
N ARG D 267 -11.12 14.58 -24.93
CA ARG D 267 -11.27 14.07 -26.28
C ARG D 267 -11.94 12.70 -26.26
N GLU D 268 -11.52 11.85 -25.32
CA GLU D 268 -12.10 10.50 -25.16
C GLU D 268 -13.60 10.57 -24.87
N ALA D 269 -14.03 11.71 -24.34
CA ALA D 269 -15.43 11.91 -24.00
C ALA D 269 -16.23 12.42 -25.19
N GLY D 270 -15.56 12.59 -26.34
CA GLY D 270 -16.24 13.01 -27.54
C GLY D 270 -16.09 14.48 -27.83
N ALA D 271 -15.43 15.19 -26.93
CA ALA D 271 -15.24 16.62 -27.11
C ALA D 271 -14.31 16.96 -28.27
N ASP D 272 -14.62 18.06 -28.93
CA ASP D 272 -13.83 18.58 -30.04
C ASP D 272 -13.02 19.74 -29.44
N ILE D 273 -11.72 19.51 -29.29
CA ILE D 273 -10.86 20.50 -28.67
C ILE D 273 -9.78 21.07 -29.54
N GLU D 274 -9.53 22.35 -29.33
CA GLU D 274 -8.50 23.09 -30.03
C GLU D 274 -7.76 23.93 -29.01
N THR D 275 -6.47 24.14 -29.26
CA THR D 275 -5.63 24.92 -28.33
C THR D 275 -4.71 25.91 -29.01
N GLY D 276 -4.49 27.04 -28.34
CA GLY D 276 -3.61 28.05 -28.88
C GLY D 276 -2.57 28.36 -27.82
N GLU D 277 -1.89 29.49 -27.94
CA GLU D 277 -0.88 29.86 -26.95
C GLU D 277 -1.51 30.12 -25.58
N ASP D 278 -2.53 30.96 -25.55
CA ASP D 278 -3.17 31.33 -24.31
C ASP D 278 -4.61 30.90 -24.20
N TRP D 279 -5.02 29.90 -24.96
CA TRP D 279 -6.42 29.52 -24.90
C TRP D 279 -6.73 28.08 -25.23
N ILE D 280 -7.93 27.64 -24.87
CA ILE D 280 -8.37 26.29 -25.17
C ILE D 280 -9.83 26.38 -25.57
N SER D 281 -10.16 25.72 -26.67
CA SER D 281 -11.52 25.69 -27.16
C SER D 281 -12.14 24.29 -27.09
N LEU D 282 -13.31 24.21 -26.49
CA LEU D 282 -14.02 22.95 -26.38
C LEU D 282 -15.38 23.02 -27.02
N ASP D 283 -15.69 22.04 -27.86
CA ASP D 283 -16.97 22.00 -28.54
C ASP D 283 -17.59 20.60 -28.46
N MET D 284 -18.77 20.53 -27.85
CA MET D 284 -19.51 19.28 -27.72
C MET D 284 -20.39 19.03 -28.93
N HIS D 285 -20.52 20.04 -29.78
CA HIS D 285 -21.34 19.90 -30.98
C HIS D 285 -22.74 19.40 -30.66
N GLY D 286 -23.30 19.93 -29.58
CA GLY D 286 -24.65 19.56 -29.18
C GLY D 286 -24.76 18.17 -28.60
N LYS D 287 -23.66 17.42 -28.65
CA LYS D 287 -23.64 16.04 -28.14
C LYS D 287 -23.50 15.81 -26.64
N ARG D 288 -24.00 14.65 -26.21
CA ARG D 288 -23.93 14.20 -24.84
C ARG D 288 -22.49 13.70 -24.71
N PRO D 289 -21.86 13.84 -23.54
CA PRO D 289 -20.49 13.34 -23.51
C PRO D 289 -20.45 11.83 -23.45
N LYS D 290 -19.30 11.26 -23.82
CA LYS D 290 -19.10 9.81 -23.79
C LYS D 290 -18.38 9.36 -22.52
N ALA D 291 -18.90 8.33 -21.87
CA ALA D 291 -18.28 7.83 -20.64
C ALA D 291 -16.80 7.54 -20.88
N VAL D 292 -15.98 7.91 -19.91
CA VAL D 292 -14.52 7.71 -19.99
C VAL D 292 -14.04 7.00 -18.74
N THR D 293 -12.88 6.35 -18.87
CA THR D 293 -12.25 5.65 -17.78
C THR D 293 -11.18 6.58 -17.26
N VAL D 294 -11.19 6.86 -15.96
CA VAL D 294 -10.20 7.76 -15.39
C VAL D 294 -9.43 7.18 -14.23
N ARG D 295 -8.11 7.39 -14.29
CA ARG D 295 -7.18 6.94 -13.28
C ARG D 295 -6.38 8.15 -12.78
N THR D 296 -6.67 8.60 -11.57
CA THR D 296 -5.92 9.75 -11.10
C THR D 296 -4.54 9.27 -10.70
N ALA D 297 -3.53 10.12 -10.91
CA ALA D 297 -2.17 9.77 -10.53
C ALA D 297 -1.34 11.05 -10.51
N PRO D 298 -0.05 10.94 -10.15
CA PRO D 298 0.89 12.06 -10.06
C PRO D 298 1.11 12.80 -11.38
N HIS D 299 1.12 14.13 -11.31
CA HIS D 299 1.34 14.99 -12.46
C HIS D 299 2.55 14.53 -13.31
N PRO D 300 2.46 14.67 -14.64
CA PRO D 300 1.35 15.22 -15.44
C PRO D 300 0.27 14.22 -15.77
N ALA D 301 0.18 13.16 -15.00
CA ALA D 301 -0.88 12.20 -15.26
C ALA D 301 -2.17 12.89 -14.78
N PHE D 302 -3.31 12.27 -15.02
CA PHE D 302 -4.60 12.82 -14.63
C PHE D 302 -4.64 13.36 -13.18
N PRO D 303 -4.86 14.68 -13.01
CA PRO D 303 -4.90 15.33 -11.70
C PRO D 303 -6.09 14.95 -10.83
N THR D 304 -5.79 14.41 -9.65
CA THR D 304 -6.84 14.01 -8.72
C THR D 304 -7.83 15.17 -8.51
N ASP D 305 -7.36 16.40 -8.69
CA ASP D 305 -8.21 17.58 -8.53
C ASP D 305 -9.36 17.79 -9.50
N MET D 306 -9.29 17.10 -10.62
CA MET D 306 -10.31 17.18 -11.64
C MET D 306 -11.24 15.99 -11.49
N GLN D 307 -11.09 15.27 -10.39
CA GLN D 307 -11.90 14.10 -10.14
C GLN D 307 -13.42 14.19 -9.96
N ALA D 308 -13.87 15.07 -9.06
CA ALA D 308 -15.30 15.23 -8.85
C ALA D 308 -15.88 15.67 -10.20
N GLN D 309 -15.13 16.47 -10.93
CA GLN D 309 -15.60 16.94 -12.22
C GLN D 309 -15.87 15.72 -13.11
N PHE D 310 -14.82 14.98 -13.44
CA PHE D 310 -14.96 13.79 -14.27
C PHE D 310 -16.02 12.79 -13.88
N THR D 311 -16.24 12.70 -12.57
CA THR D 311 -17.24 11.80 -12.03
C THR D 311 -18.59 12.38 -12.44
N LEU D 312 -18.73 13.71 -12.41
CA LEU D 312 -19.97 14.35 -12.87
C LEU D 312 -20.15 14.08 -14.39
N LEU D 313 -19.08 14.29 -15.16
CA LEU D 313 -19.11 14.05 -16.60
C LEU D 313 -19.57 12.62 -16.91
N ASN D 314 -19.00 11.65 -16.22
CA ASN D 314 -19.39 10.26 -16.41
C ASN D 314 -20.85 10.04 -16.07
N LEU D 315 -21.29 10.68 -15.00
CA LEU D 315 -22.66 10.56 -14.56
C LEU D 315 -23.77 10.94 -15.52
N VAL D 316 -23.46 11.86 -16.45
CA VAL D 316 -24.44 12.29 -17.44
C VAL D 316 -23.97 11.90 -18.82
N ALA D 317 -23.14 10.87 -18.89
CA ALA D 317 -22.59 10.45 -20.16
C ALA D 317 -23.31 9.25 -20.76
N GLU D 318 -23.01 9.00 -22.03
CA GLU D 318 -23.59 7.85 -22.70
C GLU D 318 -22.73 6.67 -22.28
N GLY D 319 -23.32 5.72 -21.57
CA GLY D 319 -22.55 4.56 -21.18
C GLY D 319 -22.08 4.58 -19.75
N THR D 320 -21.26 3.60 -19.43
CA THR D 320 -20.73 3.41 -18.10
C THR D 320 -19.25 3.76 -18.04
N GLY D 321 -18.83 4.37 -16.93
CA GLY D 321 -17.43 4.74 -16.80
C GLY D 321 -16.91 4.63 -15.37
N VAL D 322 -15.66 4.20 -15.23
CA VAL D 322 -15.06 4.03 -13.91
C VAL D 322 -13.96 5.06 -13.58
N ILE D 323 -14.11 5.71 -12.43
CA ILE D 323 -13.15 6.70 -11.99
C ILE D 323 -12.37 6.07 -10.85
N THR D 324 -11.05 5.97 -11.00
CA THR D 324 -10.23 5.36 -9.95
C THR D 324 -9.20 6.31 -9.31
N GLU D 325 -9.20 6.34 -7.97
CA GLU D 325 -8.25 7.15 -7.21
C GLU D 325 -7.06 6.28 -6.83
N THR D 326 -5.99 6.37 -7.61
CA THR D 326 -4.79 5.56 -7.38
C THR D 326 -3.95 5.96 -6.18
N ILE D 327 -4.02 7.21 -5.77
CA ILE D 327 -3.20 7.60 -4.64
C ILE D 327 -4.08 7.90 -3.46
N PHE D 328 -4.90 8.92 -3.61
CA PHE D 328 -5.81 9.33 -2.55
C PHE D 328 -7.00 8.43 -2.31
N GLU D 329 -7.32 8.22 -1.05
CA GLU D 329 -8.45 7.39 -0.71
C GLU D 329 -9.56 8.25 -0.13
N ASN D 330 -10.75 7.68 -0.08
CA ASN D 330 -11.87 8.40 0.45
C ASN D 330 -12.11 9.75 -0.25
N ARG D 331 -12.07 9.71 -1.58
CA ARG D 331 -12.30 10.89 -2.42
C ARG D 331 -13.72 10.94 -2.98
N PHE D 332 -14.56 10.00 -2.58
CA PHE D 332 -15.91 9.91 -3.11
C PHE D 332 -17.08 10.40 -2.25
N MET D 333 -16.79 11.01 -1.12
CA MET D 333 -17.87 11.47 -0.27
C MET D 333 -19.04 12.24 -0.89
N HIS D 334 -18.78 12.94 -1.99
CA HIS D 334 -19.80 13.73 -2.68
C HIS D 334 -20.80 12.94 -3.55
N VAL D 335 -20.36 11.79 -4.05
CA VAL D 335 -21.19 10.96 -4.91
C VAL D 335 -22.64 10.79 -4.44
N PRO D 336 -22.85 10.60 -3.14
CA PRO D 336 -24.23 10.44 -2.70
C PRO D 336 -25.12 11.65 -3.02
N GLU D 337 -24.53 12.83 -3.03
CA GLU D 337 -25.28 14.04 -3.35
C GLU D 337 -25.82 13.90 -4.76
N LEU D 338 -24.93 13.56 -5.69
CA LEU D 338 -25.31 13.36 -7.07
C LEU D 338 -26.43 12.32 -7.23
N ILE D 339 -26.31 11.21 -6.50
CA ILE D 339 -27.32 10.17 -6.56
C ILE D 339 -28.70 10.78 -6.26
N ARG D 340 -28.73 11.67 -5.27
CA ARG D 340 -29.96 12.34 -4.88
C ARG D 340 -30.52 13.15 -6.02
N MET D 341 -29.63 13.49 -6.95
CA MET D 341 -29.99 14.26 -8.14
C MET D 341 -30.34 13.34 -9.31
N GLY D 342 -30.36 12.04 -9.02
CA GLY D 342 -30.70 11.05 -10.00
C GLY D 342 -29.55 10.41 -10.73
N ALA D 343 -28.42 10.23 -10.05
CA ALA D 343 -27.29 9.62 -10.74
C ALA D 343 -27.15 8.19 -10.30
N HIS D 344 -26.56 7.40 -11.18
CA HIS D 344 -26.36 6.00 -10.89
C HIS D 344 -24.92 5.68 -10.65
N ALA D 345 -24.59 5.46 -9.39
CA ALA D 345 -23.22 5.16 -9.06
C ALA D 345 -23.07 4.13 -7.96
N GLU D 346 -21.98 3.37 -8.06
CA GLU D 346 -21.59 2.36 -7.07
C GLU D 346 -20.18 2.66 -6.63
N ILE D 347 -19.99 2.88 -5.34
CA ILE D 347 -18.66 3.16 -4.83
C ILE D 347 -18.02 1.84 -4.44
N GLU D 348 -16.86 1.59 -5.03
CA GLU D 348 -16.14 0.36 -4.77
C GLU D 348 -14.66 0.56 -4.46
N SER D 349 -14.30 0.40 -3.19
CA SER D 349 -12.94 0.59 -2.81
C SER D 349 -12.49 1.98 -3.27
N ASN D 350 -11.35 2.04 -3.92
CA ASN D 350 -10.78 3.30 -4.45
C ASN D 350 -11.39 3.74 -5.79
N THR D 351 -12.62 3.33 -6.08
CA THR D 351 -13.25 3.68 -7.34
C THR D 351 -14.75 3.92 -7.22
N VAL D 352 -15.31 4.59 -8.23
CA VAL D 352 -16.75 4.86 -8.33
C VAL D 352 -17.16 4.43 -9.74
N ILE D 353 -18.06 3.44 -9.84
CA ILE D 353 -18.49 2.97 -11.15
C ILE D 353 -19.65 3.83 -11.58
N CYS D 354 -19.47 4.59 -12.66
CA CYS D 354 -20.48 5.51 -13.19
C CYS D 354 -21.37 5.05 -14.35
N HIS D 355 -22.68 4.97 -14.09
CA HIS D 355 -23.67 4.59 -15.10
C HIS D 355 -24.36 5.87 -15.51
N GLY D 356 -24.02 6.37 -16.69
CA GLY D 356 -24.59 7.61 -17.15
C GLY D 356 -26.10 7.65 -17.38
N VAL D 357 -26.76 8.66 -16.82
CA VAL D 357 -28.18 8.83 -17.02
C VAL D 357 -28.35 10.04 -17.91
N GLU D 358 -29.48 10.10 -18.62
CA GLU D 358 -29.76 11.20 -19.55
C GLU D 358 -29.82 12.61 -18.97
N LYS D 359 -30.57 12.81 -17.90
CA LYS D 359 -30.58 14.09 -17.24
C LYS D 359 -30.81 13.98 -15.72
N LEU D 360 -30.29 14.98 -15.03
CA LEU D 360 -30.35 15.06 -13.60
C LEU D 360 -31.51 15.87 -13.16
N SER D 361 -31.97 15.58 -11.97
CA SER D 361 -33.00 16.36 -11.35
C SER D 361 -32.47 17.16 -10.19
N GLY D 362 -32.81 18.43 -10.18
CA GLY D 362 -32.34 19.34 -9.19
C GLY D 362 -32.79 18.95 -7.81
N ALA D 363 -32.02 19.35 -6.83
CA ALA D 363 -32.25 18.99 -5.49
C ALA D 363 -31.47 19.93 -4.64
N GLN D 364 -31.50 19.68 -3.35
CA GLN D 364 -30.74 20.49 -2.44
C GLN D 364 -29.57 19.71 -2.00
N VAL D 365 -28.38 20.19 -2.34
CA VAL D 365 -27.14 19.43 -2.14
C VAL D 365 -25.99 20.21 -1.50
N MET D 366 -25.03 19.46 -0.94
CA MET D 366 -23.87 20.03 -0.27
C MET D 366 -22.62 19.15 -0.12
N ALA D 367 -21.47 19.74 -0.38
CA ALA D 367 -20.21 19.02 -0.27
C ALA D 367 -19.21 20.02 0.27
N THR D 368 -18.38 19.55 1.20
CA THR D 368 -17.37 20.41 1.80
C THR D 368 -16.14 20.66 0.92
N ASP D 369 -15.78 19.66 0.12
CA ASP D 369 -14.63 19.74 -0.79
C ASP D 369 -14.85 20.78 -1.90
N LEU D 370 -13.91 21.69 -2.08
CA LEU D 370 -14.07 22.72 -3.11
C LEU D 370 -14.37 22.12 -4.50
N ARG D 371 -13.61 21.10 -4.87
CA ARG D 371 -13.81 20.49 -6.16
C ARG D 371 -15.16 19.83 -6.30
N ALA D 372 -15.53 19.05 -5.30
CA ALA D 372 -16.80 18.36 -5.34
C ALA D 372 -17.93 19.37 -5.33
N SER D 373 -17.73 20.43 -4.55
CA SER D 373 -18.71 21.49 -4.40
C SER D 373 -18.96 22.17 -5.72
N ALA D 374 -17.87 22.49 -6.40
CA ALA D 374 -17.98 23.11 -7.71
C ALA D 374 -18.81 22.16 -8.58
N SER D 375 -18.50 20.86 -8.52
CA SER D 375 -19.27 19.93 -9.33
C SER D 375 -20.78 19.97 -9.07
N LEU D 376 -21.14 20.14 -7.80
CA LEU D 376 -22.55 20.24 -7.43
C LEU D 376 -23.24 21.37 -8.18
N VAL D 377 -22.54 22.50 -8.30
CA VAL D 377 -23.08 23.65 -9.02
C VAL D 377 -23.15 23.32 -10.52
N LEU D 378 -22.12 22.66 -11.04
CA LEU D 378 -22.12 22.27 -12.44
C LEU D 378 -23.38 21.47 -12.75
N ALA D 379 -23.71 20.56 -11.84
CA ALA D 379 -24.87 19.69 -11.97
C ALA D 379 -26.19 20.47 -11.94
N GLY D 380 -26.29 21.40 -10.99
CA GLY D 380 -27.49 22.20 -10.88
C GLY D 380 -27.76 22.88 -12.20
N CYS D 381 -26.69 23.20 -12.91
CA CYS D 381 -26.82 23.85 -14.20
C CYS D 381 -27.53 22.98 -15.22
N ILE D 382 -27.27 21.69 -15.18
CA ILE D 382 -27.85 20.77 -16.15
C ILE D 382 -28.96 19.89 -15.62
N ALA D 383 -29.21 19.96 -14.32
CA ALA D 383 -30.29 19.16 -13.76
C ALA D 383 -31.60 19.81 -14.17
N GLU D 384 -32.69 19.05 -14.17
CA GLU D 384 -33.98 19.64 -14.50
C GLU D 384 -34.52 20.26 -13.21
N GLY D 385 -34.88 21.52 -13.26
CA GLY D 385 -35.42 22.14 -12.07
C GLY D 385 -34.50 23.08 -11.34
N THR D 386 -34.68 23.13 -10.02
CA THR D 386 -33.90 24.00 -9.17
C THR D 386 -32.99 23.21 -8.25
N THR D 387 -31.76 23.66 -8.14
CA THR D 387 -30.78 23.00 -7.29
C THR D 387 -30.22 24.02 -6.31
N VAL D 388 -30.16 23.65 -5.04
CA VAL D 388 -29.60 24.54 -4.03
C VAL D 388 -28.29 23.94 -3.51
N VAL D 389 -27.19 24.61 -3.85
CA VAL D 389 -25.87 24.16 -3.42
C VAL D 389 -25.57 24.92 -2.14
N ASP D 390 -25.49 24.16 -1.07
CA ASP D 390 -25.24 24.71 0.25
C ASP D 390 -23.79 25.00 0.61
N ARG D 391 -23.60 25.93 1.54
CA ARG D 391 -22.26 26.25 2.03
C ARG D 391 -21.21 26.45 0.96
N ILE D 392 -21.51 27.31 0.00
CA ILE D 392 -20.61 27.57 -1.10
C ILE D 392 -19.37 28.34 -0.75
N TYR D 393 -19.19 28.66 0.53
CA TYR D 393 -17.99 29.38 0.91
C TYR D 393 -16.75 28.57 0.49
N HIS D 394 -16.86 27.24 0.57
CA HIS D 394 -15.76 26.36 0.16
C HIS D 394 -15.29 26.69 -1.24
N ILE D 395 -16.28 26.89 -2.10
CA ILE D 395 -16.00 27.21 -3.46
C ILE D 395 -15.30 28.56 -3.55
N ASP D 396 -15.83 29.56 -2.84
CA ASP D 396 -15.23 30.90 -2.84
C ASP D 396 -13.75 30.89 -2.44
N ARG D 397 -13.42 29.94 -1.58
CA ARG D 397 -12.07 29.76 -1.09
C ARG D 397 -11.12 29.54 -2.24
N GLY D 398 -11.61 28.87 -3.28
CA GLY D 398 -10.79 28.58 -4.43
C GLY D 398 -11.28 29.03 -5.79
N TYR D 399 -12.49 29.61 -5.86
CA TYR D 399 -13.01 30.09 -7.15
C TYR D 399 -13.32 31.59 -7.23
N GLU D 400 -12.55 32.31 -8.03
CA GLU D 400 -12.76 33.75 -8.22
C GLU D 400 -14.14 33.95 -8.85
N ARG D 401 -15.11 34.38 -8.05
CA ARG D 401 -16.47 34.61 -8.53
C ARG D 401 -16.98 33.60 -9.56
N ILE D 402 -17.23 32.37 -9.13
CA ILE D 402 -17.71 31.34 -10.04
C ILE D 402 -19.16 31.57 -10.48
N GLU D 403 -19.94 32.30 -9.71
CA GLU D 403 -21.30 32.53 -10.16
C GLU D 403 -21.34 33.44 -11.39
N ASP D 404 -20.46 34.45 -11.40
CA ASP D 404 -20.38 35.40 -12.52
C ASP D 404 -19.84 34.82 -13.81
N LYS D 405 -18.88 33.92 -13.70
CA LYS D 405 -18.34 33.29 -14.88
C LYS D 405 -19.42 32.38 -15.44
N LEU D 406 -20.06 31.63 -14.53
CA LEU D 406 -21.13 30.75 -14.92
C LEU D 406 -22.28 31.53 -15.54
N ARG D 407 -22.64 32.64 -14.94
CA ARG D 407 -23.74 33.46 -15.46
C ARG D 407 -23.45 33.89 -16.87
N ALA D 408 -22.22 34.32 -17.07
CA ALA D 408 -21.76 34.80 -18.36
C ALA D 408 -21.78 33.66 -19.38
N LEU D 409 -21.70 32.44 -18.88
CA LEU D 409 -21.71 31.26 -19.74
C LEU D 409 -23.13 30.85 -20.06
N GLY D 410 -24.08 31.54 -19.44
CA GLY D 410 -25.48 31.25 -19.65
C GLY D 410 -26.15 30.55 -18.48
N ALA D 411 -25.42 30.38 -17.38
CA ALA D 411 -26.03 29.70 -16.26
C ALA D 411 -27.06 30.59 -15.58
N ASN D 412 -28.13 29.94 -15.14
CA ASN D 412 -29.20 30.63 -14.44
C ASN D 412 -28.88 30.43 -12.96
N ILE D 413 -28.01 31.26 -12.44
CA ILE D 413 -27.59 31.10 -11.05
C ILE D 413 -27.52 32.39 -10.22
N GLU D 414 -28.05 32.31 -9.00
CA GLU D 414 -28.01 33.46 -8.11
C GLU D 414 -27.43 33.16 -6.73
N ARG D 415 -26.60 34.06 -6.23
CA ARG D 415 -26.02 33.90 -4.90
C ARG D 415 -27.00 34.32 -3.80
N VAL D 416 -27.36 33.39 -2.93
CA VAL D 416 -28.31 33.69 -1.89
C VAL D 416 -27.67 33.89 -0.51
N LYS D 417 -27.63 35.14 -0.07
CA LYS D 417 -27.01 35.50 1.21
C LYS D 417 -27.86 35.20 2.43
N GLY D 418 -29.17 35.22 2.27
CA GLY D 418 -30.09 34.63 3.23
C GLY D 418 -30.08 35.09 4.68
N GLU D 419 -29.92 36.37 4.93
CA GLU D 419 -29.84 36.94 6.28
C GLU D 419 -30.54 36.08 7.36
C1 EDO E . 17.60 -8.77 -10.05
O1 EDO E . 17.79 -7.35 -9.90
C2 EDO E . 18.89 -9.53 -9.69
O2 EDO E . 18.79 -10.91 -10.05
C1 EDO F . -21.73 -2.24 -23.27
O1 EDO F . -20.73 -1.24 -23.48
C2 EDO F . -21.21 -3.60 -23.75
O2 EDO F . -21.97 -4.64 -23.14
C1 EDO G . 19.04 18.72 -24.19
O1 EDO G . 17.89 18.51 -23.36
C2 EDO G . 19.79 17.40 -24.45
O2 EDO G . 20.55 17.00 -23.29
C1 EDO H . 7.61 5.76 -1.99
O1 EDO H . 8.94 6.17 -1.64
C2 EDO H . 7.51 5.64 -3.51
O2 EDO H . 6.50 4.67 -3.88
N1 UDP I . -2.75 -10.89 -12.43
C2 UDP I . -3.67 -11.76 -11.80
N3 UDP I . -4.44 -12.62 -12.50
C4 UDP I . -4.37 -12.69 -13.85
C5 UDP I . -3.46 -11.85 -14.53
C6 UDP I . -2.65 -10.95 -13.80
O2 UDP I . -3.77 -11.73 -10.58
O4 UDP I . -5.08 -13.48 -14.45
C1' UDP I . -1.93 -9.98 -11.56
C2' UDP I . -0.70 -10.67 -10.99
O2' UDP I . -0.29 -10.17 -9.70
C3' UDP I . 0.36 -10.34 -11.97
C4' UDP I . 0.00 -8.90 -12.36
O4' UDP I . -1.44 -8.84 -12.30
O3' UDP I . 1.63 -10.66 -11.42
C5' UDP I . 0.53 -8.42 -13.73
O5' UDP I . -0.25 -8.88 -14.80
PA UDP I . 0.26 -8.89 -16.28
O1A UDP I . -0.65 -9.56 -17.16
O2A UDP I . 0.63 -7.48 -16.58
O3A UDP I . 1.64 -9.73 -16.23
PB UDP I . 1.97 -11.27 -15.88
O1B UDP I . 1.52 -11.97 -17.14
O2B UDP I . 3.43 -11.46 -15.63
O3B UDP I . 1.22 -11.65 -14.65
C1 EDO J . -4.94 -0.73 26.58
O1 EDO J . -6.29 -0.78 27.05
C2 EDO J . -4.16 -1.91 27.17
O2 EDO J . -3.03 -1.41 27.89
C1 EDO K . -2.92 -32.45 2.44
O1 EDO K . -2.85 -32.52 3.88
C2 EDO K . -2.86 -33.87 1.85
O2 EDO K . -3.12 -33.83 0.45
C1 EDO L . -32.31 -8.70 29.63
O1 EDO L . -33.06 -8.01 28.62
C2 EDO L . -32.83 -8.33 31.03
O2 EDO L . -32.29 -9.22 32.01
C1 EDO M . -20.31 -29.53 -12.82
O1 EDO M . -19.39 -28.42 -12.83
C2 EDO M . -21.78 -29.05 -12.89
O2 EDO M . -22.30 -29.21 -14.24
C ACT N . 41.97 -12.69 4.11
O ACT N . 41.33 -11.65 4.10
OXT ACT N . 41.59 -13.64 4.77
CH3 ACT N . 43.24 -12.81 3.31
C1 EDO O . -1.70 16.50 27.30
O1 EDO O . -1.40 15.83 26.07
C2 EDO O . -2.53 15.58 28.23
O2 EDO O . -1.95 15.57 29.53
C1 EDO P . 32.89 -7.79 20.73
O1 EDO P . 33.19 -9.19 20.64
C2 EDO P . 32.47 -7.46 22.16
O2 EDO P . 33.62 -7.13 22.95
C1 EDO Q . 0.28 -5.00 29.91
O1 EDO Q . -0.53 -6.18 29.88
C2 EDO Q . 0.99 -4.88 31.26
O2 EDO Q . 0.50 -3.73 31.97
C1 EDO R . 13.37 -15.23 25.10
O1 EDO R . 13.03 -14.05 24.38
C2 EDO R . 13.11 -16.47 24.25
O2 EDO R . 13.79 -17.60 24.80
C ACT S . 0.26 50.88 -7.98
O ACT S . 0.79 51.34 -8.98
OXT ACT S . 0.91 50.77 -6.96
CH3 ACT S . -1.20 50.47 -8.00
C1 EDO T . 21.35 25.13 -12.08
O1 EDO T . 22.30 24.18 -12.54
C2 EDO T . 21.41 26.37 -12.95
O2 EDO T . 20.11 26.62 -13.50
C1 EDO U . -34.57 26.94 -17.72
O1 EDO U . -33.82 27.88 -16.93
C2 EDO U . -34.06 26.92 -19.17
O2 EDO U . -34.70 25.87 -19.91
C1 EDO V . -28.86 38.52 -12.29
O1 EDO V . -27.75 39.44 -12.24
C2 EDO V . -29.07 37.86 -10.91
O2 EDO V . -29.17 38.86 -9.88
C1 EDO W . 1.76 18.88 0.30
O1 EDO W . 2.75 19.92 0.32
C2 EDO W . 2.25 17.73 -0.59
O2 EDO W . 2.46 16.56 0.22
#